data_1AH9
#
_entry.id   1AH9
#
_cell.length_a   1.000
_cell.length_b   1.000
_cell.length_c   1.000
_cell.angle_alpha   90.00
_cell.angle_beta   90.00
_cell.angle_gamma   90.00
#
_symmetry.space_group_name_H-M   'P 1'
#
_entity_poly.entity_id   1
_entity_poly.type   'polypeptide(L)'
_entity_poly.pdbx_seq_one_letter_code
;AKEDNIEMQGTVLETLPNTMFRVELENGHVVTAHISGKMRKNYIRILTGDKVTVELTPYDLSKGRIVFRSR
;
_entity_poly.pdbx_strand_id   A
#
# COMPACT_ATOMS: atom_id res chain seq x y z
N ALA A 1 -4.92 -18.43 8.06
CA ALA A 1 -5.73 -19.33 8.93
C ALA A 1 -6.43 -18.62 10.13
N LYS A 2 -5.69 -17.87 10.98
CA LYS A 2 -6.26 -17.12 12.14
C LYS A 2 -5.89 -15.61 12.01
N GLU A 3 -4.72 -15.16 12.51
CA GLU A 3 -4.26 -13.75 12.41
C GLU A 3 -3.48 -13.41 11.09
N ASP A 4 -4.11 -13.66 9.93
CA ASP A 4 -3.52 -13.37 8.60
C ASP A 4 -3.62 -11.88 8.15
N ASN A 5 -2.69 -11.51 7.27
CA ASN A 5 -2.63 -10.14 6.68
C ASN A 5 -3.72 -9.93 5.56
N ILE A 6 -4.50 -8.86 5.65
CA ILE A 6 -5.62 -8.55 4.72
C ILE A 6 -5.13 -7.54 3.63
N GLU A 7 -5.58 -7.74 2.38
CA GLU A 7 -5.43 -6.67 1.34
C GLU A 7 -6.70 -5.79 1.33
N MET A 8 -6.37 -4.51 1.47
CA MET A 8 -7.29 -3.53 2.07
C MET A 8 -6.65 -2.15 1.78
N GLN A 9 -6.91 -1.66 0.56
CA GLN A 9 -6.03 -0.63 -0.01
C GLN A 9 -6.46 0.86 0.09
N GLY A 10 -6.00 1.71 -0.86
CA GLY A 10 -6.17 3.18 -0.77
C GLY A 10 -5.89 4.09 -1.99
N THR A 11 -5.96 5.41 -1.74
CA THR A 11 -5.59 6.47 -2.72
C THR A 11 -4.17 6.95 -2.35
N VAL A 12 -3.17 6.95 -3.27
CA VAL A 12 -1.84 7.51 -2.92
C VAL A 12 -2.05 9.06 -2.56
N LEU A 13 -1.78 9.53 -1.35
CA LEU A 13 -1.80 10.99 -1.04
C LEU A 13 -0.36 11.62 -0.99
N GLU A 14 0.69 10.84 -0.69
CA GLU A 14 2.09 11.23 -1.00
C GLU A 14 2.86 10.00 -1.58
N THR A 15 3.77 10.28 -2.49
CA THR A 15 4.79 9.28 -3.00
C THR A 15 6.02 9.64 -2.11
N LEU A 16 6.37 8.74 -1.18
CA LEU A 16 7.19 9.12 0.01
C LEU A 16 8.77 9.25 -0.25
N PRO A 17 9.84 8.64 0.38
CA PRO A 17 11.26 8.94 0.04
C PRO A 17 11.79 8.39 -1.33
N ASN A 18 11.97 7.07 -1.46
CA ASN A 18 12.38 6.44 -2.74
C ASN A 18 11.16 6.29 -3.71
N THR A 19 10.23 5.39 -3.37
CA THR A 19 8.94 5.19 -4.10
C THR A 19 7.99 4.48 -3.08
N MET A 20 7.46 5.26 -2.12
CA MET A 20 6.48 4.78 -1.12
C MET A 20 5.14 5.54 -1.24
N PHE A 21 4.15 5.32 -0.37
CA PHE A 21 2.75 5.81 -0.61
C PHE A 21 2.19 6.21 0.78
N ARG A 22 1.99 7.50 1.06
CA ARG A 22 1.25 7.92 2.29
C ARG A 22 -0.25 7.88 1.88
N VAL A 23 -0.87 6.75 2.16
CA VAL A 23 -2.18 6.37 1.57
C VAL A 23 -3.39 6.60 2.49
N GLU A 24 -4.45 7.18 1.93
CA GLU A 24 -5.77 7.24 2.63
C GLU A 24 -6.50 5.89 2.30
N LEU A 25 -6.75 5.08 3.33
CA LEU A 25 -7.29 3.72 3.16
C LEU A 25 -8.79 3.72 2.70
N GLU A 26 -9.28 2.51 2.44
CA GLU A 26 -10.75 2.23 2.29
C GLU A 26 -11.56 2.35 3.64
N ASN A 27 -10.87 2.16 4.77
CA ASN A 27 -11.34 2.43 6.16
C ASN A 27 -11.40 3.96 6.58
N GLY A 28 -10.86 4.90 5.76
CA GLY A 28 -10.82 6.35 6.09
C GLY A 28 -9.63 6.91 6.91
N HIS A 29 -8.58 6.11 7.15
CA HIS A 29 -7.38 6.50 7.95
C HIS A 29 -6.08 6.56 7.09
N VAL A 30 -5.14 7.48 7.43
CA VAL A 30 -3.85 7.63 6.70
C VAL A 30 -2.79 6.58 7.19
N VAL A 31 -2.24 5.85 6.21
CA VAL A 31 -1.21 4.79 6.44
C VAL A 31 0.10 5.03 5.62
N THR A 32 1.24 4.63 6.17
CA THR A 32 2.54 4.64 5.44
C THR A 32 2.73 3.27 4.72
N ALA A 33 2.93 3.25 3.38
CA ALA A 33 3.17 1.97 2.68
C ALA A 33 4.25 2.00 1.57
N HIS A 34 4.82 0.82 1.32
CA HIS A 34 5.77 0.57 0.20
C HIS A 34 5.07 -0.38 -0.78
N ILE A 35 5.52 -0.43 -2.03
CA ILE A 35 5.08 -1.52 -2.91
C ILE A 35 5.77 -2.90 -2.49
N SER A 36 5.45 -4.03 -3.12
CA SER A 36 5.98 -5.37 -2.71
C SER A 36 7.41 -5.83 -3.13
N GLY A 37 8.34 -4.90 -3.41
CA GLY A 37 9.77 -5.21 -3.76
C GLY A 37 10.06 -5.80 -5.15
N LYS A 38 9.35 -6.88 -5.48
CA LYS A 38 9.45 -7.64 -6.75
C LYS A 38 9.16 -6.89 -8.09
N MET A 39 7.97 -6.31 -8.23
CA MET A 39 7.60 -5.50 -9.43
C MET A 39 8.28 -4.11 -9.60
N ARG A 40 8.82 -3.48 -8.54
CA ARG A 40 9.65 -2.26 -8.64
C ARG A 40 10.65 -2.17 -9.82
N LYS A 41 11.30 -3.28 -10.19
CA LYS A 41 12.22 -3.33 -11.36
C LYS A 41 11.76 -3.86 -12.74
N ASN A 42 10.53 -4.36 -12.79
CA ASN A 42 9.75 -4.36 -14.05
C ASN A 42 8.92 -3.01 -13.94
N TYR A 43 9.56 -1.81 -13.69
CA TYR A 43 8.87 -0.68 -13.01
C TYR A 43 7.44 -0.30 -13.46
N ILE A 44 6.56 -0.85 -12.64
CA ILE A 44 5.07 -0.64 -12.74
C ILE A 44 4.74 0.72 -12.04
N ARG A 45 5.09 1.79 -12.75
CA ARG A 45 5.06 3.17 -12.22
C ARG A 45 3.74 3.84 -11.83
N ILE A 46 3.85 4.52 -10.68
CA ILE A 46 2.71 5.20 -10.02
C ILE A 46 3.13 6.57 -9.39
N LEU A 47 2.14 7.46 -9.25
CA LEU A 47 2.35 8.87 -8.84
C LEU A 47 1.37 9.27 -7.69
N THR A 48 1.38 10.55 -7.29
CA THR A 48 0.53 11.09 -6.19
C THR A 48 -0.99 11.22 -6.59
N GLY A 49 -1.67 10.08 -6.42
CA GLY A 49 -3.13 9.90 -6.72
C GLY A 49 -3.54 8.67 -7.57
N ASP A 50 -2.71 7.63 -7.55
CA ASP A 50 -2.95 6.37 -8.30
C ASP A 50 -3.64 5.25 -7.45
N LYS A 51 -4.12 4.23 -8.18
CA LYS A 51 -4.84 3.07 -7.59
C LYS A 51 -3.89 1.95 -7.09
N VAL A 52 -3.44 2.24 -5.88
CA VAL A 52 -2.54 1.37 -5.09
C VAL A 52 -3.28 0.18 -4.39
N THR A 53 -2.54 -0.92 -4.18
CA THR A 53 -2.93 -1.94 -3.17
C THR A 53 -2.17 -1.54 -1.86
N VAL A 54 -2.58 -2.01 -0.71
CA VAL A 54 -1.93 -1.69 0.56
C VAL A 54 -2.31 -2.82 1.53
N GLU A 55 -1.56 -3.94 1.53
CA GLU A 55 -1.83 -5.06 2.48
C GLU A 55 -1.28 -4.69 3.88
N LEU A 56 -2.03 -4.99 4.93
CA LEU A 56 -1.64 -4.66 6.33
C LEU A 56 -1.90 -5.86 7.30
N THR A 57 -1.60 -5.65 8.58
CA THR A 57 -1.77 -6.68 9.62
C THR A 57 -3.06 -6.51 10.48
N PRO A 58 -3.53 -7.58 11.19
CA PRO A 58 -4.51 -7.47 12.30
C PRO A 58 -4.20 -6.49 13.48
N TYR A 59 -2.93 -6.52 13.93
CA TYR A 59 -2.42 -5.73 15.07
C TYR A 59 -2.00 -4.26 14.75
N ASP A 60 -1.18 -4.08 13.70
CA ASP A 60 -0.57 -2.77 13.35
C ASP A 60 -1.31 -2.09 12.14
N LEU A 61 -2.41 -1.41 12.47
CA LEU A 61 -3.25 -0.70 11.45
C LEU A 61 -2.67 0.62 10.83
N SER A 62 -1.66 1.27 11.45
CA SER A 62 -0.97 2.46 10.89
C SER A 62 -0.07 2.28 9.61
N LYS A 63 0.20 1.05 9.15
CA LYS A 63 1.09 0.78 7.99
C LYS A 63 0.40 -0.03 6.83
N GLY A 64 1.17 -0.34 5.78
CA GLY A 64 0.66 -1.09 4.61
C GLY A 64 1.67 -1.45 3.48
N ARG A 65 1.22 -2.18 2.44
CA ARG A 65 2.07 -2.44 1.23
C ARG A 65 1.36 -2.93 -0.10
N ILE A 66 1.36 -2.18 -1.23
CA ILE A 66 1.00 -2.69 -2.59
C ILE A 66 1.47 -4.13 -2.95
N VAL A 67 0.60 -5.10 -2.65
CA VAL A 67 0.88 -6.54 -2.94
C VAL A 67 0.66 -6.86 -4.45
N PHE A 68 -0.56 -7.21 -4.87
CA PHE A 68 -0.92 -7.39 -6.31
C PHE A 68 -2.01 -6.32 -6.68
N ARG A 69 -2.00 -5.81 -7.92
CA ARG A 69 -2.91 -4.73 -8.38
C ARG A 69 -4.44 -5.09 -8.29
N SER A 70 -5.10 -4.60 -7.23
CA SER A 70 -6.52 -4.90 -6.92
C SER A 70 -7.54 -3.71 -7.07
N ARG A 71 -7.12 -2.45 -6.86
CA ARG A 71 -8.00 -1.26 -6.98
C ARG A 71 -8.15 -0.77 -8.45
N ALA A 1 -5.06 -16.20 17.92
CA ALA A 1 -6.34 -15.96 17.22
C ALA A 1 -6.23 -15.01 15.97
N LYS A 2 -5.81 -13.74 16.13
CA LYS A 2 -5.66 -12.78 15.00
C LYS A 2 -4.35 -12.99 14.16
N GLU A 3 -4.38 -13.93 13.19
CA GLU A 3 -3.22 -14.26 12.32
C GLU A 3 -3.49 -14.20 10.78
N ASP A 4 -4.12 -13.09 10.32
CA ASP A 4 -4.49 -12.87 8.90
C ASP A 4 -4.10 -11.45 8.39
N ASN A 5 -3.16 -11.37 7.42
CA ASN A 5 -2.74 -10.08 6.81
C ASN A 5 -3.74 -9.73 5.64
N ILE A 6 -4.62 -8.73 5.81
CA ILE A 6 -5.72 -8.41 4.84
C ILE A 6 -5.24 -7.42 3.75
N GLU A 7 -5.65 -7.67 2.50
CA GLU A 7 -5.48 -6.68 1.39
C GLU A 7 -6.76 -5.84 1.28
N MET A 8 -6.46 -4.56 1.40
CA MET A 8 -7.42 -3.56 1.93
C MET A 8 -6.76 -2.19 1.68
N GLN A 9 -6.97 -1.69 0.47
CA GLN A 9 -6.10 -0.62 -0.05
C GLN A 9 -6.73 0.82 -0.06
N GLY A 10 -6.33 1.67 -1.02
CA GLY A 10 -6.84 3.05 -1.15
C GLY A 10 -6.26 3.90 -2.31
N THR A 11 -6.05 5.20 -2.06
CA THR A 11 -5.49 6.14 -3.09
C THR A 11 -4.22 6.78 -2.50
N VAL A 12 -3.12 6.88 -3.28
CA VAL A 12 -1.86 7.50 -2.79
C VAL A 12 -2.15 9.02 -2.35
N LEU A 13 -1.85 9.46 -1.11
CA LEU A 13 -1.77 10.94 -0.80
C LEU A 13 -0.33 11.51 -1.01
N GLU A 14 0.74 10.70 -0.87
CA GLU A 14 2.13 11.06 -1.31
C GLU A 14 2.93 9.81 -1.76
N THR A 15 3.74 10.01 -2.79
CA THR A 15 4.73 8.98 -3.33
C THR A 15 6.09 9.52 -2.77
N LEU A 16 6.60 8.88 -1.74
CA LEU A 16 7.73 9.38 -0.93
C LEU A 16 9.16 9.21 -1.62
N PRO A 17 10.32 9.65 -1.04
CA PRO A 17 11.66 9.58 -1.70
C PRO A 17 12.22 8.22 -2.26
N ASN A 18 11.97 7.07 -1.61
CA ASN A 18 12.31 5.74 -2.16
C ASN A 18 11.20 5.36 -3.19
N THR A 19 10.25 4.52 -2.79
CA THR A 19 9.02 4.24 -3.55
C THR A 19 7.97 3.83 -2.48
N MET A 20 7.50 4.83 -1.71
CA MET A 20 6.50 4.64 -0.65
C MET A 20 5.25 5.54 -0.78
N PHE A 21 4.16 5.21 -0.10
CA PHE A 21 2.81 5.77 -0.38
C PHE A 21 2.20 6.20 0.97
N ARG A 22 1.97 7.50 1.19
CA ARG A 22 1.21 7.96 2.39
C ARG A 22 -0.29 7.87 1.97
N VAL A 23 -0.91 6.72 2.20
CA VAL A 23 -2.19 6.35 1.52
C VAL A 23 -3.47 6.64 2.34
N GLU A 24 -4.49 7.17 1.68
CA GLU A 24 -5.84 7.31 2.30
C GLU A 24 -6.61 5.98 2.02
N LEU A 25 -6.86 5.18 3.06
CA LEU A 25 -7.44 3.83 2.90
C LEU A 25 -8.97 3.87 2.50
N GLU A 26 -9.48 2.67 2.24
CA GLU A 26 -10.95 2.40 2.12
C GLU A 26 -11.73 2.45 3.51
N ASN A 27 -10.99 2.24 4.62
CA ASN A 27 -11.44 2.48 6.02
C ASN A 27 -11.53 3.99 6.47
N GLY A 28 -11.04 4.98 5.69
CA GLY A 28 -10.99 6.41 6.08
C GLY A 28 -9.82 6.90 6.98
N HIS A 29 -8.68 6.21 6.97
CA HIS A 29 -7.47 6.54 7.79
C HIS A 29 -6.20 6.67 6.90
N VAL A 30 -5.27 7.59 7.25
CA VAL A 30 -4.00 7.78 6.49
C VAL A 30 -2.92 6.78 7.01
N VAL A 31 -2.48 5.90 6.10
CA VAL A 31 -1.47 4.83 6.39
C VAL A 31 -0.11 5.03 5.66
N THR A 32 0.99 4.57 6.27
CA THR A 32 2.34 4.59 5.61
C THR A 32 2.59 3.22 4.90
N ALA A 33 2.92 3.23 3.60
CA ALA A 33 3.25 1.98 2.88
C ALA A 33 4.46 2.03 1.91
N HIS A 34 4.99 0.85 1.60
CA HIS A 34 5.95 0.62 0.47
C HIS A 34 5.15 -0.25 -0.54
N ILE A 35 5.73 -0.57 -1.69
CA ILE A 35 5.17 -1.65 -2.53
C ILE A 35 5.80 -3.06 -2.13
N SER A 36 5.42 -4.12 -2.84
CA SER A 36 6.02 -5.47 -2.69
C SER A 36 7.32 -5.53 -3.53
N GLY A 37 8.46 -5.84 -2.87
CA GLY A 37 9.81 -5.89 -3.55
C GLY A 37 10.05 -6.63 -4.89
N LYS A 38 9.14 -7.54 -5.23
CA LYS A 38 9.12 -8.30 -6.49
C LYS A 38 8.74 -7.46 -7.76
N MET A 39 7.57 -6.79 -7.72
CA MET A 39 7.10 -5.92 -8.81
C MET A 39 7.86 -4.58 -9.04
N ARG A 40 8.62 -4.03 -8.08
CA ARG A 40 9.55 -2.87 -8.29
C ARG A 40 10.37 -2.83 -9.64
N LYS A 41 10.78 -4.00 -10.16
CA LYS A 41 11.42 -4.13 -11.50
C LYS A 41 10.47 -4.47 -12.72
N ASN A 42 9.24 -3.97 -12.65
CA ASN A 42 8.16 -4.14 -13.67
C ASN A 42 7.30 -2.83 -13.50
N TYR A 43 6.57 -2.73 -12.37
CA TYR A 43 6.00 -1.46 -11.88
C TYR A 43 7.16 -0.74 -11.12
N ILE A 44 7.81 0.25 -11.75
CA ILE A 44 8.89 1.04 -11.07
C ILE A 44 8.22 2.04 -10.06
N ARG A 45 7.59 3.13 -10.53
CA ARG A 45 6.87 4.10 -9.69
C ARG A 45 5.43 4.47 -10.21
N ILE A 46 4.81 5.35 -9.43
CA ILE A 46 3.39 5.82 -9.54
C ILE A 46 3.28 7.33 -9.20
N LEU A 47 2.06 7.89 -9.35
CA LEU A 47 1.81 9.34 -9.14
C LEU A 47 1.11 9.59 -7.77
N THR A 48 1.22 10.83 -7.27
CA THR A 48 0.53 11.27 -6.02
C THR A 48 -1.01 11.43 -6.29
N GLY A 49 -1.69 10.28 -6.11
CA GLY A 49 -3.14 10.10 -6.37
C GLY A 49 -3.56 8.89 -7.24
N ASP A 50 -2.72 7.85 -7.28
CA ASP A 50 -2.95 6.61 -8.03
C ASP A 50 -3.60 5.46 -7.19
N LYS A 51 -4.16 4.48 -7.90
CA LYS A 51 -4.86 3.31 -7.32
C LYS A 51 -3.93 2.14 -6.92
N VAL A 52 -3.36 2.38 -5.75
CA VAL A 52 -2.43 1.46 -5.06
C VAL A 52 -3.13 0.26 -4.35
N THR A 53 -2.37 -0.83 -4.10
CA THR A 53 -2.78 -1.84 -3.07
C THR A 53 -2.06 -1.46 -1.75
N VAL A 54 -2.50 -1.97 -0.61
CA VAL A 54 -1.88 -1.70 0.68
C VAL A 54 -2.33 -2.87 1.59
N GLU A 55 -1.55 -3.97 1.63
CA GLU A 55 -1.91 -5.11 2.53
C GLU A 55 -1.45 -4.78 3.99
N LEU A 56 -2.32 -5.05 4.94
CA LEU A 56 -2.10 -4.77 6.37
C LEU A 56 -1.69 -6.03 7.16
N THR A 57 -1.68 -5.77 8.44
CA THR A 57 -1.48 -6.77 9.49
C THR A 57 -2.66 -6.81 10.52
N PRO A 58 -2.77 -7.93 11.31
CA PRO A 58 -3.61 -7.99 12.53
C PRO A 58 -3.39 -6.90 13.66
N TYR A 59 -2.12 -6.58 13.91
CA TYR A 59 -1.70 -5.63 14.97
C TYR A 59 -1.47 -4.14 14.53
N ASP A 60 -0.64 -3.95 13.49
CA ASP A 60 -0.20 -2.61 13.04
C ASP A 60 -1.13 -1.99 11.95
N LEU A 61 -2.28 -1.48 12.42
CA LEU A 61 -3.33 -0.91 11.54
C LEU A 61 -3.02 0.46 10.84
N SER A 62 -2.11 1.28 11.38
CA SER A 62 -1.63 2.52 10.68
C SER A 62 -0.62 2.31 9.49
N LYS A 63 -0.34 1.07 9.04
CA LYS A 63 0.63 0.76 7.96
C LYS A 63 0.15 -0.37 7.00
N GLY A 64 0.85 -0.48 5.87
CA GLY A 64 0.61 -1.57 4.88
C GLY A 64 1.58 -1.62 3.68
N ARG A 65 1.24 -2.36 2.61
CA ARG A 65 2.10 -2.43 1.38
C ARG A 65 1.42 -2.93 0.05
N ILE A 66 1.42 -2.17 -1.06
CA ILE A 66 1.07 -2.67 -2.43
C ILE A 66 1.49 -4.12 -2.81
N VAL A 67 0.57 -5.05 -2.56
CA VAL A 67 0.74 -6.47 -2.97
C VAL A 67 0.44 -6.60 -4.50
N PHE A 68 -0.84 -6.48 -4.96
CA PHE A 68 -1.22 -6.45 -6.41
C PHE A 68 -0.86 -7.75 -7.24
N ARG A 69 0.37 -7.86 -7.74
CA ARG A 69 0.87 -9.07 -8.49
C ARG A 69 2.43 -9.21 -8.36
N SER A 70 2.95 -10.44 -8.37
CA SER A 70 4.42 -10.70 -8.25
C SER A 70 5.36 -10.17 -9.38
N ARG A 71 5.03 -10.41 -10.65
CA ARG A 71 5.80 -9.92 -11.82
C ARG A 71 4.91 -8.94 -12.64
N ALA A 1 -2.07 -15.71 19.01
CA ALA A 1 -2.25 -14.41 18.31
C ALA A 1 -2.40 -14.59 16.76
N LYS A 2 -3.60 -14.97 16.29
CA LYS A 2 -3.88 -15.18 14.84
C LYS A 2 -4.22 -13.85 14.08
N GLU A 3 -3.17 -13.06 13.75
CA GLU A 3 -3.32 -11.78 13.00
C GLU A 3 -2.89 -11.92 11.50
N ASP A 4 -3.65 -12.72 10.73
CA ASP A 4 -3.41 -12.96 9.29
C ASP A 4 -3.61 -11.71 8.37
N ASN A 5 -2.58 -11.36 7.58
CA ASN A 5 -2.56 -10.12 6.76
C ASN A 5 -3.64 -10.02 5.62
N ILE A 6 -4.45 -8.94 5.63
CA ILE A 6 -5.53 -8.68 4.65
C ILE A 6 -5.04 -7.66 3.58
N GLU A 7 -5.45 -7.86 2.33
CA GLU A 7 -5.25 -6.83 1.26
C GLU A 7 -6.53 -5.97 1.13
N MET A 8 -6.22 -4.68 1.32
CA MET A 8 -7.19 -3.72 1.90
C MET A 8 -6.58 -2.32 1.69
N GLN A 9 -6.75 -1.82 0.47
CA GLN A 9 -5.86 -0.78 -0.05
C GLN A 9 -6.30 0.72 0.08
N GLY A 10 -5.87 1.57 -0.88
CA GLY A 10 -6.00 3.05 -0.77
C GLY A 10 -5.77 4.00 -1.98
N THR A 11 -5.89 5.30 -1.70
CA THR A 11 -5.57 6.40 -2.67
C THR A 11 -4.17 6.90 -2.27
N VAL A 12 -3.17 6.93 -3.18
CA VAL A 12 -1.84 7.50 -2.82
C VAL A 12 -2.09 9.04 -2.41
N LEU A 13 -1.73 9.48 -1.21
CA LEU A 13 -1.69 10.95 -0.87
C LEU A 13 -0.25 11.56 -0.95
N GLU A 14 0.82 10.74 -0.84
CA GLU A 14 2.18 11.13 -1.27
C GLU A 14 2.95 9.90 -1.85
N THR A 15 3.75 10.17 -2.86
CA THR A 15 4.72 9.18 -3.47
C THR A 15 6.08 9.71 -2.94
N LEU A 16 6.66 9.00 -1.98
CA LEU A 16 7.80 9.51 -1.19
C LEU A 16 9.19 9.48 -1.96
N PRO A 17 10.34 10.01 -1.44
CA PRO A 17 11.64 10.12 -2.15
C PRO A 17 12.23 8.91 -2.95
N ASN A 18 12.18 7.67 -2.41
CA ASN A 18 12.53 6.44 -3.18
C ASN A 18 11.28 6.09 -4.05
N THR A 19 10.38 5.22 -3.58
CA THR A 19 9.06 4.93 -4.23
C THR A 19 8.14 4.32 -3.13
N MET A 20 7.63 5.18 -2.22
CA MET A 20 6.72 4.78 -1.12
C MET A 20 5.41 5.63 -1.10
N PHE A 21 4.37 5.26 -0.35
CA PHE A 21 2.99 5.81 -0.55
C PHE A 21 2.42 6.25 0.83
N ARG A 22 2.16 7.53 1.07
CA ARG A 22 1.41 7.97 2.30
C ARG A 22 -0.08 7.88 1.90
N VAL A 23 -0.74 6.78 2.22
CA VAL A 23 -2.04 6.40 1.59
C VAL A 23 -3.29 6.61 2.47
N GLU A 24 -4.38 7.09 1.84
CA GLU A 24 -5.72 7.07 2.50
C GLU A 24 -6.33 5.66 2.28
N LEU A 25 -6.52 4.81 3.30
CA LEU A 25 -7.09 3.47 3.07
C LEU A 25 -8.63 3.49 2.95
N GLU A 26 -9.12 2.36 2.46
CA GLU A 26 -10.58 2.06 2.48
C GLU A 26 -11.20 1.85 3.91
N ASN A 27 -10.38 1.82 4.98
CA ASN A 27 -10.89 2.00 6.39
C ASN A 27 -10.98 3.52 6.82
N GLY A 28 -10.35 4.47 6.09
CA GLY A 28 -10.34 5.92 6.40
C GLY A 28 -9.07 6.54 7.02
N HIS A 29 -8.26 5.71 7.71
CA HIS A 29 -7.00 6.13 8.36
C HIS A 29 -5.84 6.33 7.32
N VAL A 30 -5.01 7.37 7.51
CA VAL A 30 -3.84 7.63 6.63
C VAL A 30 -2.64 6.72 7.09
N VAL A 31 -2.31 5.78 6.22
CA VAL A 31 -1.27 4.75 6.45
C VAL A 31 0.07 5.02 5.68
N THR A 32 1.19 4.62 6.29
CA THR A 32 2.51 4.65 5.61
C THR A 32 2.70 3.30 4.83
N ALA A 33 3.01 3.33 3.52
CA ALA A 33 3.26 2.07 2.77
C ALA A 33 4.46 2.05 1.80
N HIS A 34 4.98 0.85 1.61
CA HIS A 34 6.00 0.54 0.58
C HIS A 34 5.37 -0.58 -0.26
N ILE A 35 5.75 -0.65 -1.52
CA ILE A 35 5.33 -1.76 -2.37
C ILE A 35 6.04 -3.12 -1.94
N SER A 36 5.53 -4.29 -2.36
CA SER A 36 6.19 -5.59 -2.08
C SER A 36 7.43 -5.78 -3.04
N GLY A 37 8.63 -5.46 -2.51
CA GLY A 37 9.96 -5.43 -3.23
C GLY A 37 10.21 -6.09 -4.60
N LYS A 38 9.82 -7.35 -4.71
CA LYS A 38 9.83 -8.12 -5.98
C LYS A 38 9.23 -7.47 -7.28
N MET A 39 8.00 -6.94 -7.19
CA MET A 39 7.35 -6.23 -8.32
C MET A 39 7.91 -4.83 -8.75
N ARG A 40 8.69 -4.09 -7.95
CA ARG A 40 9.42 -2.88 -8.40
C ARG A 40 10.09 -2.90 -9.82
N LYS A 41 10.60 -4.06 -10.25
CA LYS A 41 11.12 -4.27 -11.64
C LYS A 41 10.09 -4.85 -12.69
N ASN A 42 8.82 -4.45 -12.53
CA ASN A 42 7.65 -4.83 -13.36
C ASN A 42 6.72 -3.56 -13.23
N TYR A 43 6.12 -3.37 -12.05
CA TYR A 43 5.48 -2.12 -11.61
C TYR A 43 6.62 -1.16 -11.09
N ILE A 44 7.14 -0.29 -11.95
CA ILE A 44 8.24 0.65 -11.56
C ILE A 44 7.70 1.81 -10.65
N ARG A 45 6.93 2.76 -11.20
CA ARG A 45 6.35 3.89 -10.43
C ARG A 45 4.83 4.18 -10.74
N ILE A 46 4.36 5.09 -9.90
CA ILE A 46 2.95 5.57 -9.79
C ILE A 46 2.94 7.07 -9.32
N LEU A 47 1.76 7.71 -9.37
CA LEU A 47 1.62 9.18 -9.12
C LEU A 47 0.91 9.50 -7.77
N THR A 48 1.04 10.75 -7.30
CA THR A 48 0.35 11.25 -6.07
C THR A 48 -1.19 11.43 -6.31
N GLY A 49 -1.88 10.30 -6.14
CA GLY A 49 -3.35 10.13 -6.35
C GLY A 49 -3.80 8.91 -7.18
N ASP A 50 -2.97 7.87 -7.24
CA ASP A 50 -3.25 6.60 -7.95
C ASP A 50 -3.83 5.50 -7.01
N LYS A 51 -4.47 4.51 -7.65
CA LYS A 51 -5.13 3.38 -6.95
C LYS A 51 -4.16 2.20 -6.69
N VAL A 52 -3.45 2.41 -5.59
CA VAL A 52 -2.46 1.46 -5.03
C VAL A 52 -3.09 0.18 -4.38
N THR A 53 -2.28 -0.87 -4.14
CA THR A 53 -2.64 -1.91 -3.15
C THR A 53 -1.93 -1.52 -1.82
N VAL A 54 -2.38 -2.02 -0.67
CA VAL A 54 -1.77 -1.72 0.62
C VAL A 54 -2.19 -2.88 1.56
N GLU A 55 -1.46 -4.01 1.55
CA GLU A 55 -1.75 -5.13 2.47
C GLU A 55 -1.23 -4.79 3.91
N LEU A 56 -2.04 -5.05 4.92
CA LEU A 56 -1.70 -4.72 6.33
C LEU A 56 -2.11 -5.87 7.29
N THR A 57 -2.01 -5.63 8.61
CA THR A 57 -2.41 -6.62 9.63
C THR A 57 -3.79 -6.28 10.33
N PRO A 58 -4.50 -7.28 10.89
CA PRO A 58 -5.62 -7.07 11.85
C PRO A 58 -5.35 -6.19 13.13
N TYR A 59 -4.18 -6.44 13.73
CA TYR A 59 -3.71 -5.77 14.98
C TYR A 59 -3.11 -4.34 14.79
N ASP A 60 -2.22 -4.18 13.80
CA ASP A 60 -1.47 -2.92 13.56
C ASP A 60 -2.00 -2.22 12.27
N LEU A 61 -3.00 -1.36 12.47
CA LEU A 61 -3.69 -0.64 11.36
C LEU A 61 -3.02 0.65 10.77
N SER A 62 -2.02 1.27 11.42
CA SER A 62 -1.33 2.48 10.87
C SER A 62 -0.33 2.28 9.67
N LYS A 63 -0.08 1.05 9.19
CA LYS A 63 0.87 0.75 8.09
C LYS A 63 0.25 -0.12 6.94
N GLY A 64 1.08 -0.47 5.94
CA GLY A 64 0.67 -1.39 4.85
C GLY A 64 1.66 -1.54 3.66
N ARG A 65 1.25 -2.26 2.60
CA ARG A 65 2.14 -2.51 1.43
C ARG A 65 1.52 -2.96 0.06
N ILE A 66 1.56 -2.16 -1.03
CA ILE A 66 1.26 -2.61 -2.42
C ILE A 66 1.71 -4.05 -2.83
N VAL A 67 0.76 -4.98 -2.68
CA VAL A 67 0.97 -6.39 -3.08
C VAL A 67 0.55 -6.67 -4.57
N PHE A 68 -0.75 -6.55 -4.96
CA PHE A 68 -1.27 -6.85 -6.34
C PHE A 68 -1.16 -8.34 -6.83
N ARG A 69 0.02 -8.96 -6.82
CA ARG A 69 0.26 -10.37 -7.27
C ARG A 69 -0.26 -11.45 -6.23
N SER A 70 -1.56 -11.44 -5.94
CA SER A 70 -2.23 -12.31 -4.91
C SER A 70 -3.80 -12.31 -4.93
N ARG A 71 -4.46 -11.18 -5.26
CA ARG A 71 -5.95 -11.06 -5.28
C ARG A 71 -6.70 -12.03 -6.25
N ALA A 1 -0.65 -17.34 17.01
CA ALA A 1 -1.00 -18.02 15.73
C ALA A 1 -2.02 -17.32 14.77
N LYS A 2 -2.89 -16.40 15.25
CA LYS A 2 -3.89 -15.69 14.38
C LYS A 2 -3.24 -14.47 13.64
N GLU A 3 -2.52 -14.76 12.53
CA GLU A 3 -1.77 -13.73 11.75
C GLU A 3 -2.13 -13.65 10.22
N ASP A 4 -3.42 -13.50 9.88
CA ASP A 4 -3.90 -13.36 8.49
C ASP A 4 -3.85 -11.88 8.00
N ASN A 5 -2.92 -11.58 7.09
CA ASN A 5 -2.69 -10.21 6.58
C ASN A 5 -3.64 -9.88 5.37
N ILE A 6 -4.50 -8.85 5.50
CA ILE A 6 -5.52 -8.49 4.48
C ILE A 6 -4.97 -7.46 3.45
N GLU A 7 -5.34 -7.60 2.18
CA GLU A 7 -5.08 -6.55 1.15
C GLU A 7 -6.35 -5.73 0.90
N MET A 8 -6.13 -4.43 1.11
CA MET A 8 -7.27 -3.57 1.55
C MET A 8 -7.24 -2.03 1.24
N GLN A 9 -6.09 -1.50 0.83
CA GLN A 9 -5.87 -0.03 0.72
C GLN A 9 -6.60 0.83 -0.36
N GLY A 10 -6.19 2.10 -0.42
CA GLY A 10 -6.95 3.16 -1.12
C GLY A 10 -6.33 4.03 -2.22
N THR A 11 -6.07 5.31 -1.91
CA THR A 11 -5.52 6.28 -2.89
C THR A 11 -4.20 6.81 -2.30
N VAL A 12 -3.15 6.92 -3.13
CA VAL A 12 -1.85 7.47 -2.68
C VAL A 12 -2.09 8.99 -2.22
N LEU A 13 -1.90 9.41 -0.96
CA LEU A 13 -1.81 10.87 -0.64
C LEU A 13 -0.38 11.45 -0.98
N GLU A 14 0.70 10.68 -0.76
CA GLU A 14 2.06 11.04 -1.25
C GLU A 14 2.87 9.79 -1.71
N THR A 15 3.67 10.00 -2.74
CA THR A 15 4.68 9.00 -3.26
C THR A 15 6.02 9.61 -2.73
N LEU A 16 6.60 8.95 -1.76
CA LEU A 16 7.72 9.51 -0.96
C LEU A 16 9.12 9.50 -1.72
N PRO A 17 10.29 9.93 -1.14
CA PRO A 17 11.58 10.05 -1.86
C PRO A 17 12.18 8.83 -2.64
N ASN A 18 12.04 7.59 -2.14
CA ASN A 18 12.39 6.37 -2.90
C ASN A 18 11.13 5.98 -3.74
N THR A 19 10.25 5.11 -3.23
CA THR A 19 8.96 4.76 -3.88
C THR A 19 8.03 4.25 -2.73
N MET A 20 7.50 5.15 -1.88
CA MET A 20 6.59 4.78 -0.77
C MET A 20 5.30 5.63 -0.73
N PHE A 21 4.25 5.20 -0.05
CA PHE A 21 2.88 5.74 -0.27
C PHE A 21 2.34 6.15 1.12
N ARG A 22 2.12 7.43 1.39
CA ARG A 22 1.34 7.81 2.63
C ARG A 22 -0.14 7.75 2.15
N VAL A 23 -0.77 6.60 2.41
CA VAL A 23 -2.06 6.23 1.75
C VAL A 23 -3.30 6.49 2.63
N GLU A 24 -4.36 6.97 1.99
CA GLU A 24 -5.69 7.06 2.67
C GLU A 24 -6.49 5.79 2.28
N LEU A 25 -6.82 4.91 3.24
CA LEU A 25 -7.53 3.65 3.03
C LEU A 25 -8.95 3.73 2.37
N GLU A 26 -9.53 2.54 2.17
CA GLU A 26 -10.98 2.44 1.80
C GLU A 26 -11.99 2.89 2.91
N ASN A 27 -11.60 2.84 4.20
CA ASN A 27 -12.37 3.42 5.32
C ASN A 27 -11.98 4.92 5.70
N GLY A 28 -11.11 5.60 4.93
CA GLY A 28 -10.64 6.97 5.22
C GLY A 28 -9.42 7.19 6.16
N HIS A 29 -8.83 6.12 6.73
CA HIS A 29 -7.66 6.23 7.65
C HIS A 29 -6.29 6.34 6.91
N VAL A 30 -5.37 7.14 7.46
CA VAL A 30 -4.03 7.37 6.86
C VAL A 30 -2.98 6.31 7.37
N VAL A 31 -2.26 5.72 6.40
CA VAL A 31 -1.23 4.67 6.65
C VAL A 31 0.12 4.94 5.91
N THR A 32 1.23 4.42 6.44
CA THR A 32 2.58 4.49 5.79
C THR A 32 2.89 3.14 5.07
N ALA A 33 3.15 3.13 3.74
CA ALA A 33 3.50 1.85 3.05
C ALA A 33 4.49 1.85 1.85
N HIS A 34 5.26 0.78 1.64
CA HIS A 34 6.10 0.57 0.41
C HIS A 34 5.40 -0.38 -0.58
N ILE A 35 5.76 -0.32 -1.87
CA ILE A 35 5.40 -1.40 -2.80
C ILE A 35 6.22 -2.73 -2.52
N SER A 36 5.98 -3.83 -3.26
CA SER A 36 6.72 -5.13 -3.06
C SER A 36 8.16 -5.32 -3.67
N GLY A 37 8.83 -4.21 -4.08
CA GLY A 37 10.20 -4.19 -4.69
C GLY A 37 10.51 -4.90 -6.03
N LYS A 38 9.75 -5.93 -6.38
CA LYS A 38 9.83 -6.67 -7.66
C LYS A 38 9.12 -5.98 -8.88
N MET A 39 7.91 -5.51 -8.63
CA MET A 39 7.07 -4.74 -9.60
C MET A 39 7.62 -3.40 -10.17
N ARG A 40 8.17 -2.52 -9.31
CA ARG A 40 8.79 -1.22 -9.73
C ARG A 40 9.60 -1.13 -11.07
N LYS A 41 10.42 -2.16 -11.17
CA LYS A 41 11.31 -2.46 -12.31
C LYS A 41 10.79 -3.39 -13.46
N ASN A 42 9.54 -3.84 -13.34
CA ASN A 42 8.77 -4.50 -14.43
C ASN A 42 7.88 -3.37 -15.05
N TYR A 43 6.85 -2.92 -14.30
CA TYR A 43 6.05 -1.75 -14.64
C TYR A 43 6.67 -0.48 -13.93
N ILE A 44 6.97 0.57 -14.71
CA ILE A 44 7.51 1.85 -14.20
C ILE A 44 6.37 2.53 -13.35
N ARG A 45 6.68 2.49 -12.06
CA ARG A 45 5.73 2.76 -10.95
C ARG A 45 4.72 3.96 -10.91
N ILE A 46 3.93 3.86 -9.84
CA ILE A 46 2.77 4.75 -9.52
C ILE A 46 3.11 6.18 -8.97
N LEU A 47 2.13 7.10 -9.08
CA LEU A 47 2.32 8.54 -8.80
C LEU A 47 1.34 9.07 -7.70
N THR A 48 1.49 10.35 -7.29
CA THR A 48 0.67 10.96 -6.20
C THR A 48 -0.84 11.16 -6.61
N GLY A 49 -1.63 10.22 -6.12
CA GLY A 49 -3.09 10.10 -6.39
C GLY A 49 -3.57 8.87 -7.21
N ASP A 50 -2.77 7.81 -7.24
CA ASP A 50 -3.09 6.54 -7.92
C ASP A 50 -3.77 5.51 -6.97
N LYS A 51 -4.47 4.56 -7.59
CA LYS A 51 -5.28 3.55 -6.84
C LYS A 51 -4.47 2.29 -6.45
N VAL A 52 -4.01 2.44 -5.23
CA VAL A 52 -3.21 1.43 -4.50
C VAL A 52 -4.13 0.53 -3.60
N THR A 53 -3.74 -0.73 -3.42
CA THR A 53 -4.44 -1.69 -2.51
C THR A 53 -3.21 -2.43 -1.89
N VAL A 54 -3.03 -2.09 -0.63
CA VAL A 54 -1.77 -2.23 0.14
C VAL A 54 -2.10 -3.21 1.30
N GLU A 55 -1.29 -4.26 1.48
CA GLU A 55 -1.59 -5.28 2.51
C GLU A 55 -1.14 -4.83 3.94
N LEU A 56 -1.99 -5.03 4.92
CA LEU A 56 -1.70 -4.69 6.34
C LEU A 56 -1.85 -5.94 7.25
N THR A 57 -1.69 -5.75 8.56
CA THR A 57 -1.80 -6.84 9.56
C THR A 57 -3.09 -6.77 10.45
N PRO A 58 -3.44 -7.88 11.16
CA PRO A 58 -4.41 -7.84 12.30
C PRO A 58 -4.17 -6.80 13.45
N TYR A 59 -2.89 -6.63 13.84
CA TYR A 59 -2.47 -5.76 14.98
C TYR A 59 -2.03 -4.30 14.61
N ASP A 60 -1.08 -4.18 13.67
CA ASP A 60 -0.43 -2.89 13.32
C ASP A 60 -1.21 -2.14 12.18
N LEU A 61 -2.29 -1.47 12.59
CA LEU A 61 -3.23 -0.80 11.65
C LEU A 61 -2.80 0.55 10.97
N SER A 62 -1.85 1.31 11.53
CA SER A 62 -1.31 2.53 10.87
C SER A 62 -0.28 2.31 9.70
N LYS A 63 -0.10 1.08 9.18
CA LYS A 63 0.92 0.75 8.15
C LYS A 63 0.40 -0.20 7.00
N GLY A 64 1.28 -0.47 6.02
CA GLY A 64 0.97 -1.39 4.90
C GLY A 64 2.07 -1.70 3.85
N ARG A 65 1.73 -2.47 2.80
CA ARG A 65 2.62 -2.64 1.60
C ARG A 65 1.86 -3.03 0.26
N ILE A 66 1.81 -2.19 -0.82
CA ILE A 66 1.27 -2.59 -2.17
C ILE A 66 1.73 -4.00 -2.69
N VAL A 67 0.76 -4.90 -2.69
CA VAL A 67 0.90 -6.28 -3.25
C VAL A 67 0.46 -6.32 -4.77
N PHE A 68 -0.64 -5.64 -5.18
CA PHE A 68 -1.05 -5.46 -6.60
C PHE A 68 -1.55 -6.72 -7.40
N ARG A 69 -2.48 -6.50 -8.34
CA ARG A 69 -2.97 -7.55 -9.28
C ARG A 69 -2.05 -7.83 -10.53
N SER A 70 -0.75 -8.08 -10.28
CA SER A 70 0.28 -8.41 -11.30
C SER A 70 1.44 -9.11 -10.53
N ARG A 71 2.38 -8.34 -9.95
CA ARG A 71 3.43 -8.85 -9.03
C ARG A 71 3.07 -8.39 -7.58
N ALA A 1 -5.43 -19.11 11.26
CA ALA A 1 -6.67 -18.30 11.09
C ALA A 1 -6.54 -16.80 11.50
N LYS A 2 -6.17 -16.50 12.76
CA LYS A 2 -6.03 -15.08 13.25
C LYS A 2 -4.81 -14.25 12.70
N GLU A 3 -3.69 -14.87 12.29
CA GLU A 3 -2.52 -14.15 11.69
C GLU A 3 -2.66 -13.87 10.13
N ASP A 4 -3.75 -13.19 9.73
CA ASP A 4 -4.09 -12.90 8.32
C ASP A 4 -3.80 -11.43 7.86
N ASN A 5 -2.85 -11.26 6.93
CA ASN A 5 -2.52 -9.92 6.36
C ASN A 5 -3.50 -9.63 5.16
N ILE A 6 -4.49 -8.74 5.32
CA ILE A 6 -5.58 -8.52 4.32
C ILE A 6 -5.21 -7.45 3.27
N GLU A 7 -5.54 -7.69 2.00
CA GLU A 7 -5.42 -6.64 0.94
C GLU A 7 -6.71 -5.82 0.88
N MET A 8 -6.43 -4.54 1.09
CA MET A 8 -7.40 -3.62 1.76
C MET A 8 -6.76 -2.22 1.62
N GLN A 9 -7.03 -1.61 0.47
CA GLN A 9 -6.15 -0.55 -0.03
C GLN A 9 -6.72 0.88 -0.03
N GLY A 10 -6.28 1.72 -0.99
CA GLY A 10 -6.73 3.14 -1.07
C GLY A 10 -6.16 4.01 -2.22
N THR A 11 -6.04 5.33 -1.99
CA THR A 11 -5.51 6.28 -3.02
C THR A 11 -4.20 6.87 -2.46
N VAL A 12 -3.12 6.91 -3.28
CA VAL A 12 -1.84 7.51 -2.82
C VAL A 12 -2.08 9.05 -2.43
N LEU A 13 -1.86 9.47 -1.18
CA LEU A 13 -1.76 10.94 -0.85
C LEU A 13 -0.32 11.50 -1.09
N GLU A 14 0.75 10.69 -0.92
CA GLU A 14 2.13 11.03 -1.37
C GLU A 14 2.92 9.75 -1.81
N THR A 15 3.73 9.94 -2.83
CA THR A 15 4.73 8.92 -3.35
C THR A 15 6.05 9.49 -2.79
N LEU A 16 6.60 8.87 -1.75
CA LEU A 16 7.70 9.44 -0.95
C LEU A 16 9.12 9.40 -1.67
N PRO A 17 10.24 10.00 -1.14
CA PRO A 17 11.55 10.09 -1.82
C PRO A 17 12.23 8.85 -2.50
N ASN A 18 12.07 7.63 -1.95
CA ASN A 18 12.48 6.38 -2.63
C ASN A 18 11.27 5.96 -3.54
N THR A 19 10.38 5.06 -3.09
CA THR A 19 9.10 4.74 -3.79
C THR A 19 8.12 4.14 -2.72
N MET A 20 7.60 5.01 -1.84
CA MET A 20 6.62 4.63 -0.77
C MET A 20 5.33 5.49 -0.82
N PHE A 21 4.28 5.14 -0.11
CA PHE A 21 2.90 5.69 -0.36
C PHE A 21 2.32 6.18 1.00
N ARG A 22 2.09 7.48 1.19
CA ARG A 22 1.33 7.98 2.38
C ARG A 22 -0.16 7.88 1.92
N VAL A 23 -0.86 6.82 2.30
CA VAL A 23 -2.15 6.43 1.62
C VAL A 23 -3.44 6.70 2.42
N GLU A 24 -4.49 7.10 1.69
CA GLU A 24 -5.85 7.23 2.28
C GLU A 24 -6.56 5.85 2.14
N LEU A 25 -6.74 5.07 3.21
CA LEU A 25 -7.31 3.72 3.10
C LEU A 25 -8.86 3.71 2.79
N GLU A 26 -9.38 2.50 2.61
CA GLU A 26 -10.85 2.23 2.60
C GLU A 26 -11.55 2.36 4.01
N ASN A 27 -10.76 2.18 5.09
CA ASN A 27 -11.13 2.49 6.50
C ASN A 27 -11.20 4.03 6.88
N GLY A 28 -10.83 4.98 5.99
CA GLY A 28 -10.74 6.43 6.32
C GLY A 28 -9.45 6.96 7.01
N HIS A 29 -8.52 6.06 7.37
CA HIS A 29 -7.24 6.39 8.04
C HIS A 29 -6.09 6.72 7.03
N VAL A 30 -5.18 7.62 7.43
CA VAL A 30 -3.98 7.97 6.61
C VAL A 30 -2.81 7.06 7.08
N VAL A 31 -2.48 6.10 6.22
CA VAL A 31 -1.45 5.05 6.51
C VAL A 31 -0.08 5.26 5.82
N THR A 32 1.01 4.77 6.44
CA THR A 32 2.36 4.74 5.79
C THR A 32 2.54 3.36 5.07
N ALA A 33 2.85 3.36 3.77
CA ALA A 33 3.11 2.08 3.06
C ALA A 33 4.31 2.03 2.09
N HIS A 34 4.74 0.82 1.81
CA HIS A 34 5.72 0.50 0.74
C HIS A 34 4.94 -0.33 -0.32
N ILE A 35 5.66 -0.99 -1.20
CA ILE A 35 5.11 -2.03 -2.07
C ILE A 35 5.64 -3.44 -1.59
N SER A 36 5.30 -4.55 -2.25
CA SER A 36 5.77 -5.91 -1.87
C SER A 36 7.24 -6.37 -2.21
N GLY A 37 8.15 -5.42 -2.46
CA GLY A 37 9.60 -5.66 -2.75
C GLY A 37 9.97 -6.32 -4.11
N LYS A 38 9.36 -7.47 -4.34
CA LYS A 38 9.50 -8.29 -5.57
C LYS A 38 9.14 -7.62 -6.93
N MET A 39 7.94 -7.03 -6.99
CA MET A 39 7.46 -6.30 -8.18
C MET A 39 8.13 -4.93 -8.51
N ARG A 40 8.83 -4.24 -7.59
CA ARG A 40 9.67 -3.04 -7.90
C ARG A 40 10.53 -3.09 -9.23
N LYS A 41 11.04 -4.26 -9.61
CA LYS A 41 11.72 -4.48 -10.92
C LYS A 41 10.81 -5.11 -12.07
N ASN A 42 9.55 -4.69 -12.12
CA ASN A 42 8.50 -5.10 -13.07
C ASN A 42 7.55 -3.84 -13.12
N TYR A 43 6.75 -3.65 -12.06
CA TYR A 43 6.06 -2.38 -11.77
C TYR A 43 7.08 -1.51 -10.96
N ILE A 44 7.76 -0.57 -11.63
CA ILE A 44 8.72 0.35 -10.96
C ILE A 44 7.98 1.49 -10.17
N ARG A 45 7.25 2.38 -10.84
CA ARG A 45 6.59 3.55 -10.22
C ARG A 45 5.07 3.81 -10.47
N ILE A 46 4.63 4.73 -9.62
CA ILE A 46 3.25 5.32 -9.56
C ILE A 46 3.32 6.84 -9.20
N LEU A 47 2.17 7.52 -9.30
CA LEU A 47 2.06 8.99 -9.10
C LEU A 47 1.27 9.34 -7.81
N THR A 48 1.40 10.59 -7.33
CA THR A 48 0.66 11.10 -6.15
C THR A 48 -0.87 11.26 -6.45
N GLY A 49 -1.58 10.16 -6.22
CA GLY A 49 -3.04 10.00 -6.47
C GLY A 49 -3.50 8.76 -7.29
N ASP A 50 -2.67 7.72 -7.31
CA ASP A 50 -2.93 6.46 -8.02
C ASP A 50 -3.59 5.36 -7.13
N LYS A 51 -4.21 4.38 -7.79
CA LYS A 51 -4.99 3.31 -7.12
C LYS A 51 -4.11 2.09 -6.73
N VAL A 52 -3.53 2.30 -5.56
CA VAL A 52 -2.60 1.36 -4.89
C VAL A 52 -3.26 0.07 -4.30
N THR A 53 -2.47 -0.96 -3.91
CA THR A 53 -3.01 -2.15 -3.16
C THR A 53 -2.28 -2.45 -1.84
N VAL A 54 -2.58 -1.63 -0.85
CA VAL A 54 -1.91 -1.59 0.45
C VAL A 54 -2.38 -2.80 1.31
N GLU A 55 -1.55 -3.86 1.39
CA GLU A 55 -1.92 -5.03 2.24
C GLU A 55 -1.59 -4.73 3.73
N LEU A 56 -2.42 -5.25 4.62
CA LEU A 56 -2.39 -4.94 6.06
C LEU A 56 -1.65 -5.93 6.96
N THR A 57 -1.82 -5.63 8.24
CA THR A 57 -1.50 -6.56 9.32
C THR A 57 -2.68 -6.65 10.36
N PRO A 58 -2.80 -7.81 11.07
CA PRO A 58 -3.64 -7.94 12.29
C PRO A 58 -3.42 -6.93 13.46
N TYR A 59 -2.13 -6.65 13.75
CA TYR A 59 -1.71 -5.72 14.83
C TYR A 59 -1.61 -4.21 14.41
N ASP A 60 -0.84 -3.95 13.36
CA ASP A 60 -0.49 -2.57 12.92
C ASP A 60 -1.40 -2.02 11.77
N LEU A 61 -2.64 -1.65 12.14
CA LEU A 61 -3.61 -1.04 11.18
C LEU A 61 -3.26 0.38 10.61
N SER A 62 -2.40 1.16 11.27
CA SER A 62 -1.85 2.43 10.71
C SER A 62 -0.78 2.29 9.56
N LYS A 63 -0.42 1.08 9.10
CA LYS A 63 0.56 0.81 8.04
C LYS A 63 0.06 -0.27 7.03
N GLY A 64 0.80 -0.40 5.93
CA GLY A 64 0.54 -1.46 4.91
C GLY A 64 1.51 -1.52 3.73
N ARG A 65 1.15 -2.24 2.64
CA ARG A 65 2.06 -2.38 1.46
C ARG A 65 1.47 -2.86 0.08
N ILE A 66 1.38 -2.00 -0.96
CA ILE A 66 1.17 -2.38 -2.39
C ILE A 66 1.60 -3.81 -2.88
N VAL A 67 0.66 -4.76 -2.77
CA VAL A 67 0.82 -6.14 -3.30
C VAL A 67 0.51 -6.20 -4.84
N PHE A 68 -0.69 -5.79 -5.28
CA PHE A 68 -1.07 -5.66 -6.74
C PHE A 68 -0.96 -6.97 -7.59
N ARG A 69 -2.06 -7.74 -7.69
CA ARG A 69 -2.06 -9.04 -8.45
C ARG A 69 -2.21 -8.89 -10.01
N SER A 70 -1.20 -8.27 -10.66
CA SER A 70 -1.17 -8.07 -12.14
C SER A 70 0.30 -7.88 -12.62
N ARG A 71 0.90 -6.70 -12.38
CA ARG A 71 2.30 -6.39 -12.77
C ARG A 71 3.19 -6.40 -11.49
N ALA A 1 -8.92 -14.66 16.09
CA ALA A 1 -9.15 -15.87 15.26
C ALA A 1 -8.42 -15.87 13.88
N LYS A 2 -8.58 -14.83 13.04
CA LYS A 2 -7.93 -14.75 11.70
C LYS A 2 -6.45 -14.24 11.79
N GLU A 3 -5.48 -15.17 11.95
CA GLU A 3 -4.04 -14.84 12.09
C GLU A 3 -3.28 -14.72 10.71
N ASP A 4 -3.76 -13.81 9.86
CA ASP A 4 -3.18 -13.53 8.50
C ASP A 4 -3.37 -12.02 8.11
N ASN A 5 -2.46 -11.56 7.26
CA ASN A 5 -2.48 -10.18 6.72
C ASN A 5 -3.55 -10.00 5.59
N ILE A 6 -4.39 -8.97 5.70
CA ILE A 6 -5.51 -8.68 4.75
C ILE A 6 -5.05 -7.66 3.67
N GLU A 7 -5.48 -7.87 2.42
CA GLU A 7 -5.31 -6.84 1.35
C GLU A 7 -6.56 -5.95 1.28
N MET A 8 -6.21 -4.67 1.43
CA MET A 8 -7.13 -3.70 2.10
C MET A 8 -6.47 -2.32 1.90
N GLN A 9 -6.79 -1.72 0.77
CA GLN A 9 -5.90 -0.69 0.21
C GLN A 9 -6.50 0.74 0.10
N GLY A 10 -6.13 1.53 -0.91
CA GLY A 10 -6.70 2.90 -1.07
C GLY A 10 -6.08 3.92 -2.07
N THR A 11 -6.09 5.22 -1.71
CA THR A 11 -5.61 6.32 -2.60
C THR A 11 -4.21 6.78 -2.15
N VAL A 12 -3.22 6.86 -3.06
CA VAL A 12 -1.90 7.44 -2.68
C VAL A 12 -2.15 8.95 -2.24
N LEU A 13 -1.78 9.38 -1.04
CA LEU A 13 -1.74 10.85 -0.68
C LEU A 13 -0.28 11.45 -0.72
N GLU A 14 0.77 10.61 -0.69
CA GLU A 14 2.14 11.00 -1.10
C GLU A 14 2.90 9.77 -1.70
N THR A 15 3.69 10.05 -2.72
CA THR A 15 4.66 9.06 -3.35
C THR A 15 6.01 9.60 -2.81
N LEU A 16 6.59 8.90 -1.85
CA LEU A 16 7.72 9.41 -1.04
C LEU A 16 9.11 9.44 -1.81
N PRO A 17 10.25 9.99 -1.27
CA PRO A 17 11.55 10.13 -1.99
C PRO A 17 12.20 8.93 -2.76
N ASN A 18 12.05 7.68 -2.27
CA ASN A 18 12.41 6.47 -3.05
C ASN A 18 11.17 6.13 -3.95
N THR A 19 10.28 5.23 -3.52
CA THR A 19 8.98 4.95 -4.21
C THR A 19 8.05 4.29 -3.14
N MET A 20 7.55 5.10 -2.19
CA MET A 20 6.61 4.64 -1.11
C MET A 20 5.32 5.49 -1.05
N PHE A 21 4.28 5.08 -0.34
CA PHE A 21 2.91 5.65 -0.51
C PHE A 21 2.38 6.06 0.89
N ARG A 22 2.16 7.36 1.15
CA ARG A 22 1.45 7.80 2.40
C ARG A 22 -0.06 7.76 2.02
N VAL A 23 -0.70 6.62 2.26
CA VAL A 23 -2.01 6.27 1.64
C VAL A 23 -3.25 6.52 2.54
N GLU A 24 -4.35 6.98 1.94
CA GLU A 24 -5.67 6.96 2.63
C GLU A 24 -6.25 5.52 2.43
N LEU A 25 -6.61 4.80 3.50
CA LEU A 25 -7.12 3.43 3.36
C LEU A 25 -8.61 3.41 2.83
N GLU A 26 -9.18 2.20 2.81
CA GLU A 26 -10.64 1.99 2.52
C GLU A 26 -11.62 2.49 3.64
N ASN A 27 -11.18 2.53 4.91
CA ASN A 27 -11.90 3.18 6.02
C ASN A 27 -11.55 4.70 6.26
N GLY A 28 -10.79 5.36 5.36
CA GLY A 28 -10.34 6.77 5.51
C GLY A 28 -9.13 7.10 6.42
N HIS A 29 -8.40 6.09 6.94
CA HIS A 29 -7.22 6.32 7.82
C HIS A 29 -5.90 6.44 7.01
N VAL A 30 -5.00 7.33 7.45
CA VAL A 30 -3.70 7.57 6.76
C VAL A 30 -2.63 6.53 7.23
N VAL A 31 -2.06 5.82 6.24
CA VAL A 31 -1.04 4.74 6.47
C VAL A 31 0.28 4.96 5.67
N THR A 32 1.42 4.57 6.26
CA THR A 32 2.74 4.57 5.54
C THR A 32 2.95 3.18 4.87
N ALA A 33 3.14 3.13 3.53
CA ALA A 33 3.38 1.82 2.87
C ALA A 33 4.39 1.79 1.71
N HIS A 34 5.00 0.62 1.49
CA HIS A 34 5.92 0.38 0.34
C HIS A 34 5.28 -0.66 -0.60
N ILE A 35 5.57 -0.52 -1.89
CA ILE A 35 5.27 -1.61 -2.84
C ILE A 35 6.16 -2.91 -2.58
N SER A 36 5.97 -3.97 -3.37
CA SER A 36 6.66 -5.27 -3.20
C SER A 36 7.83 -5.52 -4.20
N GLY A 37 8.77 -6.41 -3.81
CA GLY A 37 9.87 -6.85 -4.72
C GLY A 37 9.52 -7.72 -5.98
N LYS A 38 8.25 -8.10 -6.16
CA LYS A 38 7.72 -8.85 -7.31
C LYS A 38 7.08 -7.98 -8.44
N MET A 39 6.11 -7.11 -8.12
CA MET A 39 5.50 -6.18 -9.11
C MET A 39 6.36 -4.99 -9.60
N ARG A 40 7.27 -4.41 -8.80
CA ARG A 40 8.20 -3.34 -9.25
C ARG A 40 8.80 -3.37 -10.71
N LYS A 41 9.15 -4.58 -11.05
CA LYS A 41 9.68 -4.97 -12.39
C LYS A 41 8.61 -5.38 -13.48
N ASN A 42 7.47 -4.69 -13.42
CA ASN A 42 6.29 -4.82 -14.30
C ASN A 42 5.62 -3.40 -14.17
N TYR A 43 4.96 -3.17 -13.02
CA TYR A 43 4.53 -1.86 -12.53
C TYR A 43 5.73 -1.17 -11.81
N ILE A 44 6.47 -0.29 -12.51
CA ILE A 44 7.59 0.48 -11.89
C ILE A 44 7.06 1.63 -10.95
N ARG A 45 6.33 2.62 -11.50
CA ARG A 45 5.83 3.79 -10.75
C ARG A 45 4.33 4.17 -10.86
N ILE A 46 4.04 5.11 -9.96
CA ILE A 46 2.72 5.77 -9.74
C ILE A 46 2.89 7.26 -9.30
N LEU A 47 1.76 7.98 -9.24
CA LEU A 47 1.73 9.44 -8.91
C LEU A 47 0.94 9.69 -7.59
N THR A 48 1.06 10.91 -7.04
CA THR A 48 0.34 11.31 -5.79
C THR A 48 -1.21 11.49 -6.04
N GLY A 49 -1.89 10.35 -5.92
CA GLY A 49 -3.37 10.20 -6.13
C GLY A 49 -3.86 9.01 -6.98
N ASP A 50 -3.01 8.00 -7.12
CA ASP A 50 -3.28 6.76 -7.87
C ASP A 50 -3.80 5.60 -6.97
N LYS A 51 -4.35 4.57 -7.61
CA LYS A 51 -4.89 3.37 -6.90
C LYS A 51 -3.79 2.30 -6.67
N VAL A 52 -3.65 2.03 -5.38
CA VAL A 52 -2.62 1.11 -4.82
C VAL A 52 -3.25 -0.17 -4.16
N THR A 53 -2.45 -1.25 -3.88
CA THR A 53 -2.96 -2.44 -3.08
C THR A 53 -2.13 -2.76 -1.79
N VAL A 54 -2.36 -1.92 -0.81
CA VAL A 54 -1.69 -1.87 0.48
C VAL A 54 -2.18 -3.02 1.40
N GLU A 55 -1.42 -4.12 1.52
CA GLU A 55 -1.76 -5.20 2.48
C GLU A 55 -1.23 -4.82 3.90
N LEU A 56 -1.96 -5.17 4.95
CA LEU A 56 -1.59 -4.82 6.35
C LEU A 56 -2.02 -5.94 7.36
N THR A 57 -1.84 -5.70 8.66
CA THR A 57 -2.18 -6.67 9.71
C THR A 57 -3.61 -6.50 10.34
N PRO A 58 -4.15 -7.57 10.99
CA PRO A 58 -5.32 -7.46 11.91
C PRO A 58 -5.27 -6.42 13.08
N TYR A 59 -4.09 -6.33 13.72
CA TYR A 59 -3.84 -5.45 14.89
C TYR A 59 -3.31 -4.02 14.58
N ASP A 60 -2.20 -3.94 13.83
CA ASP A 60 -1.45 -2.69 13.57
C ASP A 60 -1.89 -1.97 12.25
N LEU A 61 -3.03 -1.27 12.34
CA LEU A 61 -3.63 -0.55 11.18
C LEU A 61 -2.97 0.77 10.65
N SER A 62 -1.97 1.37 11.32
CA SER A 62 -1.26 2.58 10.79
C SER A 62 -0.20 2.36 9.65
N LYS A 63 0.06 1.12 9.17
CA LYS A 63 1.03 0.83 8.09
C LYS A 63 0.44 -0.07 6.94
N GLY A 64 1.26 -0.38 5.92
CA GLY A 64 0.82 -1.25 4.79
C GLY A 64 1.88 -1.59 3.71
N ARG A 65 1.49 -2.33 2.65
CA ARG A 65 2.40 -2.59 1.50
C ARG A 65 1.72 -3.08 0.16
N ILE A 66 1.68 -2.29 -0.96
CA ILE A 66 1.34 -2.78 -2.34
C ILE A 66 1.89 -4.18 -2.74
N VAL A 67 1.08 -5.20 -2.45
CA VAL A 67 1.41 -6.62 -2.66
C VAL A 67 1.50 -7.05 -4.16
N PHE A 68 0.38 -7.24 -4.88
CA PHE A 68 0.45 -7.65 -6.31
C PHE A 68 -0.68 -7.06 -7.22
N ARG A 69 -0.54 -5.78 -7.59
CA ARG A 69 -1.42 -5.12 -8.60
C ARG A 69 -0.71 -5.19 -9.99
N SER A 70 -0.55 -6.42 -10.55
CA SER A 70 0.26 -6.66 -11.78
C SER A 70 -0.32 -7.81 -12.68
N ARG A 71 0.20 -9.04 -12.60
CA ARG A 71 -0.25 -10.18 -13.44
C ARG A 71 -1.42 -10.97 -12.81
N ALA A 1 1.40 -20.56 7.76
CA ALA A 1 1.32 -19.12 8.11
C ALA A 1 0.43 -18.78 9.35
N LYS A 2 -0.83 -19.26 9.41
CA LYS A 2 -1.78 -19.04 10.55
C LYS A 2 -2.29 -17.57 10.72
N GLU A 3 -1.45 -16.67 11.27
CA GLU A 3 -1.80 -15.23 11.46
C GLU A 3 -1.36 -14.39 10.21
N ASP A 4 -2.16 -14.46 9.15
CA ASP A 4 -1.88 -13.76 7.86
C ASP A 4 -2.26 -12.24 7.87
N ASN A 5 -1.66 -11.50 6.94
CA ASN A 5 -1.89 -10.02 6.80
C ASN A 5 -3.00 -9.71 5.74
N ILE A 6 -3.91 -8.78 6.04
CA ILE A 6 -5.04 -8.39 5.14
C ILE A 6 -4.54 -7.43 4.03
N GLU A 7 -5.22 -7.38 2.87
CA GLU A 7 -4.97 -6.34 1.83
C GLU A 7 -6.15 -5.40 1.67
N MET A 8 -5.79 -4.13 1.93
CA MET A 8 -6.79 -3.17 2.42
C MET A 8 -6.31 -1.71 2.32
N GLN A 9 -6.17 -1.16 1.10
CA GLN A 9 -5.77 0.26 0.91
C GLN A 9 -6.58 1.13 -0.11
N GLY A 10 -6.04 2.32 -0.42
CA GLY A 10 -6.79 3.37 -1.16
C GLY A 10 -6.14 4.26 -2.23
N THR A 11 -6.02 5.55 -1.91
CA THR A 11 -5.47 6.59 -2.83
C THR A 11 -4.03 6.94 -2.38
N VAL A 12 -3.02 7.07 -3.28
CA VAL A 12 -1.64 7.39 -2.81
C VAL A 12 -1.70 8.93 -2.33
N LEU A 13 -1.80 9.38 -1.05
CA LEU A 13 -1.73 10.86 -0.74
C LEU A 13 -0.31 11.48 -1.09
N GLU A 14 0.77 10.79 -0.71
CA GLU A 14 2.15 11.16 -1.12
C GLU A 14 2.89 9.91 -1.70
N THR A 15 3.80 10.19 -2.61
CA THR A 15 4.78 9.19 -3.18
C THR A 15 6.09 9.58 -2.43
N LEU A 16 6.39 8.85 -1.36
CA LEU A 16 7.38 9.29 -0.35
C LEU A 16 8.88 9.05 -0.82
N PRO A 17 9.92 9.78 -0.30
CA PRO A 17 11.33 9.82 -0.80
C PRO A 17 11.96 8.79 -1.79
N ASN A 18 12.06 7.50 -1.46
CA ASN A 18 12.50 6.45 -2.43
C ASN A 18 11.34 6.13 -3.41
N THR A 19 10.45 5.23 -3.04
CA THR A 19 9.21 4.92 -3.80
C THR A 19 8.21 4.34 -2.76
N MET A 20 7.65 5.24 -1.94
CA MET A 20 6.66 4.90 -0.89
C MET A 20 5.31 5.62 -1.09
N PHE A 21 4.32 5.40 -0.23
CA PHE A 21 2.89 5.77 -0.49
C PHE A 21 2.33 6.18 0.90
N ARG A 22 2.11 7.47 1.17
CA ARG A 22 1.38 7.87 2.41
C ARG A 22 -0.12 7.76 2.04
N VAL A 23 -0.73 6.62 2.33
CA VAL A 23 -2.03 6.23 1.68
C VAL A 23 -3.28 6.52 2.54
N GLU A 24 -4.32 7.08 1.91
CA GLU A 24 -5.64 7.23 2.56
C GLU A 24 -6.51 6.01 2.13
N LEU A 25 -6.75 5.08 3.06
CA LEU A 25 -7.48 3.83 2.87
C LEU A 25 -8.87 3.81 2.16
N GLU A 26 -9.37 2.57 2.05
CA GLU A 26 -10.80 2.31 1.69
C GLU A 26 -11.81 2.59 2.86
N ASN A 27 -11.35 2.54 4.13
CA ASN A 27 -12.10 3.01 5.32
C ASN A 27 -11.76 4.52 5.70
N GLY A 28 -10.95 5.25 4.91
CA GLY A 28 -10.56 6.66 5.18
C GLY A 28 -9.44 6.97 6.20
N HIS A 29 -8.62 5.98 6.62
CA HIS A 29 -7.53 6.22 7.62
C HIS A 29 -6.12 6.35 6.93
N VAL A 30 -5.30 7.33 7.33
CA VAL A 30 -3.96 7.57 6.69
C VAL A 30 -2.85 6.62 7.24
N VAL A 31 -2.17 5.95 6.30
CA VAL A 31 -1.09 4.96 6.58
C VAL A 31 0.29 5.31 5.90
N THR A 32 1.35 4.57 6.30
CA THR A 32 2.70 4.63 5.65
C THR A 32 2.98 3.28 4.90
N ALA A 33 3.25 3.29 3.59
CA ALA A 33 3.58 2.05 2.85
C ALA A 33 4.67 2.10 1.74
N HIS A 34 5.25 0.94 1.42
CA HIS A 34 6.11 0.73 0.23
C HIS A 34 5.34 -0.09 -0.84
N ILE A 35 5.84 -0.14 -2.06
CA ILE A 35 5.34 -1.08 -3.09
C ILE A 35 5.92 -2.54 -2.87
N SER A 36 5.59 -3.46 -3.78
CA SER A 36 6.07 -4.85 -3.81
C SER A 36 7.18 -4.93 -4.89
N GLY A 37 8.45 -4.83 -4.47
CA GLY A 37 9.64 -4.80 -5.39
C GLY A 37 9.74 -5.69 -6.65
N LYS A 38 9.12 -6.87 -6.63
CA LYS A 38 9.10 -7.84 -7.75
C LYS A 38 8.35 -7.40 -9.05
N MET A 39 7.11 -6.94 -8.87
CA MET A 39 6.28 -6.33 -9.94
C MET A 39 6.50 -4.79 -10.11
N ARG A 40 6.37 -4.09 -8.98
CA ARG A 40 6.36 -2.62 -8.87
C ARG A 40 7.72 -1.91 -9.14
N LYS A 41 8.77 -2.41 -8.51
CA LYS A 41 10.17 -1.98 -8.85
C LYS A 41 10.91 -2.91 -9.90
N ASN A 42 10.16 -3.21 -10.96
CA ASN A 42 10.63 -3.84 -12.24
C ASN A 42 10.67 -2.64 -13.24
N TYR A 43 9.54 -1.92 -13.37
CA TYR A 43 9.50 -0.52 -13.81
C TYR A 43 10.07 0.39 -12.64
N ILE A 44 9.45 1.55 -12.41
CA ILE A 44 9.92 2.58 -11.43
C ILE A 44 8.86 2.81 -10.29
N ARG A 45 7.81 3.64 -10.52
CA ARG A 45 6.84 4.03 -9.48
C ARG A 45 5.35 4.13 -9.97
N ILE A 46 4.47 4.22 -8.98
CA ILE A 46 3.01 4.54 -9.17
C ILE A 46 2.81 6.02 -8.69
N LEU A 47 1.81 6.71 -9.27
CA LEU A 47 1.69 8.20 -9.16
C LEU A 47 0.93 8.72 -7.91
N THR A 48 1.11 10.02 -7.58
CA THR A 48 0.44 10.70 -6.43
C THR A 48 -1.12 10.79 -6.63
N GLY A 49 -1.77 9.84 -5.97
CA GLY A 49 -3.22 9.56 -5.99
C GLY A 49 -3.75 8.25 -6.59
N ASP A 50 -2.85 7.44 -7.16
CA ASP A 50 -3.22 6.17 -7.81
C ASP A 50 -3.90 5.12 -6.89
N LYS A 51 -4.67 4.24 -7.53
CA LYS A 51 -5.49 3.22 -6.81
C LYS A 51 -4.70 1.97 -6.40
N VAL A 52 -4.15 2.17 -5.22
CA VAL A 52 -3.35 1.19 -4.47
C VAL A 52 -4.27 0.41 -3.45
N THR A 53 -3.93 -0.86 -3.23
CA THR A 53 -4.55 -1.73 -2.17
C THR A 53 -3.28 -2.43 -1.60
N VAL A 54 -3.04 -2.13 -0.34
CA VAL A 54 -1.71 -2.26 0.31
C VAL A 54 -1.86 -3.21 1.50
N GLU A 55 -1.03 -4.26 1.58
CA GLU A 55 -1.20 -5.29 2.63
C GLU A 55 -0.59 -4.84 3.99
N LEU A 56 -1.42 -4.88 5.02
CA LEU A 56 -1.10 -4.33 6.36
C LEU A 56 -0.93 -5.46 7.41
N THR A 57 -1.87 -5.57 8.35
CA THR A 57 -1.82 -6.57 9.46
C THR A 57 -3.22 -6.81 10.13
N PRO A 58 -3.38 -7.90 10.95
CA PRO A 58 -4.55 -8.07 11.87
C PRO A 58 -4.79 -6.97 12.96
N TYR A 59 -3.70 -6.60 13.65
CA TYR A 59 -3.71 -5.62 14.78
C TYR A 59 -3.25 -4.17 14.45
N ASP A 60 -2.04 -4.04 13.90
CA ASP A 60 -1.37 -2.73 13.67
C ASP A 60 -1.61 -2.14 12.24
N LEU A 61 -2.84 -1.70 11.97
CA LEU A 61 -3.26 -1.16 10.65
C LEU A 61 -2.69 0.22 10.17
N SER A 62 -1.80 0.88 10.91
CA SER A 62 -1.13 2.14 10.47
C SER A 62 -0.08 2.04 9.29
N LYS A 63 0.36 0.85 8.87
CA LYS A 63 1.36 0.61 7.83
C LYS A 63 1.05 -0.64 6.95
N GLY A 64 1.65 -0.67 5.75
CA GLY A 64 1.54 -1.84 4.84
C GLY A 64 2.41 -1.82 3.56
N ARG A 65 2.02 -2.60 2.52
CA ARG A 65 2.74 -2.57 1.21
C ARG A 65 1.86 -3.00 -0.06
N ILE A 66 1.72 -2.17 -1.12
CA ILE A 66 1.02 -2.52 -2.41
C ILE A 66 1.25 -3.95 -3.02
N VAL A 67 0.29 -4.83 -2.77
CA VAL A 67 0.19 -6.17 -3.40
C VAL A 67 -0.76 -6.25 -4.65
N PHE A 68 -1.83 -5.43 -4.73
CA PHE A 68 -2.86 -5.49 -5.82
C PHE A 68 -3.08 -4.13 -6.58
N ARG A 69 -3.36 -4.23 -7.89
CA ARG A 69 -3.71 -3.07 -8.75
C ARG A 69 -5.25 -2.83 -8.73
N SER A 70 -5.70 -1.71 -8.13
CA SER A 70 -7.16 -1.38 -8.01
C SER A 70 -7.77 -0.40 -9.06
N ARG A 71 -7.02 0.14 -10.04
CA ARG A 71 -7.56 1.07 -11.08
C ARG A 71 -8.42 0.42 -12.21
N ALA A 1 -8.31 -9.37 15.23
CA ALA A 1 -7.13 -9.01 16.06
C ALA A 1 -5.87 -9.90 15.83
N LYS A 2 -5.97 -11.24 15.89
CA LYS A 2 -4.81 -12.17 15.68
C LYS A 2 -5.15 -13.26 14.60
N GLU A 3 -5.07 -12.89 13.31
CA GLU A 3 -5.36 -13.80 12.18
C GLU A 3 -4.17 -13.74 11.14
N ASP A 4 -4.53 -13.55 9.89
CA ASP A 4 -3.58 -13.37 8.75
C ASP A 4 -3.60 -11.90 8.23
N ASN A 5 -2.43 -11.47 7.71
CA ASN A 5 -2.21 -10.09 7.20
C ASN A 5 -3.12 -9.80 5.93
N ILE A 6 -4.01 -8.81 5.98
CA ILE A 6 -5.04 -8.55 4.92
C ILE A 6 -4.49 -7.60 3.81
N GLU A 7 -5.06 -7.64 2.59
CA GLU A 7 -4.83 -6.57 1.58
C GLU A 7 -6.08 -5.68 1.44
N MET A 8 -5.78 -4.41 1.72
CA MET A 8 -6.81 -3.49 2.20
C MET A 8 -6.25 -2.05 2.19
N GLN A 9 -6.19 -1.41 1.02
CA GLN A 9 -5.81 0.02 0.91
C GLN A 9 -6.62 0.89 -0.09
N GLY A 10 -6.11 2.10 -0.35
CA GLY A 10 -6.89 3.16 -1.02
C GLY A 10 -6.29 4.00 -2.16
N THR A 11 -6.01 5.27 -1.86
CA THR A 11 -5.47 6.23 -2.85
C THR A 11 -4.12 6.74 -2.29
N VAL A 12 -3.08 6.80 -3.14
CA VAL A 12 -1.77 7.33 -2.70
C VAL A 12 -1.99 8.87 -2.26
N LEU A 13 -1.79 9.32 -1.01
CA LEU A 13 -1.74 10.80 -0.70
C LEU A 13 -0.33 11.38 -1.04
N GLU A 14 0.77 10.71 -0.66
CA GLU A 14 2.13 11.07 -1.11
C GLU A 14 2.90 9.84 -1.67
N THR A 15 3.67 10.11 -2.71
CA THR A 15 4.64 9.12 -3.32
C THR A 15 5.99 9.64 -2.75
N LEU A 16 6.56 8.92 -1.81
CA LEU A 16 7.68 9.42 -0.98
C LEU A 16 9.09 9.47 -1.72
N PRO A 17 10.27 9.82 -1.10
CA PRO A 17 11.58 10.00 -1.82
C PRO A 17 12.10 8.87 -2.76
N ASN A 18 12.16 7.62 -2.26
CA ASN A 18 12.52 6.44 -3.10
C ASN A 18 11.27 6.07 -3.97
N THR A 19 10.35 5.25 -3.45
CA THR A 19 9.04 4.94 -4.09
C THR A 19 8.14 4.33 -2.97
N MET A 20 7.63 5.19 -2.06
CA MET A 20 6.70 4.78 -0.97
C MET A 20 5.37 5.58 -1.02
N PHE A 21 4.38 5.31 -0.17
CA PHE A 21 2.97 5.76 -0.38
C PHE A 21 2.41 6.17 1.01
N ARG A 22 2.12 7.46 1.24
CA ARG A 22 1.37 7.87 2.47
C ARG A 22 -0.11 7.71 2.08
N VAL A 23 -0.73 6.59 2.43
CA VAL A 23 -2.02 6.18 1.80
C VAL A 23 -3.27 6.48 2.64
N GLU A 24 -4.31 6.99 1.99
CA GLU A 24 -5.64 7.15 2.63
C GLU A 24 -6.47 5.89 2.28
N LEU A 25 -6.79 5.05 3.28
CA LEU A 25 -7.47 3.76 3.10
C LEU A 25 -8.86 3.76 2.39
N GLU A 26 -9.40 2.54 2.26
CA GLU A 26 -10.82 2.36 1.85
C GLU A 26 -11.89 2.86 2.90
N ASN A 27 -11.54 2.90 4.20
CA ASN A 27 -12.36 3.57 5.24
C ASN A 27 -11.96 5.08 5.53
N GLY A 28 -11.07 5.71 4.74
CA GLY A 28 -10.59 7.10 4.97
C GLY A 28 -9.46 7.39 5.99
N HIS A 29 -8.77 6.36 6.52
CA HIS A 29 -7.68 6.52 7.53
C HIS A 29 -6.26 6.57 6.88
N VAL A 30 -5.37 7.46 7.36
CA VAL A 30 -4.00 7.63 6.78
C VAL A 30 -2.95 6.62 7.36
N VAL A 31 -2.24 5.96 6.43
CA VAL A 31 -1.19 4.93 6.73
C VAL A 31 0.20 5.24 6.04
N THR A 32 1.24 4.51 6.47
CA THR A 32 2.60 4.55 5.85
C THR A 32 2.89 3.21 5.08
N ALA A 33 3.21 3.24 3.77
CA ALA A 33 3.54 2.00 3.02
C ALA A 33 4.62 2.05 1.90
N HIS A 34 5.31 0.94 1.67
CA HIS A 34 6.17 0.73 0.45
C HIS A 34 5.40 -0.12 -0.60
N ILE A 35 5.91 -0.25 -1.83
CA ILE A 35 5.41 -1.30 -2.74
C ILE A 35 6.02 -2.72 -2.35
N SER A 36 5.70 -3.77 -3.12
CA SER A 36 6.23 -5.12 -2.92
C SER A 36 7.38 -5.42 -3.92
N GLY A 37 8.40 -6.19 -3.49
CA GLY A 37 9.49 -6.68 -4.41
C GLY A 37 9.08 -7.38 -5.74
N LYS A 38 7.85 -7.93 -5.74
CA LYS A 38 7.18 -8.55 -6.91
C LYS A 38 6.89 -7.58 -8.08
N MET A 39 6.15 -6.49 -7.80
CA MET A 39 5.94 -5.39 -8.78
C MET A 39 7.16 -4.48 -9.05
N ARG A 40 8.02 -4.14 -8.06
CA ARG A 40 9.25 -3.32 -8.25
C ARG A 40 10.06 -3.54 -9.59
N LYS A 41 10.20 -4.81 -10.00
CA LYS A 41 10.90 -5.21 -11.26
C LYS A 41 10.06 -5.40 -12.58
N ASN A 42 8.75 -5.22 -12.46
CA ASN A 42 7.80 -5.12 -13.61
C ASN A 42 7.64 -3.59 -13.91
N TYR A 43 7.00 -2.87 -12.99
CA TYR A 43 6.91 -1.40 -12.97
C TYR A 43 7.57 -0.90 -11.64
N ILE A 44 8.48 0.08 -11.69
CA ILE A 44 9.04 0.68 -10.43
C ILE A 44 7.97 1.60 -9.72
N ARG A 45 7.58 2.72 -10.35
CA ARG A 45 6.69 3.74 -9.75
C ARG A 45 5.19 3.87 -10.18
N ILE A 46 4.52 4.61 -9.29
CA ILE A 46 3.10 5.07 -9.40
C ILE A 46 3.03 6.59 -9.01
N LEU A 47 1.88 7.22 -9.28
CA LEU A 47 1.72 8.70 -9.14
C LEU A 47 1.00 9.13 -7.83
N THR A 48 1.12 10.42 -7.48
CA THR A 48 0.48 11.02 -6.28
C THR A 48 -1.07 11.16 -6.48
N GLY A 49 -1.75 10.09 -6.09
CA GLY A 49 -3.22 9.92 -6.27
C GLY A 49 -3.69 8.69 -7.09
N ASP A 50 -2.85 7.64 -7.15
CA ASP A 50 -3.16 6.38 -7.84
C ASP A 50 -3.81 5.32 -6.89
N LYS A 51 -4.55 4.39 -7.50
CA LYS A 51 -5.36 3.40 -6.76
C LYS A 51 -4.58 2.13 -6.35
N VAL A 52 -4.07 2.30 -5.15
CA VAL A 52 -3.27 1.30 -4.41
C VAL A 52 -4.18 0.41 -3.46
N THR A 53 -3.76 -0.82 -3.21
CA THR A 53 -4.42 -1.75 -2.23
C THR A 53 -3.16 -2.47 -1.64
N VAL A 54 -2.97 -2.17 -0.38
CA VAL A 54 -1.64 -2.27 0.30
C VAL A 54 -1.83 -3.25 1.48
N GLU A 55 -0.98 -4.30 1.55
CA GLU A 55 -1.18 -5.35 2.58
C GLU A 55 -0.67 -4.88 3.96
N LEU A 56 -1.58 -4.85 4.91
CA LEU A 56 -1.30 -4.34 6.27
C LEU A 56 -1.17 -5.53 7.24
N THR A 57 -1.99 -5.54 8.28
CA THR A 57 -1.93 -6.55 9.33
C THR A 57 -3.29 -6.68 10.14
N PRO A 58 -3.46 -7.73 10.99
CA PRO A 58 -4.64 -7.91 11.88
C PRO A 58 -4.82 -6.94 13.07
N TYR A 59 -3.70 -6.83 13.78
CA TYR A 59 -3.55 -5.96 14.99
C TYR A 59 -2.94 -4.57 14.67
N ASP A 60 -2.03 -4.58 13.70
CA ASP A 60 -1.21 -3.39 13.31
C ASP A 60 -1.72 -2.71 11.99
N LEU A 61 -2.76 -1.89 12.12
CA LEU A 61 -3.41 -1.20 10.97
C LEU A 61 -2.80 0.13 10.43
N SER A 62 -1.96 0.87 11.18
CA SER A 62 -1.32 2.12 10.70
C SER A 62 -0.28 2.02 9.52
N LYS A 63 0.11 0.81 9.07
CA LYS A 63 1.12 0.57 8.02
C LYS A 63 0.78 -0.65 7.10
N GLY A 64 1.41 -0.66 5.92
CA GLY A 64 1.31 -1.82 4.98
C GLY A 64 2.23 -1.79 3.76
N ARG A 65 1.89 -2.55 2.70
CA ARG A 65 2.69 -2.58 1.43
C ARG A 65 1.93 -3.04 0.12
N ILE A 66 1.78 -2.19 -0.94
CA ILE A 66 1.18 -2.56 -2.28
C ILE A 66 1.52 -3.98 -2.85
N VAL A 67 0.59 -4.91 -2.63
CA VAL A 67 0.61 -6.27 -3.23
C VAL A 67 -0.28 -6.36 -4.51
N PHE A 68 -1.54 -5.86 -4.46
CA PHE A 68 -2.55 -5.94 -5.54
C PHE A 68 -3.13 -7.39 -5.73
N ARG A 69 -2.34 -8.33 -6.28
CA ARG A 69 -2.76 -9.73 -6.57
C ARG A 69 -2.13 -10.84 -5.63
N SER A 70 -2.29 -10.75 -4.30
CA SER A 70 -1.77 -11.78 -3.35
C SER A 70 -2.64 -13.08 -3.16
N ARG A 71 -3.97 -12.98 -3.20
CA ARG A 71 -4.90 -14.13 -3.03
C ARG A 71 -5.19 -14.80 -4.41
N ALA A 1 0.49 -17.66 10.70
CA ALA A 1 -0.62 -18.45 10.10
C ALA A 1 -2.05 -18.07 10.61
N LYS A 2 -2.29 -18.06 11.94
CA LYS A 2 -3.62 -17.72 12.53
C LYS A 2 -4.14 -16.26 12.27
N GLU A 3 -3.34 -15.24 12.62
CA GLU A 3 -3.67 -13.81 12.33
C GLU A 3 -2.99 -13.38 10.98
N ASP A 4 -3.53 -13.85 9.84
CA ASP A 4 -2.98 -13.53 8.50
C ASP A 4 -3.23 -12.04 8.04
N ASN A 5 -2.29 -11.59 7.21
CA ASN A 5 -2.27 -10.19 6.69
C ASN A 5 -3.31 -9.95 5.52
N ILE A 6 -4.16 -8.92 5.68
CA ILE A 6 -5.23 -8.57 4.71
C ILE A 6 -4.69 -7.50 3.71
N GLU A 7 -5.07 -7.66 2.44
CA GLU A 7 -4.78 -6.66 1.36
C GLU A 7 -6.01 -5.77 1.17
N MET A 8 -5.71 -4.52 1.48
CA MET A 8 -6.71 -3.62 2.04
C MET A 8 -6.19 -2.16 2.04
N GLN A 9 -6.18 -1.49 0.88
CA GLN A 9 -5.81 -0.05 0.78
C GLN A 9 -6.63 0.84 -0.19
N GLY A 10 -6.10 2.05 -0.45
CA GLY A 10 -6.88 3.13 -1.09
C GLY A 10 -6.25 3.99 -2.20
N THR A 11 -6.01 5.28 -1.91
CA THR A 11 -5.46 6.24 -2.91
C THR A 11 -4.09 6.75 -2.39
N VAL A 12 -3.09 6.85 -3.27
CA VAL A 12 -1.75 7.36 -2.87
C VAL A 12 -1.91 8.89 -2.44
N LEU A 13 -1.86 9.30 -1.17
CA LEU A 13 -1.79 10.77 -0.83
C LEU A 13 -0.38 11.38 -1.04
N GLU A 14 0.68 10.70 -0.58
CA GLU A 14 2.09 11.05 -0.95
C GLU A 14 2.81 9.84 -1.62
N THR A 15 3.73 10.15 -2.52
CA THR A 15 4.68 9.13 -3.12
C THR A 15 6.00 9.45 -2.36
N LEU A 16 6.25 8.66 -1.33
CA LEU A 16 7.25 9.01 -0.28
C LEU A 16 8.75 8.73 -0.75
N PRO A 17 9.79 9.47 -0.24
CA PRO A 17 11.21 9.46 -0.72
C PRO A 17 11.69 8.72 -2.01
N ASN A 18 11.93 7.40 -2.00
CA ASN A 18 12.29 6.63 -3.23
C ASN A 18 11.04 6.40 -4.12
N THR A 19 10.16 5.47 -3.72
CA THR A 19 8.85 5.19 -4.39
C THR A 19 7.99 4.49 -3.29
N MET A 20 7.47 5.29 -2.33
CA MET A 20 6.56 4.79 -1.26
C MET A 20 5.18 5.49 -1.34
N PHE A 21 4.24 5.29 -0.41
CA PHE A 21 2.81 5.68 -0.61
C PHE A 21 2.29 6.06 0.81
N ARG A 22 2.03 7.34 1.10
CA ARG A 22 1.34 7.72 2.37
C ARG A 22 -0.17 7.63 2.01
N VAL A 23 -0.77 6.47 2.26
CA VAL A 23 -2.07 6.08 1.67
C VAL A 23 -3.27 6.30 2.60
N GLU A 24 -4.33 6.88 2.03
CA GLU A 24 -5.63 6.97 2.75
C GLU A 24 -6.44 5.70 2.36
N LEU A 25 -6.70 4.82 3.33
CA LEU A 25 -7.38 3.52 3.15
C LEU A 25 -8.82 3.55 2.54
N GLU A 26 -9.37 2.35 2.42
CA GLU A 26 -10.82 2.15 2.10
C GLU A 26 -11.82 2.58 3.25
N ASN A 27 -11.37 2.58 4.52
CA ASN A 27 -12.12 3.18 5.65
C ASN A 27 -11.80 4.70 5.94
N GLY A 28 -10.98 5.39 5.12
CA GLY A 28 -10.58 6.80 5.33
C GLY A 28 -9.37 7.15 6.23
N HIS A 29 -8.61 6.16 6.73
CA HIS A 29 -7.44 6.38 7.63
C HIS A 29 -6.07 6.43 6.86
N VAL A 30 -5.17 7.32 7.30
CA VAL A 30 -3.84 7.52 6.66
C VAL A 30 -2.73 6.59 7.27
N VAL A 31 -2.00 5.90 6.39
CA VAL A 31 -0.89 4.95 6.76
C VAL A 31 0.34 5.04 5.80
N THR A 32 1.55 4.71 6.31
CA THR A 32 2.80 4.70 5.48
C THR A 32 3.05 3.30 4.83
N ALA A 33 3.29 3.25 3.50
CA ALA A 33 3.58 1.96 2.82
C ALA A 33 4.58 1.98 1.64
N HIS A 34 5.30 0.87 1.43
CA HIS A 34 6.15 0.66 0.22
C HIS A 34 5.45 -0.30 -0.78
N ILE A 35 5.80 -0.21 -2.05
CA ILE A 35 5.44 -1.26 -3.03
C ILE A 35 6.18 -2.64 -2.72
N SER A 36 5.85 -3.70 -3.47
CA SER A 36 6.52 -5.01 -3.40
C SER A 36 7.49 -5.16 -4.62
N GLY A 37 8.68 -5.76 -4.40
CA GLY A 37 9.65 -6.03 -5.53
C GLY A 37 9.19 -6.84 -6.78
N LYS A 38 8.06 -7.53 -6.65
CA LYS A 38 7.36 -8.31 -7.70
C LYS A 38 6.67 -7.45 -8.81
N MET A 39 5.86 -6.45 -8.42
CA MET A 39 5.21 -5.50 -9.36
C MET A 39 6.10 -4.43 -10.06
N ARG A 40 7.25 -4.04 -9.48
CA ARG A 40 8.26 -3.16 -10.12
C ARG A 40 8.55 -3.39 -11.66
N LYS A 41 8.46 -4.65 -12.13
CA LYS A 41 8.63 -5.03 -13.56
C LYS A 41 7.36 -5.09 -14.48
N ASN A 42 6.20 -4.88 -13.88
CA ASN A 42 4.90 -4.66 -14.60
C ASN A 42 4.83 -3.11 -14.81
N TYR A 43 4.57 -2.36 -13.72
CA TYR A 43 4.74 -0.91 -13.66
C TYR A 43 6.08 -0.58 -12.92
N ILE A 44 6.88 0.36 -13.45
CA ILE A 44 8.10 0.84 -12.73
C ILE A 44 7.71 1.72 -11.49
N ARG A 45 6.89 2.75 -11.70
CA ARG A 45 6.33 3.61 -10.63
C ARG A 45 4.79 3.91 -10.83
N ILE A 46 4.25 4.59 -9.82
CA ILE A 46 2.84 5.08 -9.74
C ILE A 46 2.85 6.55 -9.18
N LEU A 47 1.79 7.30 -9.49
CA LEU A 47 1.75 8.77 -9.24
C LEU A 47 1.06 9.17 -7.90
N THR A 48 1.25 10.43 -7.50
CA THR A 48 0.63 11.02 -6.26
C THR A 48 -0.89 11.28 -6.45
N GLY A 49 -1.65 10.23 -6.18
CA GLY A 49 -3.13 10.15 -6.36
C GLY A 49 -3.68 9.01 -7.24
N ASP A 50 -2.88 7.97 -7.44
CA ASP A 50 -3.28 6.74 -8.15
C ASP A 50 -3.86 5.67 -7.17
N LYS A 51 -4.50 4.65 -7.74
CA LYS A 51 -5.14 3.60 -6.93
C LYS A 51 -4.23 2.41 -6.59
N VAL A 52 -4.27 2.16 -5.30
CA VAL A 52 -3.42 1.18 -4.61
C VAL A 52 -4.27 0.29 -3.63
N THR A 53 -3.84 -0.94 -3.36
CA THR A 53 -4.48 -1.86 -2.36
C THR A 53 -3.21 -2.56 -1.76
N VAL A 54 -2.99 -2.21 -0.50
CA VAL A 54 -1.67 -2.27 0.17
C VAL A 54 -1.86 -3.13 1.46
N GLU A 55 -1.07 -4.20 1.59
CA GLU A 55 -1.29 -5.20 2.67
C GLU A 55 -0.77 -4.79 4.08
N LEU A 56 -1.53 -5.14 5.10
CA LEU A 56 -1.23 -4.82 6.51
C LEU A 56 -1.72 -5.96 7.47
N THR A 57 -1.58 -5.76 8.78
CA THR A 57 -2.07 -6.75 9.77
C THR A 57 -3.55 -6.49 10.22
N PRO A 58 -4.26 -7.51 10.76
CA PRO A 58 -5.53 -7.32 11.52
C PRO A 58 -5.53 -6.34 12.75
N TYR A 59 -4.46 -6.44 13.55
CA TYR A 59 -4.29 -5.68 14.83
C TYR A 59 -3.58 -4.30 14.76
N ASP A 60 -2.45 -4.22 14.02
CA ASP A 60 -1.58 -3.03 13.99
C ASP A 60 -1.75 -2.18 12.69
N LEU A 61 -2.80 -1.33 12.69
CA LEU A 61 -3.16 -0.47 11.52
C LEU A 61 -2.36 0.88 11.38
N SER A 62 -1.05 0.85 11.59
CA SER A 62 -0.13 2.00 11.40
C SER A 62 0.59 2.04 10.01
N LYS A 63 0.83 0.89 9.37
CA LYS A 63 1.61 0.76 8.11
C LYS A 63 0.91 -0.12 7.01
N GLY A 64 1.60 -0.29 5.88
CA GLY A 64 1.15 -1.14 4.74
C GLY A 64 2.21 -1.52 3.67
N ARG A 65 1.84 -2.34 2.65
CA ARG A 65 2.71 -2.56 1.45
C ARG A 65 1.94 -3.03 0.13
N ILE A 66 1.85 -2.25 -0.98
CA ILE A 66 1.25 -2.70 -2.31
C ILE A 66 1.75 -4.11 -2.78
N VAL A 67 0.88 -5.11 -2.65
CA VAL A 67 1.17 -6.51 -2.99
C VAL A 67 0.73 -6.95 -4.43
N PHE A 68 1.53 -7.85 -5.05
CA PHE A 68 1.18 -8.50 -6.35
C PHE A 68 0.84 -10.04 -6.20
N ARG A 69 0.31 -10.48 -5.04
CA ARG A 69 -0.04 -11.90 -4.73
C ARG A 69 -1.29 -11.96 -3.76
N SER A 70 -1.94 -13.13 -3.64
CA SER A 70 -3.10 -13.33 -2.72
C SER A 70 -2.68 -13.90 -1.32
N ARG A 71 -2.02 -13.06 -0.50
CA ARG A 71 -1.50 -13.44 0.84
C ARG A 71 -2.42 -12.99 2.02
N ALA A 1 -8.54 -17.69 5.25
CA ALA A 1 -8.70 -17.20 6.64
C ALA A 1 -9.52 -15.88 6.84
N LYS A 2 -9.34 -14.85 5.99
CA LYS A 2 -10.04 -13.52 6.10
C LYS A 2 -9.49 -12.58 7.22
N GLU A 3 -9.45 -13.03 8.49
CA GLU A 3 -8.88 -12.25 9.64
C GLU A 3 -7.31 -12.25 9.82
N ASP A 4 -6.58 -12.28 8.71
CA ASP A 4 -5.11 -12.30 8.64
C ASP A 4 -4.53 -10.94 8.11
N ASN A 5 -3.36 -10.98 7.46
CA ASN A 5 -2.76 -9.78 6.81
C ASN A 5 -3.54 -9.48 5.47
N ILE A 6 -4.51 -8.55 5.49
CA ILE A 6 -5.44 -8.31 4.36
C ILE A 6 -4.90 -7.20 3.43
N GLU A 7 -5.14 -7.35 2.13
CA GLU A 7 -4.86 -6.29 1.12
C GLU A 7 -6.17 -5.55 0.79
N MET A 8 -6.03 -4.24 1.04
CA MET A 8 -7.22 -3.44 1.41
C MET A 8 -7.23 -1.90 1.09
N GLN A 9 -6.13 -1.36 0.58
CA GLN A 9 -5.91 0.11 0.50
C GLN A 9 -6.64 0.99 -0.56
N GLY A 10 -6.12 2.21 -0.73
CA GLY A 10 -6.85 3.29 -1.43
C GLY A 10 -6.17 4.25 -2.43
N THR A 11 -6.07 5.53 -2.04
CA THR A 11 -5.54 6.61 -2.93
C THR A 11 -4.15 7.05 -2.42
N VAL A 12 -3.13 7.25 -3.30
CA VAL A 12 -1.78 7.61 -2.77
C VAL A 12 -1.87 9.12 -2.25
N LEU A 13 -1.86 9.48 -0.95
CA LEU A 13 -1.75 10.93 -0.55
C LEU A 13 -0.33 11.53 -0.84
N GLU A 14 0.74 10.77 -0.55
CA GLU A 14 2.13 11.12 -0.97
C GLU A 14 2.84 9.89 -1.59
N THR A 15 3.72 10.17 -2.55
CA THR A 15 4.67 9.16 -3.14
C THR A 15 6.01 9.52 -2.44
N LEU A 16 6.38 8.71 -1.44
CA LEU A 16 7.42 9.10 -0.45
C LEU A 16 8.91 8.88 -0.99
N PRO A 17 10.04 9.14 -0.25
CA PRO A 17 11.42 9.19 -0.81
C PRO A 17 12.01 8.11 -1.76
N ASN A 18 11.86 6.79 -1.49
CA ASN A 18 12.25 5.71 -2.43
C ASN A 18 11.12 5.54 -3.49
N THR A 19 10.16 4.69 -3.19
CA THR A 19 8.91 4.51 -3.98
C THR A 19 7.89 4.00 -2.93
N MET A 20 7.41 4.94 -2.10
CA MET A 20 6.45 4.69 -1.02
C MET A 20 5.15 5.50 -1.15
N PHE A 21 4.17 5.30 -0.27
CA PHE A 21 2.76 5.75 -0.47
C PHE A 21 2.23 6.12 0.93
N ARG A 22 2.03 7.41 1.24
CA ARG A 22 1.28 7.80 2.47
C ARG A 22 -0.22 7.71 2.07
N VAL A 23 -0.85 6.58 2.34
CA VAL A 23 -2.16 6.22 1.68
C VAL A 23 -3.41 6.48 2.54
N GLU A 24 -4.44 7.00 1.89
CA GLU A 24 -5.78 7.10 2.53
C GLU A 24 -6.58 5.81 2.15
N LEU A 25 -6.92 4.96 3.13
CA LEU A 25 -7.62 3.67 2.89
C LEU A 25 -9.07 3.78 2.31
N GLU A 26 -9.65 2.60 2.10
CA GLU A 26 -11.11 2.49 1.80
C GLU A 26 -12.08 2.86 2.98
N ASN A 27 -11.63 2.71 4.24
CA ASN A 27 -12.38 3.19 5.43
C ASN A 27 -11.99 4.65 5.92
N GLY A 28 -11.18 5.42 5.15
CA GLY A 28 -10.71 6.77 5.56
C GLY A 28 -9.54 6.91 6.57
N HIS A 29 -8.75 5.85 6.81
CA HIS A 29 -7.59 5.88 7.74
C HIS A 29 -6.23 6.09 6.98
N VAL A 30 -5.37 7.03 7.44
CA VAL A 30 -4.07 7.33 6.78
C VAL A 30 -2.95 6.33 7.26
N VAL A 31 -2.30 5.73 6.26
CA VAL A 31 -1.23 4.70 6.46
C VAL A 31 0.15 5.05 5.78
N THR A 32 1.24 4.42 6.25
CA THR A 32 2.59 4.53 5.60
C THR A 32 2.92 3.19 4.86
N ALA A 33 3.21 3.22 3.54
CA ALA A 33 3.62 1.98 2.84
C ALA A 33 4.71 2.08 1.73
N HIS A 34 5.37 0.95 1.44
CA HIS A 34 6.18 0.76 0.20
C HIS A 34 5.36 -0.15 -0.77
N ILE A 35 5.79 -0.24 -2.04
CA ILE A 35 5.33 -1.34 -2.89
C ILE A 35 6.10 -2.69 -2.53
N SER A 36 5.77 -3.83 -3.17
CA SER A 36 6.59 -5.06 -3.05
C SER A 36 7.85 -4.92 -3.97
N GLY A 37 8.93 -4.33 -3.40
CA GLY A 37 10.20 -3.90 -4.07
C GLY A 37 10.67 -4.41 -5.45
N LYS A 38 10.61 -5.73 -5.64
CA LYS A 38 10.87 -6.41 -6.93
C LYS A 38 10.22 -5.83 -8.24
N MET A 39 8.92 -5.52 -8.14
CA MET A 39 8.16 -4.89 -9.26
C MET A 39 8.52 -3.42 -9.65
N ARG A 40 9.09 -2.56 -8.79
CA ARG A 40 9.57 -1.19 -9.15
C ARG A 40 10.24 -1.01 -10.57
N LYS A 41 11.09 -1.98 -10.97
CA LYS A 41 11.75 -2.02 -12.30
C LYS A 41 11.11 -2.89 -13.45
N ASN A 42 9.96 -3.49 -13.18
CA ASN A 42 9.13 -4.23 -14.16
C ASN A 42 7.82 -3.38 -14.39
N TYR A 43 7.04 -3.20 -13.32
CA TYR A 43 5.90 -2.25 -13.26
C TYR A 43 6.50 -0.82 -13.00
N ILE A 44 6.54 -0.01 -14.07
CA ILE A 44 7.03 1.40 -14.02
C ILE A 44 6.02 2.23 -13.16
N ARG A 45 6.60 2.63 -12.03
CA ARG A 45 5.88 3.20 -10.86
C ARG A 45 4.71 4.24 -10.99
N ILE A 46 4.01 4.26 -9.85
CA ILE A 46 2.76 5.05 -9.60
C ILE A 46 2.98 6.49 -9.03
N LEU A 47 1.95 7.33 -9.18
CA LEU A 47 2.00 8.80 -8.91
C LEU A 47 1.08 9.24 -7.71
N THR A 48 1.15 10.53 -7.35
CA THR A 48 0.40 11.12 -6.20
C THR A 48 -1.16 11.18 -6.40
N GLY A 49 -1.77 10.11 -5.93
CA GLY A 49 -3.21 9.78 -5.98
C GLY A 49 -3.69 8.47 -6.61
N ASP A 50 -2.77 7.69 -7.14
CA ASP A 50 -3.08 6.46 -7.88
C ASP A 50 -3.74 5.32 -7.03
N LYS A 51 -4.44 4.42 -7.71
CA LYS A 51 -5.23 3.35 -7.05
C LYS A 51 -4.40 2.12 -6.63
N VAL A 52 -3.96 2.30 -5.39
CA VAL A 52 -3.16 1.32 -4.62
C VAL A 52 -4.09 0.40 -3.75
N THR A 53 -3.62 -0.79 -3.42
CA THR A 53 -4.33 -1.74 -2.51
C THR A 53 -3.12 -2.47 -1.84
N VAL A 54 -2.93 -2.02 -0.61
CA VAL A 54 -1.70 -2.16 0.20
C VAL A 54 -2.01 -3.17 1.34
N GLU A 55 -1.16 -4.18 1.58
CA GLU A 55 -1.47 -5.19 2.61
C GLU A 55 -1.07 -4.73 4.04
N LEU A 56 -1.99 -4.84 5.00
CA LEU A 56 -1.73 -4.43 6.40
C LEU A 56 -1.60 -5.68 7.33
N THR A 57 -1.87 -5.50 8.63
CA THR A 57 -1.83 -6.56 9.64
C THR A 57 -3.03 -6.47 10.64
N PRO A 58 -3.34 -7.57 11.37
CA PRO A 58 -4.21 -7.54 12.59
C PRO A 58 -3.84 -6.52 13.73
N TYR A 59 -2.53 -6.43 14.01
CA TYR A 59 -1.97 -5.57 15.09
C TYR A 59 -1.64 -4.09 14.70
N ASP A 60 -0.90 -3.91 13.61
CA ASP A 60 -0.36 -2.59 13.17
C ASP A 60 -1.19 -1.95 12.02
N LEU A 61 -2.32 -1.33 12.39
CA LEU A 61 -3.28 -0.74 11.42
C LEU A 61 -2.84 0.56 10.66
N SER A 62 -1.97 1.41 11.22
CA SER A 62 -1.43 2.60 10.48
C SER A 62 -0.30 2.31 9.41
N LYS A 63 -0.06 1.04 9.00
CA LYS A 63 1.01 0.67 8.03
C LYS A 63 0.58 -0.42 6.99
N GLY A 64 1.46 -0.68 6.02
CA GLY A 64 1.28 -1.76 5.01
C GLY A 64 2.20 -1.78 3.78
N ARG A 65 1.86 -2.56 2.75
CA ARG A 65 2.63 -2.58 1.45
C ARG A 65 1.85 -3.04 0.16
N ILE A 66 1.75 -2.25 -0.94
CA ILE A 66 1.21 -2.71 -2.27
C ILE A 66 1.78 -4.08 -2.77
N VAL A 67 0.93 -5.10 -2.64
CA VAL A 67 1.23 -6.50 -3.03
C VAL A 67 0.70 -6.87 -4.44
N PHE A 68 1.45 -7.68 -5.21
CA PHE A 68 0.99 -8.21 -6.53
C PHE A 68 0.20 -9.56 -6.34
N ARG A 69 -1.02 -9.48 -5.76
CA ARG A 69 -1.88 -10.65 -5.43
C ARG A 69 -3.39 -10.23 -5.23
N SER A 70 -4.27 -11.22 -5.05
CA SER A 70 -5.73 -11.00 -4.86
C SER A 70 -6.28 -11.63 -3.53
N ARG A 71 -6.01 -11.01 -2.38
CA ARG A 71 -6.49 -11.48 -1.05
C ARG A 71 -7.27 -10.35 -0.29
N ALA A 1 -6.35 -18.14 17.12
CA ALA A 1 -6.03 -16.74 16.78
C ALA A 1 -5.19 -16.60 15.47
N LYS A 2 -5.84 -16.75 14.30
CA LYS A 2 -5.17 -16.66 12.98
C LYS A 2 -5.04 -15.18 12.48
N GLU A 3 -3.91 -14.51 12.81
CA GLU A 3 -3.67 -13.10 12.41
C GLU A 3 -2.94 -12.95 11.02
N ASP A 4 -3.61 -13.42 9.97
CA ASP A 4 -3.12 -13.36 8.57
C ASP A 4 -3.21 -11.93 7.91
N ASN A 5 -2.23 -11.57 7.08
CA ASN A 5 -2.18 -10.23 6.41
C ASN A 5 -3.30 -9.99 5.35
N ILE A 6 -4.10 -8.92 5.53
CA ILE A 6 -5.26 -8.59 4.66
C ILE A 6 -4.83 -7.56 3.57
N GLU A 7 -5.36 -7.75 2.36
CA GLU A 7 -5.25 -6.73 1.26
C GLU A 7 -6.53 -5.89 1.25
N MET A 8 -6.21 -4.61 1.41
CA MET A 8 -7.13 -3.67 2.09
C MET A 8 -6.48 -2.28 1.90
N GLN A 9 -6.87 -1.67 0.79
CA GLN A 9 -6.04 -0.63 0.20
C GLN A 9 -6.66 0.80 0.12
N GLY A 10 -6.26 1.60 -0.87
CA GLY A 10 -6.81 2.98 -1.03
C GLY A 10 -6.24 3.84 -2.18
N THR A 11 -5.98 5.14 -1.91
CA THR A 11 -5.47 6.09 -2.94
C THR A 11 -4.16 6.74 -2.41
N VAL A 12 -3.09 6.80 -3.25
CA VAL A 12 -1.81 7.42 -2.83
C VAL A 12 -2.06 8.96 -2.42
N LEU A 13 -1.85 9.41 -1.18
CA LEU A 13 -1.80 10.88 -0.86
C LEU A 13 -0.37 11.46 -1.15
N GLU A 14 0.72 10.76 -0.78
CA GLU A 14 2.10 11.13 -1.21
C GLU A 14 2.90 9.89 -1.70
N THR A 15 3.73 10.12 -2.70
CA THR A 15 4.75 9.12 -3.21
C THR A 15 6.04 9.60 -2.49
N LEU A 16 6.45 8.86 -1.48
CA LEU A 16 7.44 9.34 -0.48
C LEU A 16 8.95 9.25 -1.01
N PRO A 17 10.04 9.63 -0.29
CA PRO A 17 11.42 9.77 -0.83
C PRO A 17 12.07 8.67 -1.73
N ASN A 18 12.01 7.37 -1.36
CA ASN A 18 12.46 6.26 -2.24
C ASN A 18 11.30 5.94 -3.23
N THR A 19 10.42 5.00 -2.90
CA THR A 19 9.17 4.72 -3.67
C THR A 19 8.14 4.16 -2.64
N MET A 20 7.62 5.06 -1.79
CA MET A 20 6.59 4.74 -0.78
C MET A 20 5.29 5.55 -0.98
N PHE A 21 4.25 5.33 -0.18
CA PHE A 21 2.87 5.82 -0.46
C PHE A 21 2.30 6.26 0.91
N ARG A 22 2.08 7.56 1.14
CA ARG A 22 1.31 8.00 2.34
C ARG A 22 -0.18 7.87 1.94
N VAL A 23 -0.80 6.73 2.26
CA VAL A 23 -2.08 6.33 1.63
C VAL A 23 -3.34 6.59 2.49
N GLU A 24 -4.40 7.10 1.85
CA GLU A 24 -5.72 7.22 2.52
C GLU A 24 -6.47 5.87 2.25
N LEU A 25 -6.71 5.07 3.30
CA LEU A 25 -7.25 3.71 3.16
C LEU A 25 -8.77 3.70 2.78
N GLU A 26 -9.30 2.48 2.64
CA GLU A 26 -10.77 2.25 2.46
C GLU A 26 -11.66 2.49 3.73
N ASN A 27 -11.09 2.45 4.94
CA ASN A 27 -11.76 2.89 6.19
C ASN A 27 -11.55 4.40 6.57
N GLY A 28 -10.91 5.23 5.72
CA GLY A 28 -10.60 6.66 6.01
C GLY A 28 -9.36 7.02 6.88
N HIS A 29 -8.41 6.09 7.08
CA HIS A 29 -7.19 6.33 7.90
C HIS A 29 -5.93 6.56 7.00
N VAL A 30 -5.05 7.50 7.39
CA VAL A 30 -3.80 7.80 6.62
C VAL A 30 -2.64 6.85 7.13
N VAL A 31 -2.23 5.96 6.22
CA VAL A 31 -1.19 4.92 6.50
C VAL A 31 0.17 5.17 5.76
N THR A 32 1.27 4.64 6.33
CA THR A 32 2.60 4.65 5.66
C THR A 32 2.83 3.28 4.95
N ALA A 33 3.00 3.26 3.61
CA ALA A 33 3.28 1.99 2.90
C ALA A 33 4.37 2.04 1.80
N HIS A 34 4.91 0.87 1.49
CA HIS A 34 5.83 0.65 0.33
C HIS A 34 5.01 -0.10 -0.76
N ILE A 35 5.64 -0.46 -1.87
CA ILE A 35 5.11 -1.50 -2.76
C ILE A 35 5.67 -2.91 -2.30
N SER A 36 5.23 -4.01 -2.93
CA SER A 36 5.69 -5.39 -2.58
C SER A 36 7.11 -5.90 -3.00
N GLY A 37 8.05 -4.99 -3.31
CA GLY A 37 9.45 -5.35 -3.69
C GLY A 37 9.71 -5.99 -5.08
N LYS A 38 8.87 -6.96 -5.43
CA LYS A 38 8.93 -7.77 -6.67
C LYS A 38 8.72 -6.97 -8.01
N MET A 39 7.61 -6.23 -8.11
CA MET A 39 7.32 -5.37 -9.29
C MET A 39 8.23 -4.11 -9.50
N ARG A 40 8.92 -3.56 -8.48
CA ARG A 40 9.91 -2.46 -8.63
C ARG A 40 10.89 -2.52 -9.87
N LYS A 41 11.30 -3.74 -10.25
CA LYS A 41 12.17 -3.97 -11.44
C LYS A 41 11.49 -4.25 -12.84
N ASN A 42 10.17 -4.14 -12.88
CA ASN A 42 9.34 -4.08 -14.11
C ASN A 42 9.09 -2.55 -14.33
N TYR A 43 8.21 -1.97 -13.51
CA TYR A 43 8.03 -0.52 -13.35
C TYR A 43 8.56 -0.15 -11.91
N ILE A 44 9.28 0.97 -11.73
CA ILE A 44 9.71 1.41 -10.37
C ILE A 44 8.49 2.00 -9.55
N ARG A 45 7.96 3.16 -9.95
CA ARG A 45 6.90 3.88 -9.22
C ARG A 45 5.48 4.03 -9.86
N ILE A 46 4.62 4.48 -8.95
CA ILE A 46 3.21 4.92 -9.23
C ILE A 46 3.07 6.43 -8.82
N LEU A 47 1.95 7.07 -9.19
CA LEU A 47 1.78 8.56 -9.09
C LEU A 47 0.96 9.04 -7.86
N THR A 48 1.09 10.34 -7.53
CA THR A 48 0.34 11.00 -6.41
C THR A 48 -1.18 11.14 -6.73
N GLY A 49 -1.89 10.12 -6.27
CA GLY A 49 -3.35 9.89 -6.49
C GLY A 49 -3.77 8.63 -7.27
N ASP A 50 -2.90 7.59 -7.29
CA ASP A 50 -3.17 6.31 -7.95
C ASP A 50 -3.79 5.23 -7.01
N LYS A 51 -4.48 4.27 -7.62
CA LYS A 51 -5.22 3.21 -6.89
C LYS A 51 -4.36 1.96 -6.57
N VAL A 52 -3.65 2.16 -5.48
CA VAL A 52 -2.70 1.18 -4.89
C VAL A 52 -3.36 -0.06 -4.19
N THR A 53 -2.59 -1.14 -3.89
CA THR A 53 -3.10 -2.31 -3.09
C THR A 53 -2.28 -2.54 -1.80
N VAL A 54 -2.54 -1.72 -0.80
CA VAL A 54 -1.79 -1.62 0.44
C VAL A 54 -2.13 -2.82 1.38
N GLU A 55 -1.34 -3.90 1.33
CA GLU A 55 -1.61 -5.07 2.21
C GLU A 55 -1.01 -4.78 3.64
N LEU A 56 -1.75 -5.09 4.69
CA LEU A 56 -1.33 -4.77 6.09
C LEU A 56 -1.61 -5.97 7.07
N THR A 57 -1.56 -5.72 8.38
CA THR A 57 -1.85 -6.75 9.40
C THR A 57 -3.20 -6.49 10.17
N PRO A 58 -3.79 -7.54 10.81
CA PRO A 58 -4.85 -7.38 11.85
C PRO A 58 -4.58 -6.44 13.07
N TYR A 59 -3.33 -6.48 13.58
CA TYR A 59 -2.87 -5.70 14.76
C TYR A 59 -2.36 -4.25 14.45
N ASP A 60 -1.42 -4.13 13.51
CA ASP A 60 -0.71 -2.85 13.22
C ASP A 60 -1.34 -2.06 12.02
N LEU A 61 -2.44 -1.36 12.31
CA LEU A 61 -3.20 -0.58 11.29
C LEU A 61 -2.65 0.77 10.75
N SER A 62 -1.60 1.38 11.33
CA SER A 62 -0.96 2.59 10.77
C SER A 62 -0.05 2.39 9.49
N LYS A 63 0.15 1.15 8.99
CA LYS A 63 1.03 0.84 7.85
C LYS A 63 0.38 -0.05 6.74
N GLY A 64 1.15 -0.34 5.68
CA GLY A 64 0.75 -1.24 4.58
C GLY A 64 1.76 -1.49 3.45
N ARG A 65 1.35 -2.18 2.36
CA ARG A 65 2.24 -2.39 1.18
C ARG A 65 1.58 -2.84 -0.19
N ILE A 66 1.45 -1.96 -1.20
CA ILE A 66 1.10 -2.26 -2.62
C ILE A 66 1.48 -3.68 -3.22
N VAL A 67 0.58 -4.64 -3.04
CA VAL A 67 0.71 -6.02 -3.57
C VAL A 67 0.12 -6.17 -5.02
N PHE A 68 0.80 -6.95 -5.88
CA PHE A 68 0.35 -7.20 -7.29
C PHE A 68 -0.77 -8.30 -7.34
N ARG A 69 -2.04 -7.87 -7.38
CA ARG A 69 -3.21 -8.80 -7.38
C ARG A 69 -4.33 -8.33 -8.38
N SER A 70 -4.97 -9.28 -9.08
CA SER A 70 -6.09 -8.99 -10.02
C SER A 70 -7.49 -8.89 -9.29
N ARG A 71 -7.65 -7.86 -8.46
CA ARG A 71 -8.87 -7.60 -7.67
C ARG A 71 -10.00 -6.86 -8.47
N ALA A 1 -4.94 -19.78 11.67
CA ALA A 1 -4.87 -19.03 12.96
C ALA A 1 -3.89 -17.81 12.98
N LYS A 2 -2.61 -17.99 12.62
CA LYS A 2 -1.59 -16.89 12.57
C LYS A 2 -1.57 -15.96 11.30
N GLU A 3 -1.96 -16.48 10.12
CA GLU A 3 -1.98 -15.75 8.82
C GLU A 3 -3.23 -14.80 8.61
N ASP A 4 -3.40 -13.82 9.51
CA ASP A 4 -4.57 -12.88 9.50
C ASP A 4 -4.46 -11.52 8.73
N ASN A 5 -3.54 -11.48 7.77
CA ASN A 5 -3.23 -10.26 6.98
C ASN A 5 -4.33 -9.94 5.88
N ILE A 6 -4.85 -8.70 5.85
CA ILE A 6 -5.93 -8.28 4.90
C ILE A 6 -5.35 -7.31 3.83
N GLU A 7 -5.80 -7.43 2.58
CA GLU A 7 -5.47 -6.43 1.49
C GLU A 7 -6.65 -5.47 1.26
N MET A 8 -6.30 -4.21 1.51
CA MET A 8 -7.32 -3.27 2.05
C MET A 8 -7.06 -1.74 1.86
N GLN A 9 -6.52 -1.29 0.72
CA GLN A 9 -6.11 0.12 0.54
C GLN A 9 -6.69 0.95 -0.65
N GLY A 10 -6.19 2.20 -0.77
CA GLY A 10 -6.85 3.24 -1.58
C GLY A 10 -6.10 4.18 -2.54
N THR A 11 -6.02 5.48 -2.19
CA THR A 11 -5.40 6.50 -3.08
C THR A 11 -3.99 6.83 -2.55
N VAL A 12 -2.96 6.83 -3.43
CA VAL A 12 -1.61 7.31 -3.01
C VAL A 12 -1.80 8.86 -2.65
N LEU A 13 -1.77 9.31 -1.40
CA LEU A 13 -1.80 10.78 -1.10
C LEU A 13 -0.37 11.40 -1.10
N GLU A 14 0.67 10.68 -0.64
CA GLU A 14 2.08 11.05 -0.92
C GLU A 14 2.86 9.83 -1.50
N THR A 15 3.79 10.15 -2.37
CA THR A 15 4.82 9.17 -2.91
C THR A 15 6.09 9.69 -2.19
N LEU A 16 6.54 8.96 -1.19
CA LEU A 16 7.54 9.48 -0.22
C LEU A 16 9.03 9.56 -0.79
N PRO A 17 10.09 9.99 -0.04
CA PRO A 17 11.47 10.19 -0.60
C PRO A 17 12.19 9.02 -1.34
N ASN A 18 12.09 7.77 -0.85
CA ASN A 18 12.56 6.56 -1.59
C ASN A 18 11.42 6.16 -2.57
N THR A 19 10.52 5.26 -2.17
CA THR A 19 9.32 4.88 -2.99
C THR A 19 8.27 4.29 -1.99
N MET A 20 7.64 5.17 -1.20
CA MET A 20 6.53 4.78 -0.27
C MET A 20 5.23 5.59 -0.51
N PHE A 21 4.11 5.16 0.05
CA PHE A 21 2.76 5.65 -0.34
C PHE A 21 2.10 6.09 0.98
N ARG A 22 1.86 7.39 1.20
CA ARG A 22 1.05 7.82 2.38
C ARG A 22 -0.43 7.72 1.91
N VAL A 23 -1.02 6.56 2.17
CA VAL A 23 -2.28 6.15 1.51
C VAL A 23 -3.54 6.36 2.37
N GLU A 24 -4.58 6.93 1.76
CA GLU A 24 -5.92 6.96 2.41
C GLU A 24 -6.58 5.58 2.09
N LEU A 25 -6.86 4.72 3.07
CA LEU A 25 -7.51 3.41 2.81
C LEU A 25 -9.00 3.44 2.38
N GLU A 26 -9.50 2.24 2.10
CA GLU A 26 -10.98 2.04 1.94
C GLU A 26 -11.85 2.36 3.22
N ASN A 27 -11.22 2.48 4.41
CA ASN A 27 -11.90 3.06 5.63
C ASN A 27 -11.67 4.62 5.78
N GLY A 28 -10.87 5.29 4.91
CA GLY A 28 -10.58 6.74 5.01
C GLY A 28 -9.45 7.22 5.95
N HIS A 29 -8.84 6.31 6.72
CA HIS A 29 -7.69 6.62 7.62
C HIS A 29 -6.34 6.52 6.84
N VAL A 30 -5.40 7.42 7.16
CA VAL A 30 -4.10 7.53 6.44
C VAL A 30 -2.99 6.58 7.02
N VAL A 31 -2.35 5.85 6.11
CA VAL A 31 -1.29 4.83 6.43
C VAL A 31 0.03 4.96 5.59
N THR A 32 1.17 4.57 6.17
CA THR A 32 2.49 4.56 5.45
C THR A 32 2.75 3.16 4.80
N ALA A 33 3.01 3.09 3.47
CA ALA A 33 3.31 1.79 2.82
C ALA A 33 4.36 1.73 1.67
N HIS A 34 4.78 0.53 1.23
CA HIS A 34 5.69 0.36 0.05
C HIS A 34 5.03 -0.50 -1.09
N ILE A 35 5.17 -0.06 -2.36
CA ILE A 35 4.68 -0.81 -3.54
C ILE A 35 5.70 -1.96 -3.89
N SER A 36 5.28 -3.13 -4.41
CA SER A 36 6.19 -4.31 -4.56
C SER A 36 7.24 -4.17 -5.72
N GLY A 37 8.42 -3.65 -5.34
CA GLY A 37 9.53 -3.29 -6.27
C GLY A 37 9.98 -4.17 -7.45
N LYS A 38 9.83 -5.48 -7.36
CA LYS A 38 10.17 -6.44 -8.45
C LYS A 38 9.48 -6.16 -9.84
N MET A 39 8.17 -5.97 -9.78
CA MET A 39 7.29 -5.50 -10.88
C MET A 39 7.19 -3.92 -11.03
N ARG A 40 7.00 -3.27 -9.88
CA ARG A 40 6.59 -1.87 -9.72
C ARG A 40 7.74 -0.82 -9.83
N LYS A 41 8.88 -1.15 -9.25
CA LYS A 41 10.16 -0.44 -9.53
C LYS A 41 11.01 -1.12 -10.68
N ASN A 42 10.33 -1.59 -11.73
CA ASN A 42 10.95 -2.10 -13.00
C ASN A 42 10.95 -0.94 -14.06
N TYR A 43 9.82 -0.22 -14.15
CA TYR A 43 9.68 1.11 -14.76
C TYR A 43 10.45 2.18 -13.90
N ILE A 44 9.69 3.08 -13.31
CA ILE A 44 10.19 4.21 -12.47
C ILE A 44 9.47 4.09 -11.09
N ARG A 45 8.30 4.74 -10.92
CA ARG A 45 7.45 4.67 -9.73
C ARG A 45 5.95 4.83 -10.14
N ILE A 46 5.08 4.61 -9.15
CA ILE A 46 3.61 4.90 -9.25
C ILE A 46 3.34 6.37 -8.79
N LEU A 47 2.26 6.99 -9.32
CA LEU A 47 2.07 8.47 -9.19
C LEU A 47 1.34 8.92 -7.88
N THR A 48 1.50 10.21 -7.53
CA THR A 48 0.83 10.84 -6.36
C THR A 48 -0.70 11.08 -6.64
N GLY A 49 -1.44 9.99 -6.41
CA GLY A 49 -2.90 9.88 -6.67
C GLY A 49 -3.37 8.64 -7.48
N ASP A 50 -2.56 7.58 -7.50
CA ASP A 50 -2.88 6.31 -8.18
C ASP A 50 -3.59 5.29 -7.23
N LYS A 51 -4.25 4.32 -7.87
CA LYS A 51 -5.07 3.31 -7.17
C LYS A 51 -4.26 2.06 -6.72
N VAL A 52 -3.86 2.21 -5.48
CA VAL A 52 -3.09 1.23 -4.69
C VAL A 52 -4.06 0.43 -3.74
N THR A 53 -3.78 -0.85 -3.49
CA THR A 53 -4.53 -1.71 -2.51
C THR A 53 -3.37 -2.47 -1.80
N VAL A 54 -3.23 -2.11 -0.54
CA VAL A 54 -2.02 -2.28 0.29
C VAL A 54 -2.35 -3.24 1.46
N GLU A 55 -1.52 -4.28 1.70
CA GLU A 55 -1.82 -5.28 2.73
C GLU A 55 -1.26 -4.87 4.13
N LEU A 56 -2.09 -5.08 5.14
CA LEU A 56 -1.75 -4.82 6.56
C LEU A 56 -2.11 -6.07 7.43
N THR A 57 -2.06 -5.93 8.75
CA THR A 57 -2.48 -7.04 9.68
C THR A 57 -2.95 -6.47 11.06
N PRO A 58 -3.64 -7.28 11.90
CA PRO A 58 -4.02 -6.93 13.30
C PRO A 58 -3.13 -6.05 14.23
N TYR A 59 -1.83 -6.41 14.29
CA TYR A 59 -0.80 -5.60 15.03
C TYR A 59 -0.31 -4.34 14.25
N ASP A 60 -0.35 -4.46 12.91
CA ASP A 60 0.12 -3.44 11.94
C ASP A 60 -1.00 -2.51 11.40
N LEU A 61 -1.56 -1.63 12.25
CA LEU A 61 -2.72 -0.77 11.85
C LEU A 61 -2.41 0.58 11.16
N SER A 62 -1.39 1.33 11.60
CA SER A 62 -0.94 2.55 10.87
C SER A 62 -0.07 2.30 9.58
N LYS A 63 0.14 1.04 9.12
CA LYS A 63 1.05 0.73 7.99
C LYS A 63 0.56 -0.43 7.04
N GLY A 64 1.29 -0.64 5.95
CA GLY A 64 1.04 -1.77 5.00
C GLY A 64 2.00 -1.87 3.77
N ARG A 65 1.64 -2.67 2.75
CA ARG A 65 2.43 -2.75 1.47
C ARG A 65 1.57 -3.23 0.24
N ILE A 66 1.44 -2.48 -0.89
CA ILE A 66 0.78 -2.97 -2.15
C ILE A 66 1.18 -4.41 -2.64
N VAL A 67 0.18 -5.28 -2.57
CA VAL A 67 0.24 -6.66 -3.09
C VAL A 67 -0.35 -6.71 -4.55
N PHE A 68 -1.67 -6.54 -4.71
CA PHE A 68 -2.38 -6.58 -6.02
C PHE A 68 -3.83 -5.99 -5.88
N ARG A 69 -4.25 -5.08 -6.77
CA ARG A 69 -5.64 -4.53 -6.75
C ARG A 69 -6.64 -5.43 -7.56
N SER A 70 -6.97 -6.61 -7.02
CA SER A 70 -7.93 -7.58 -7.62
C SER A 70 -8.37 -8.61 -6.52
N ARG A 71 -9.23 -8.20 -5.58
CA ARG A 71 -9.71 -9.06 -4.46
C ARG A 71 -11.09 -9.71 -4.78
N ALA A 1 -1.05 -7.77 14.57
CA ALA A 1 -0.74 -9.05 15.26
C ALA A 1 -1.97 -9.65 16.01
N LYS A 2 -2.84 -10.37 15.26
CA LYS A 2 -4.05 -11.04 15.83
C LYS A 2 -4.43 -12.30 14.99
N GLU A 3 -5.01 -12.11 13.80
CA GLU A 3 -5.43 -13.21 12.90
C GLU A 3 -4.60 -13.18 11.58
N ASP A 4 -5.30 -12.97 10.49
CA ASP A 4 -4.77 -13.00 9.11
C ASP A 4 -4.49 -11.60 8.47
N ASN A 5 -3.32 -11.41 7.82
CA ASN A 5 -2.98 -10.13 7.15
C ASN A 5 -3.82 -9.90 5.84
N ILE A 6 -4.66 -8.87 5.82
CA ILE A 6 -5.65 -8.61 4.74
C ILE A 6 -5.12 -7.59 3.71
N GLU A 7 -5.47 -7.81 2.43
CA GLU A 7 -5.25 -6.79 1.36
C GLU A 7 -6.53 -5.95 1.23
N MET A 8 -6.23 -4.67 1.46
CA MET A 8 -7.19 -3.71 2.03
C MET A 8 -6.55 -2.32 1.83
N GLN A 9 -6.72 -1.82 0.60
CA GLN A 9 -5.83 -0.77 0.09
C GLN A 9 -6.32 0.71 0.20
N GLY A 10 -5.86 1.58 -0.72
CA GLY A 10 -6.09 3.04 -0.65
C GLY A 10 -5.84 3.94 -1.89
N THR A 11 -5.96 5.25 -1.65
CA THR A 11 -5.62 6.32 -2.64
C THR A 11 -4.21 6.82 -2.27
N VAL A 12 -3.23 6.88 -3.21
CA VAL A 12 -1.90 7.46 -2.87
C VAL A 12 -2.15 8.98 -2.44
N LEU A 13 -1.85 9.39 -1.21
CA LEU A 13 -1.89 10.85 -0.84
C LEU A 13 -0.45 11.51 -0.77
N GLU A 14 0.61 10.70 -0.69
CA GLU A 14 2.00 11.12 -1.03
C GLU A 14 2.78 9.92 -1.65
N THR A 15 3.59 10.23 -2.64
CA THR A 15 4.60 9.25 -3.20
C THR A 15 5.91 9.60 -2.44
N LEU A 16 6.21 8.78 -1.44
CA LEU A 16 7.23 9.09 -0.41
C LEU A 16 8.72 8.82 -0.94
N PRO A 17 9.78 9.49 -0.42
CA PRO A 17 11.19 9.48 -0.93
C PRO A 17 11.68 8.69 -2.20
N ASN A 18 11.89 7.36 -2.14
CA ASN A 18 12.26 6.56 -3.34
C ASN A 18 11.02 6.31 -4.26
N THR A 19 10.16 5.38 -3.87
CA THR A 19 8.85 5.12 -4.53
C THR A 19 7.95 4.46 -3.45
N MET A 20 7.45 5.27 -2.52
CA MET A 20 6.54 4.82 -1.44
C MET A 20 5.18 5.53 -1.49
N PHE A 21 4.24 5.31 -0.57
CA PHE A 21 2.82 5.73 -0.72
C PHE A 21 2.29 6.09 0.69
N ARG A 22 2.07 7.37 1.02
CA ARG A 22 1.36 7.74 2.28
C ARG A 22 -0.16 7.71 1.90
N VAL A 23 -0.78 6.58 2.17
CA VAL A 23 -2.10 6.20 1.59
C VAL A 23 -3.30 6.37 2.56
N GLU A 24 -4.39 6.94 2.06
CA GLU A 24 -5.69 6.94 2.82
C GLU A 24 -6.42 5.63 2.45
N LEU A 25 -6.55 4.70 3.40
CA LEU A 25 -7.17 3.39 3.14
C LEU A 25 -8.70 3.37 3.08
N GLU A 26 -9.19 2.20 2.67
CA GLU A 26 -10.63 1.84 2.78
C GLU A 26 -11.17 1.75 4.27
N ASN A 27 -10.29 1.72 5.29
CA ASN A 27 -10.70 1.97 6.72
C ASN A 27 -10.77 3.52 7.08
N GLY A 28 -10.25 4.43 6.24
CA GLY A 28 -10.23 5.89 6.48
C GLY A 28 -8.95 6.52 7.10
N HIS A 29 -8.13 5.70 7.78
CA HIS A 29 -6.86 6.15 8.40
C HIS A 29 -5.70 6.26 7.36
N VAL A 30 -4.81 7.25 7.53
CA VAL A 30 -3.64 7.47 6.64
C VAL A 30 -2.45 6.55 7.13
N VAL A 31 -2.01 5.69 6.21
CA VAL A 31 -0.97 4.65 6.46
C VAL A 31 0.30 4.84 5.56
N THR A 32 1.48 4.53 6.10
CA THR A 32 2.76 4.56 5.32
C THR A 32 2.99 3.19 4.60
N ALA A 33 3.22 3.21 3.27
CA ALA A 33 3.50 1.96 2.53
C ALA A 33 4.59 2.02 1.43
N HIS A 34 5.11 0.83 1.11
CA HIS A 34 5.99 0.60 -0.07
C HIS A 34 5.27 -0.43 -0.96
N ILE A 35 5.71 -0.55 -2.20
CA ILE A 35 5.27 -1.67 -3.05
C ILE A 35 6.02 -3.01 -2.68
N SER A 36 5.63 -4.17 -3.23
CA SER A 36 6.31 -5.48 -2.95
C SER A 36 7.70 -5.82 -3.60
N GLY A 37 8.39 -4.83 -4.17
CA GLY A 37 9.72 -5.01 -4.84
C GLY A 37 9.74 -5.77 -6.19
N LYS A 38 9.06 -6.92 -6.21
CA LYS A 38 8.92 -7.83 -7.37
C LYS A 38 8.17 -7.24 -8.60
N MET A 39 6.98 -6.66 -8.38
CA MET A 39 6.17 -5.99 -9.43
C MET A 39 6.69 -4.65 -10.03
N ARG A 40 7.60 -3.90 -9.40
CA ARG A 40 8.33 -2.75 -10.03
C ARG A 40 8.76 -2.93 -11.53
N LYS A 41 9.11 -4.16 -11.95
CA LYS A 41 9.41 -4.49 -13.38
C LYS A 41 8.20 -5.05 -14.21
N ASN A 42 7.02 -4.46 -13.97
CA ASN A 42 5.70 -4.78 -14.58
C ASN A 42 4.87 -3.44 -14.41
N TYR A 43 4.54 -3.11 -13.16
CA TYR A 43 4.05 -1.77 -12.74
C TYR A 43 5.31 -0.98 -12.26
N ILE A 44 5.87 -0.07 -13.08
CA ILE A 44 7.11 0.69 -12.70
C ILE A 44 6.81 1.75 -11.61
N ARG A 45 6.23 2.89 -11.97
CA ARG A 45 5.87 3.96 -11.02
C ARG A 45 4.46 4.59 -11.25
N ILE A 46 4.16 5.39 -10.24
CA ILE A 46 2.85 6.06 -10.01
C ILE A 46 3.09 7.46 -9.33
N LEU A 47 2.04 8.29 -9.29
CA LEU A 47 2.14 9.67 -8.73
C LEU A 47 1.12 9.88 -7.57
N THR A 48 1.02 11.12 -7.05
CA THR A 48 0.17 11.45 -5.88
C THR A 48 -1.36 11.52 -6.24
N GLY A 49 -1.98 10.34 -6.16
CA GLY A 49 -3.43 10.09 -6.43
C GLY A 49 -3.81 8.88 -7.33
N ASP A 50 -2.90 7.91 -7.42
CA ASP A 50 -3.03 6.70 -8.24
C ASP A 50 -3.56 5.44 -7.48
N LYS A 51 -3.87 4.40 -8.25
CA LYS A 51 -4.33 3.11 -7.70
C LYS A 51 -3.14 2.22 -7.21
N VAL A 52 -3.25 1.99 -5.93
CA VAL A 52 -2.29 1.20 -5.12
C VAL A 52 -3.00 0.07 -4.35
N THR A 53 -2.30 -1.04 -4.11
CA THR A 53 -2.70 -2.03 -3.08
C THR A 53 -1.93 -1.66 -1.78
N VAL A 54 -2.36 -2.15 -0.63
CA VAL A 54 -1.69 -1.85 0.64
C VAL A 54 -2.13 -3.00 1.60
N GLU A 55 -1.39 -4.13 1.61
CA GLU A 55 -1.71 -5.24 2.56
C GLU A 55 -1.20 -4.87 3.99
N LEU A 56 -1.97 -5.20 5.02
CA LEU A 56 -1.65 -4.82 6.43
C LEU A 56 -2.14 -5.89 7.46
N THR A 57 -2.13 -5.54 8.75
CA THR A 57 -2.57 -6.43 9.83
C THR A 57 -4.03 -6.15 10.34
N PRO A 58 -4.69 -7.14 11.02
CA PRO A 58 -5.92 -6.89 11.82
C PRO A 58 -5.87 -5.82 12.97
N TYR A 59 -4.76 -5.85 13.73
CA TYR A 59 -4.56 -5.01 14.95
C TYR A 59 -3.87 -3.64 14.77
N ASP A 60 -2.76 -3.60 14.00
CA ASP A 60 -1.90 -2.41 13.85
C ASP A 60 -2.16 -1.64 12.52
N LEU A 61 -3.20 -0.79 12.50
CA LEU A 61 -3.61 -0.02 11.29
C LEU A 61 -2.83 1.33 11.03
N SER A 62 -1.51 1.34 11.23
CA SER A 62 -0.60 2.48 10.92
C SER A 62 0.24 2.34 9.60
N LYS A 63 0.42 1.12 9.07
CA LYS A 63 1.25 0.84 7.87
C LYS A 63 0.60 -0.18 6.88
N GLY A 64 1.29 -0.45 5.77
CA GLY A 64 0.89 -1.47 4.77
C GLY A 64 1.82 -1.60 3.55
N ARG A 65 1.45 -2.37 2.50
CA ARG A 65 2.30 -2.50 1.27
C ARG A 65 1.60 -3.03 -0.04
N ILE A 66 1.59 -2.30 -1.18
CA ILE A 66 1.21 -2.83 -2.53
C ILE A 66 1.70 -4.27 -2.86
N VAL A 67 0.83 -5.23 -2.55
CA VAL A 67 1.13 -6.67 -2.80
C VAL A 67 1.12 -7.05 -4.31
N PHE A 68 -0.03 -7.02 -5.02
CA PHE A 68 -0.06 -7.27 -6.50
C PHE A 68 -1.08 -6.32 -7.23
N ARG A 69 -0.61 -5.11 -7.58
CA ARG A 69 -1.36 -4.16 -8.45
C ARG A 69 -0.60 -4.11 -9.81
N SER A 70 -0.91 -5.04 -10.74
CA SER A 70 -0.22 -5.10 -12.07
C SER A 70 -1.13 -5.73 -13.17
N ARG A 71 -1.24 -7.06 -13.23
CA ARG A 71 -2.01 -7.78 -14.27
C ARG A 71 -3.40 -8.24 -13.75
N ALA A 1 0.78 -12.70 3.61
CA ALA A 1 2.26 -12.82 3.76
C ALA A 1 2.67 -13.65 5.01
N LYS A 2 3.14 -14.89 4.80
CA LYS A 2 3.61 -15.83 5.87
C LYS A 2 2.48 -16.39 6.80
N GLU A 3 1.95 -15.59 7.72
CA GLU A 3 0.88 -15.98 8.66
C GLU A 3 -0.43 -15.19 8.30
N ASP A 4 -0.82 -14.33 9.21
CA ASP A 4 -2.07 -13.53 9.15
C ASP A 4 -1.86 -12.04 8.68
N ASN A 5 -2.39 -11.70 7.50
CA ASN A 5 -2.30 -10.33 6.91
C ASN A 5 -3.46 -10.09 5.87
N ILE A 6 -4.06 -8.89 5.84
CA ILE A 6 -5.18 -8.53 4.91
C ILE A 6 -4.68 -7.53 3.83
N GLU A 7 -5.12 -7.68 2.58
CA GLU A 7 -4.90 -6.64 1.51
C GLU A 7 -6.16 -5.78 1.33
N MET A 8 -5.88 -4.49 1.56
CA MET A 8 -6.90 -3.58 2.11
C MET A 8 -6.40 -2.11 2.07
N GLN A 9 -6.39 -1.45 0.91
CA GLN A 9 -6.02 -0.01 0.80
C GLN A 9 -6.78 0.91 -0.21
N GLY A 10 -6.21 2.09 -0.45
CA GLY A 10 -6.93 3.22 -1.11
C GLY A 10 -6.29 4.04 -2.24
N THR A 11 -5.96 5.32 -1.96
CA THR A 11 -5.38 6.24 -2.99
C THR A 11 -4.03 6.76 -2.47
N VAL A 12 -3.02 6.86 -3.35
CA VAL A 12 -1.68 7.36 -2.97
C VAL A 12 -1.83 8.92 -2.59
N LEU A 13 -1.89 9.36 -1.33
CA LEU A 13 -1.84 10.83 -1.03
C LEU A 13 -0.41 11.45 -1.22
N GLU A 14 0.65 10.78 -0.75
CA GLU A 14 2.04 11.14 -1.11
C GLU A 14 2.78 9.90 -1.72
N THR A 15 3.71 10.19 -2.64
CA THR A 15 4.70 9.15 -3.13
C THR A 15 5.99 9.53 -2.34
N LEU A 16 6.25 8.75 -1.29
CA LEU A 16 7.23 9.16 -0.25
C LEU A 16 8.73 8.89 -0.70
N PRO A 17 9.75 9.69 -0.23
CA PRO A 17 11.16 9.70 -0.71
C PRO A 17 11.67 8.93 -1.98
N ASN A 18 11.88 7.61 -1.93
CA ASN A 18 12.25 6.79 -3.12
C ASN A 18 10.99 6.49 -3.98
N THR A 19 10.23 5.47 -3.58
CA THR A 19 8.95 5.08 -4.22
C THR A 19 8.07 4.48 -3.09
N MET A 20 7.51 5.35 -2.22
CA MET A 20 6.60 4.92 -1.13
C MET A 20 5.20 5.57 -1.28
N PHE A 21 4.25 5.37 -0.35
CA PHE A 21 2.82 5.72 -0.58
C PHE A 21 2.28 6.15 0.81
N ARG A 22 2.01 7.43 1.05
CA ARG A 22 1.29 7.86 2.29
C ARG A 22 -0.21 7.73 1.91
N VAL A 23 -0.81 6.61 2.26
CA VAL A 23 -2.11 6.16 1.65
C VAL A 23 -3.32 6.38 2.56
N GLU A 24 -4.37 6.95 1.97
CA GLU A 24 -5.68 7.08 2.67
C GLU A 24 -6.50 5.81 2.32
N LEU A 25 -6.72 4.93 3.31
CA LEU A 25 -7.41 3.64 3.14
C LEU A 25 -8.86 3.65 2.55
N GLU A 26 -9.39 2.43 2.44
CA GLU A 26 -10.86 2.23 2.21
C GLU A 26 -11.78 2.67 3.40
N ASN A 27 -11.24 2.68 4.63
CA ASN A 27 -11.87 3.27 5.84
C ASN A 27 -11.75 4.84 5.95
N GLY A 28 -10.89 5.50 5.15
CA GLY A 28 -10.52 6.93 5.31
C GLY A 28 -9.31 7.25 6.24
N HIS A 29 -8.57 6.24 6.74
CA HIS A 29 -7.41 6.44 7.66
C HIS A 29 -6.05 6.56 6.88
N VAL A 30 -5.21 7.57 7.21
CA VAL A 30 -3.89 7.76 6.54
C VAL A 30 -2.76 6.89 7.20
N VAL A 31 -2.10 6.10 6.35
CA VAL A 31 -1.01 5.16 6.75
C VAL A 31 0.27 5.26 5.84
N THR A 32 1.45 4.90 6.37
CA THR A 32 2.72 4.84 5.58
C THR A 32 2.90 3.45 4.91
N ALA A 33 3.12 3.40 3.58
CA ALA A 33 3.37 2.13 2.87
C ALA A 33 4.42 2.15 1.73
N HIS A 34 4.80 0.95 1.26
CA HIS A 34 5.74 0.76 0.14
C HIS A 34 5.29 -0.37 -0.82
N ILE A 35 5.46 -0.19 -2.13
CA ILE A 35 5.20 -1.24 -3.11
C ILE A 35 6.33 -2.35 -3.05
N SER A 36 5.95 -3.63 -3.13
CA SER A 36 6.91 -4.74 -2.90
C SER A 36 7.91 -4.92 -4.09
N GLY A 37 9.23 -4.97 -3.80
CA GLY A 37 10.30 -5.20 -4.83
C GLY A 37 10.13 -6.36 -5.86
N LYS A 38 9.40 -7.40 -5.43
CA LYS A 38 8.93 -8.52 -6.27
C LYS A 38 8.05 -8.10 -7.49
N MET A 39 7.01 -7.29 -7.25
CA MET A 39 6.16 -6.69 -8.31
C MET A 39 6.75 -5.46 -9.04
N ARG A 40 7.55 -4.57 -8.42
CA ARG A 40 8.22 -3.43 -9.13
C ARG A 40 8.78 -3.69 -10.58
N LYS A 41 9.35 -4.89 -10.79
CA LYS A 41 9.83 -5.36 -12.14
C LYS A 41 8.83 -6.21 -13.00
N ASN A 42 7.54 -5.93 -12.81
CA ASN A 42 6.37 -6.52 -13.50
C ASN A 42 5.36 -5.32 -13.63
N TYR A 43 4.87 -4.85 -12.47
CA TYR A 43 4.13 -3.58 -12.31
C TYR A 43 5.14 -2.38 -12.35
N ILE A 44 5.26 -1.75 -13.53
CA ILE A 44 6.06 -0.51 -13.72
C ILE A 44 5.27 0.63 -12.99
N ARG A 45 5.94 1.05 -11.92
CA ARG A 45 5.37 1.91 -10.83
C ARG A 45 4.42 3.13 -11.08
N ILE A 46 3.90 3.53 -9.92
CA ILE A 46 2.81 4.53 -9.73
C ILE A 46 3.23 5.93 -9.18
N LEU A 47 2.29 6.90 -9.31
CA LEU A 47 2.54 8.33 -9.00
C LEU A 47 1.56 8.88 -7.90
N THR A 48 1.70 10.17 -7.53
CA THR A 48 0.89 10.82 -6.46
C THR A 48 -0.61 11.03 -6.87
N GLY A 49 -1.42 10.09 -6.42
CA GLY A 49 -2.88 10.01 -6.69
C GLY A 49 -3.41 8.82 -7.51
N ASP A 50 -2.64 7.74 -7.55
CA ASP A 50 -3.00 6.48 -8.22
C ASP A 50 -3.71 5.48 -7.26
N LYS A 51 -4.41 4.51 -7.85
CA LYS A 51 -5.22 3.54 -7.07
C LYS A 51 -4.40 2.30 -6.64
N VAL A 52 -4.33 2.24 -5.33
CA VAL A 52 -3.54 1.24 -4.57
C VAL A 52 -4.46 0.38 -3.62
N THR A 53 -4.03 -0.86 -3.34
CA THR A 53 -4.68 -1.79 -2.36
C THR A 53 -3.40 -2.47 -1.75
N VAL A 54 -3.23 -2.16 -0.48
CA VAL A 54 -1.91 -2.21 0.21
C VAL A 54 -2.09 -3.05 1.49
N GLU A 55 -1.25 -4.10 1.62
CA GLU A 55 -1.42 -5.07 2.72
C GLU A 55 -0.89 -4.59 4.10
N LEU A 56 -1.69 -4.84 5.11
CA LEU A 56 -1.40 -4.54 6.53
C LEU A 56 -1.77 -5.79 7.39
N THR A 57 -1.61 -5.71 8.72
CA THR A 57 -1.96 -6.84 9.61
C THR A 57 -3.42 -6.75 10.22
N PRO A 58 -3.98 -7.86 10.78
CA PRO A 58 -5.20 -7.85 11.63
C PRO A 58 -5.13 -7.01 12.95
N TYR A 59 -3.94 -7.10 13.56
CA TYR A 59 -3.62 -6.44 14.86
C TYR A 59 -3.02 -4.99 14.75
N ASP A 60 -1.94 -4.86 13.98
CA ASP A 60 -1.13 -3.61 13.90
C ASP A 60 -1.41 -2.78 12.59
N LEU A 61 -2.52 -2.02 12.62
CA LEU A 61 -2.99 -1.24 11.44
C LEU A 61 -2.31 0.13 11.06
N SER A 62 -1.27 0.62 11.76
CA SER A 62 -0.60 1.91 11.40
C SER A 62 0.27 1.97 10.09
N LYS A 63 0.56 0.85 9.41
CA LYS A 63 1.42 0.78 8.20
C LYS A 63 0.76 -0.04 7.02
N GLY A 64 1.51 -0.18 5.92
CA GLY A 64 1.07 -0.94 4.73
C GLY A 64 2.14 -1.35 3.68
N ARG A 65 1.76 -2.14 2.66
CA ARG A 65 2.63 -2.41 1.46
C ARG A 65 1.80 -2.79 0.16
N ILE A 66 1.74 -1.97 -0.92
CA ILE A 66 1.11 -2.33 -2.24
C ILE A 66 1.53 -3.74 -2.82
N VAL A 67 0.63 -4.72 -2.69
CA VAL A 67 0.87 -6.14 -3.08
C VAL A 67 0.39 -6.66 -4.48
N PHE A 68 -0.50 -5.98 -5.24
CA PHE A 68 -1.11 -6.47 -6.53
C PHE A 68 -0.50 -7.70 -7.30
N ARG A 69 0.71 -7.59 -7.89
CA ARG A 69 1.36 -8.71 -8.64
C ARG A 69 2.47 -9.46 -7.81
N SER A 70 2.21 -9.80 -6.53
CA SER A 70 3.21 -10.45 -5.64
C SER A 70 2.54 -11.41 -4.59
N ARG A 71 2.26 -10.95 -3.35
CA ARG A 71 1.72 -11.82 -2.27
C ARG A 71 0.72 -11.03 -1.36
N ALA A 1 -9.50 -14.79 4.97
CA ALA A 1 -9.17 -13.43 4.47
C ALA A 1 -9.03 -12.35 5.59
N LYS A 2 -10.05 -12.15 6.45
CA LYS A 2 -10.00 -11.13 7.54
C LYS A 2 -9.05 -11.47 8.76
N GLU A 3 -8.97 -12.73 9.21
CA GLU A 3 -8.07 -13.14 10.33
C GLU A 3 -6.53 -13.37 9.99
N ASP A 4 -6.00 -12.63 9.01
CA ASP A 4 -4.57 -12.69 8.58
C ASP A 4 -4.14 -11.26 8.06
N ASN A 5 -3.04 -11.20 7.29
CA ASN A 5 -2.56 -9.92 6.70
C ASN A 5 -3.44 -9.54 5.45
N ILE A 6 -4.39 -8.60 5.61
CA ILE A 6 -5.42 -8.28 4.57
C ILE A 6 -4.90 -7.24 3.56
N GLU A 7 -5.26 -7.41 2.28
CA GLU A 7 -5.03 -6.34 1.24
C GLU A 7 -6.31 -5.52 1.04
N MET A 8 -6.09 -4.23 1.26
CA MET A 8 -7.22 -3.38 1.74
C MET A 8 -7.21 -1.85 1.47
N GLN A 9 -6.31 -1.33 0.64
CA GLN A 9 -6.06 0.14 0.56
C GLN A 9 -6.72 1.00 -0.56
N GLY A 10 -6.16 2.20 -0.79
CA GLY A 10 -6.87 3.27 -1.56
C GLY A 10 -6.17 4.25 -2.51
N THR A 11 -6.02 5.51 -2.08
CA THR A 11 -5.48 6.60 -2.93
C THR A 11 -4.05 6.94 -2.46
N VAL A 12 -3.07 7.03 -3.39
CA VAL A 12 -1.72 7.51 -3.02
C VAL A 12 -1.90 9.04 -2.62
N LEU A 13 -1.87 9.44 -1.35
CA LEU A 13 -1.86 10.90 -0.99
C LEU A 13 -0.42 11.50 -0.99
N GLU A 14 0.63 10.70 -0.70
CA GLU A 14 2.03 11.08 -0.99
C GLU A 14 2.83 9.87 -1.54
N THR A 15 3.81 10.14 -2.38
CA THR A 15 4.84 9.11 -2.80
C THR A 15 6.01 9.43 -1.82
N LEU A 16 6.33 8.46 -0.97
CA LEU A 16 7.07 8.73 0.31
C LEU A 16 8.63 8.98 0.08
N PRO A 17 9.70 8.18 0.38
CA PRO A 17 11.10 8.57 0.02
C PRO A 17 11.52 8.27 -1.47
N ASN A 18 11.68 7.00 -1.88
CA ASN A 18 12.02 6.62 -3.28
C ASN A 18 10.75 6.56 -4.19
N THR A 19 9.93 5.53 -3.99
CA THR A 19 8.61 5.35 -4.68
C THR A 19 7.73 4.54 -3.68
N MET A 20 7.33 5.26 -2.61
CA MET A 20 6.50 4.72 -1.49
C MET A 20 5.11 5.42 -1.45
N PHE A 21 4.25 5.35 -0.42
CA PHE A 21 2.78 5.73 -0.54
C PHE A 21 2.21 6.12 0.87
N ARG A 22 1.91 7.39 1.15
CA ARG A 22 1.16 7.77 2.38
C ARG A 22 -0.34 7.69 1.96
N VAL A 23 -0.96 6.56 2.28
CA VAL A 23 -2.25 6.16 1.63
C VAL A 23 -3.50 6.34 2.52
N GLU A 24 -4.55 6.88 1.91
CA GLU A 24 -5.90 6.93 2.56
C GLU A 24 -6.66 5.65 2.12
N LEU A 25 -6.94 4.71 3.04
CA LEU A 25 -7.69 3.47 2.73
C LEU A 25 -9.19 3.59 2.37
N GLU A 26 -9.77 2.44 2.03
CA GLU A 26 -11.27 2.35 1.92
C GLU A 26 -12.05 2.60 3.26
N ASN A 27 -11.38 2.58 4.44
CA ASN A 27 -11.99 3.04 5.73
C ASN A 27 -11.73 4.58 6.00
N GLY A 28 -10.93 5.30 5.17
CA GLY A 28 -10.61 6.73 5.39
C GLY A 28 -9.38 7.09 6.28
N HIS A 29 -8.85 6.12 7.02
CA HIS A 29 -7.66 6.29 7.90
C HIS A 29 -6.34 6.28 7.06
N VAL A 30 -5.43 7.23 7.35
CA VAL A 30 -4.14 7.36 6.60
C VAL A 30 -3.03 6.42 7.18
N VAL A 31 -2.42 5.68 6.25
CA VAL A 31 -1.34 4.68 6.54
C VAL A 31 0.00 5.00 5.78
N THR A 32 1.12 4.50 6.31
CA THR A 32 2.46 4.61 5.66
C THR A 32 2.80 3.29 4.90
N ALA A 33 3.10 3.33 3.59
CA ALA A 33 3.49 2.10 2.86
C ALA A 33 4.57 2.20 1.75
N HIS A 34 5.14 1.05 1.42
CA HIS A 34 5.95 0.85 0.18
C HIS A 34 5.11 -0.03 -0.80
N ILE A 35 5.64 -0.33 -1.99
CA ILE A 35 5.16 -1.52 -2.74
C ILE A 35 5.95 -2.78 -2.20
N SER A 36 5.59 -4.03 -2.54
CA SER A 36 6.34 -5.24 -2.08
C SER A 36 7.74 -5.56 -2.68
N GLY A 37 8.39 -4.59 -3.35
CA GLY A 37 9.75 -4.72 -3.96
C GLY A 37 9.90 -5.61 -5.22
N LYS A 38 9.39 -6.83 -5.08
CA LYS A 38 9.37 -7.89 -6.12
C LYS A 38 8.57 -7.56 -7.42
N MET A 39 7.35 -7.02 -7.27
CA MET A 39 6.53 -6.56 -8.43
C MET A 39 6.96 -5.25 -9.15
N ARG A 40 7.80 -4.36 -8.59
CA ARG A 40 8.38 -3.20 -9.32
C ARG A 40 8.80 -3.44 -10.83
N LYS A 41 9.38 -4.62 -11.12
CA LYS A 41 9.72 -5.07 -12.50
C LYS A 41 8.64 -5.96 -13.24
N ASN A 42 7.36 -5.68 -12.96
CA ASN A 42 6.14 -6.31 -13.54
C ASN A 42 5.07 -5.15 -13.56
N TYR A 43 4.70 -4.67 -12.36
CA TYR A 43 3.93 -3.44 -12.13
C TYR A 43 4.92 -2.21 -12.25
N ILE A 44 4.99 -1.64 -13.47
CA ILE A 44 5.80 -0.43 -13.78
C ILE A 44 5.08 0.76 -13.05
N ARG A 45 5.79 1.13 -12.01
CA ARG A 45 5.29 1.93 -10.86
C ARG A 45 4.45 3.25 -11.09
N ILE A 46 4.02 3.74 -9.93
CA ILE A 46 2.93 4.75 -9.76
C ILE A 46 3.37 6.09 -9.07
N LEU A 47 2.48 7.09 -9.14
CA LEU A 47 2.77 8.49 -8.71
C LEU A 47 1.73 9.04 -7.68
N THR A 48 1.88 10.30 -7.25
CA THR A 48 0.99 10.97 -6.25
C THR A 48 -0.48 11.22 -6.76
N GLY A 49 -1.32 10.25 -6.40
CA GLY A 49 -2.77 10.22 -6.76
C GLY A 49 -3.29 9.02 -7.60
N ASP A 50 -2.52 7.94 -7.61
CA ASP A 50 -2.86 6.68 -8.30
C ASP A 50 -3.58 5.65 -7.39
N LYS A 51 -4.21 4.65 -8.03
CA LYS A 51 -4.99 3.63 -7.31
C LYS A 51 -4.13 2.43 -6.83
N VAL A 52 -4.15 2.34 -5.52
CA VAL A 52 -3.37 1.36 -4.73
C VAL A 52 -4.31 0.47 -3.84
N THR A 53 -3.82 -0.71 -3.46
CA THR A 53 -4.52 -1.64 -2.52
C THR A 53 -3.29 -2.35 -1.85
N VAL A 54 -3.13 -1.93 -0.60
CA VAL A 54 -1.88 -2.06 0.20
C VAL A 54 -2.17 -3.07 1.36
N GLU A 55 -1.30 -4.07 1.57
CA GLU A 55 -1.55 -5.09 2.62
C GLU A 55 -1.07 -4.61 4.01
N LEU A 56 -1.87 -4.85 5.04
CA LEU A 56 -1.53 -4.48 6.44
C LEU A 56 -1.58 -5.75 7.37
N THR A 57 -1.53 -5.55 8.69
CA THR A 57 -1.55 -6.66 9.68
C THR A 57 -2.78 -6.64 10.66
N PRO A 58 -3.09 -7.80 11.31
CA PRO A 58 -3.99 -7.85 12.50
C PRO A 58 -3.68 -6.91 13.72
N TYR A 59 -2.38 -6.79 14.05
CA TYR A 59 -1.89 -5.96 15.18
C TYR A 59 -1.58 -4.46 14.84
N ASP A 60 -0.74 -4.26 13.82
CA ASP A 60 -0.22 -2.92 13.45
C ASP A 60 -0.98 -2.27 12.25
N LEU A 61 -2.16 -1.71 12.56
CA LEU A 61 -3.04 -1.07 11.54
C LEU A 61 -2.58 0.28 10.90
N SER A 62 -1.69 1.07 11.52
CA SER A 62 -1.14 2.33 10.92
C SER A 62 -0.11 2.18 9.73
N LYS A 63 0.19 0.96 9.23
CA LYS A 63 1.19 0.72 8.15
C LYS A 63 0.62 -0.04 6.91
N GLY A 64 1.51 -0.38 5.96
CA GLY A 64 1.12 -1.03 4.69
C GLY A 64 2.20 -1.45 3.67
N ARG A 65 1.77 -2.26 2.67
CA ARG A 65 2.59 -2.54 1.46
C ARG A 65 1.75 -2.92 0.16
N ILE A 66 1.64 -2.11 -0.91
CA ILE A 66 1.06 -2.53 -2.24
C ILE A 66 1.52 -3.94 -2.78
N VAL A 67 0.60 -4.89 -2.67
CA VAL A 67 0.69 -6.25 -3.23
C VAL A 67 -0.05 -6.36 -4.63
N PHE A 68 -1.25 -5.76 -4.76
CA PHE A 68 -2.03 -5.62 -6.03
C PHE A 68 -2.37 -6.91 -6.86
N ARG A 69 -1.47 -7.32 -7.78
CA ARG A 69 -1.71 -8.46 -8.72
C ARG A 69 -0.54 -9.49 -8.91
N SER A 70 0.34 -9.69 -7.90
CA SER A 70 1.48 -10.64 -7.99
C SER A 70 1.92 -11.20 -6.60
N ARG A 71 2.65 -10.41 -5.79
CA ARG A 71 3.23 -10.86 -4.51
C ARG A 71 2.93 -9.83 -3.39
N ALA A 1 -5.77 -11.71 16.12
CA ALA A 1 -5.26 -12.02 14.76
C ALA A 1 -3.98 -11.20 14.38
N LYS A 2 -2.82 -11.58 14.94
CA LYS A 2 -1.52 -10.90 14.70
C LYS A 2 -0.94 -11.16 13.26
N GLU A 3 -0.30 -12.32 13.03
CA GLU A 3 0.26 -12.70 11.69
C GLU A 3 -0.77 -13.28 10.64
N ASP A 4 -1.93 -12.60 10.51
CA ASP A 4 -3.05 -12.95 9.57
C ASP A 4 -3.32 -11.80 8.54
N ASN A 5 -2.23 -11.32 7.97
CA ASN A 5 -2.14 -10.10 7.11
C ASN A 5 -3.17 -9.92 5.94
N ILE A 6 -3.88 -8.78 5.91
CA ILE A 6 -4.93 -8.46 4.91
C ILE A 6 -4.38 -7.43 3.88
N GLU A 7 -4.89 -7.46 2.65
CA GLU A 7 -4.65 -6.39 1.63
C GLU A 7 -5.92 -5.57 1.43
N MET A 8 -5.71 -4.27 1.62
CA MET A 8 -6.83 -3.42 2.09
C MET A 8 -6.84 -1.90 1.75
N GLN A 9 -5.90 -1.37 0.98
CA GLN A 9 -5.69 0.10 0.84
C GLN A 9 -6.50 0.94 -0.19
N GLY A 10 -6.03 2.18 -0.41
CA GLY A 10 -6.83 3.22 -1.09
C GLY A 10 -6.18 4.19 -2.10
N THR A 11 -6.10 5.48 -1.74
CA THR A 11 -5.59 6.53 -2.64
C THR A 11 -4.14 6.89 -2.24
N VAL A 12 -3.20 6.93 -3.20
CA VAL A 12 -1.83 7.44 -2.91
C VAL A 12 -2.02 8.97 -2.53
N LEU A 13 -1.82 9.44 -1.30
CA LEU A 13 -1.84 10.93 -1.01
C LEU A 13 -0.42 11.57 -1.09
N GLU A 14 0.65 10.85 -0.70
CA GLU A 14 2.03 11.21 -1.06
C GLU A 14 2.76 9.99 -1.71
N THR A 15 3.66 10.30 -2.62
CA THR A 15 4.62 9.32 -3.24
C THR A 15 5.95 9.70 -2.52
N LEU A 16 6.37 8.86 -1.57
CA LEU A 16 7.36 9.30 -0.53
C LEU A 16 8.89 9.24 -1.02
N PRO A 17 10.00 8.80 -0.34
CA PRO A 17 11.39 8.96 -0.88
C PRO A 17 11.82 8.03 -2.06
N ASN A 18 12.08 6.73 -1.82
CA ASN A 18 12.45 5.75 -2.88
C ASN A 18 11.30 5.55 -3.91
N THR A 19 10.20 4.95 -3.47
CA THR A 19 8.92 4.80 -4.22
C THR A 19 7.95 4.29 -3.12
N MET A 20 7.47 5.22 -2.29
CA MET A 20 6.54 4.92 -1.18
C MET A 20 5.19 5.66 -1.32
N PHE A 21 4.24 5.45 -0.42
CA PHE A 21 2.82 5.87 -0.61
C PHE A 21 2.28 6.27 0.79
N ARG A 22 2.02 7.56 1.08
CA ARG A 22 1.28 7.92 2.31
C ARG A 22 -0.22 7.80 1.92
N VAL A 23 -0.80 6.65 2.22
CA VAL A 23 -2.10 6.22 1.62
C VAL A 23 -3.30 6.42 2.56
N GLU A 24 -4.36 6.99 2.00
CA GLU A 24 -5.67 7.07 2.71
C GLU A 24 -6.49 5.82 2.28
N LEU A 25 -6.75 4.91 3.23
CA LEU A 25 -7.43 3.64 3.03
C LEU A 25 -8.84 3.59 2.37
N GLU A 26 -9.32 2.35 2.29
CA GLU A 26 -10.76 2.08 1.96
C GLU A 26 -11.77 2.48 3.09
N ASN A 27 -11.36 2.45 4.38
CA ASN A 27 -12.14 3.01 5.50
C ASN A 27 -11.79 4.53 5.83
N GLY A 28 -10.92 5.21 5.03
CA GLY A 28 -10.48 6.59 5.29
C GLY A 28 -9.28 6.84 6.24
N HIS A 29 -8.53 5.82 6.70
CA HIS A 29 -7.36 6.04 7.62
C HIS A 29 -6.00 6.22 6.85
N VAL A 30 -5.17 7.15 7.32
CA VAL A 30 -3.86 7.48 6.67
C VAL A 30 -2.69 6.59 7.22
N VAL A 31 -2.02 5.90 6.28
CA VAL A 31 -0.90 4.94 6.58
C VAL A 31 0.36 5.16 5.69
N THR A 32 1.55 4.80 6.22
CA THR A 32 2.82 4.83 5.44
C THR A 32 3.09 3.45 4.75
N ALA A 33 3.39 3.45 3.44
CA ALA A 33 3.74 2.18 2.75
C ALA A 33 4.81 2.23 1.63
N HIS A 34 5.47 1.10 1.39
CA HIS A 34 6.29 0.86 0.17
C HIS A 34 5.49 -0.07 -0.79
N ILE A 35 6.08 -0.34 -1.96
CA ILE A 35 5.60 -1.41 -2.84
C ILE A 35 6.32 -2.78 -2.41
N SER A 36 5.79 -3.94 -2.80
CA SER A 36 6.36 -5.28 -2.41
C SER A 36 7.61 -5.82 -3.17
N GLY A 37 8.45 -4.96 -3.76
CA GLY A 37 9.62 -5.40 -4.60
C GLY A 37 9.30 -5.99 -6.00
N LYS A 38 8.31 -6.89 -6.02
CA LYS A 38 7.79 -7.61 -7.22
C LYS A 38 7.23 -6.73 -8.37
N MET A 39 6.37 -5.76 -8.04
CA MET A 39 5.79 -4.81 -9.03
C MET A 39 6.71 -3.72 -9.64
N ARG A 40 7.83 -3.31 -9.02
CA ARG A 40 8.86 -2.41 -9.65
C ARG A 40 9.22 -2.68 -11.16
N LYS A 41 9.20 -3.96 -11.54
CA LYS A 41 9.43 -4.43 -12.92
C LYS A 41 8.23 -4.45 -13.93
N ASN A 42 7.03 -4.27 -13.39
CA ASN A 42 5.78 -4.01 -14.17
C ASN A 42 5.69 -2.45 -14.33
N TYR A 43 5.37 -1.75 -13.24
CA TYR A 43 5.48 -0.29 -13.13
C TYR A 43 6.77 0.09 -12.33
N ILE A 44 7.59 1.02 -12.83
CA ILE A 44 8.71 1.59 -11.99
C ILE A 44 8.14 2.49 -10.85
N ARG A 45 7.25 3.45 -11.18
CA ARG A 45 6.48 4.27 -10.21
C ARG A 45 4.94 4.31 -10.54
N ILE A 46 4.24 4.96 -9.60
CA ILE A 46 2.78 5.28 -9.64
C ILE A 46 2.57 6.76 -9.20
N LEU A 47 1.41 7.34 -9.53
CA LEU A 47 1.17 8.81 -9.37
C LEU A 47 0.64 9.21 -7.96
N THR A 48 0.81 10.50 -7.61
CA THR A 48 0.27 11.07 -6.34
C THR A 48 -1.29 11.29 -6.46
N GLY A 49 -1.98 10.17 -6.28
CA GLY A 49 -3.47 10.04 -6.40
C GLY A 49 -4.00 8.80 -7.16
N ASP A 50 -3.19 7.74 -7.24
CA ASP A 50 -3.55 6.46 -7.90
C ASP A 50 -4.16 5.43 -6.90
N LYS A 51 -4.89 4.45 -7.46
CA LYS A 51 -5.65 3.46 -6.68
C LYS A 51 -4.85 2.17 -6.34
N VAL A 52 -4.15 2.35 -5.24
CA VAL A 52 -3.31 1.34 -4.57
C VAL A 52 -4.15 0.43 -3.60
N THR A 53 -3.64 -0.76 -3.28
CA THR A 53 -4.26 -1.69 -2.28
C THR A 53 -2.98 -2.38 -1.68
N VAL A 54 -2.79 -2.06 -0.42
CA VAL A 54 -1.51 -2.17 0.32
C VAL A 54 -1.74 -3.17 1.49
N GLU A 55 -0.84 -4.16 1.66
CA GLU A 55 -1.04 -5.20 2.69
C GLU A 55 -0.53 -4.72 4.08
N LEU A 56 -1.40 -4.86 5.05
CA LEU A 56 -1.12 -4.46 6.46
C LEU A 56 -1.43 -5.70 7.35
N THR A 57 -2.22 -5.51 8.41
CA THR A 57 -2.68 -6.57 9.30
C THR A 57 -4.12 -6.33 9.87
N PRO A 58 -4.77 -7.35 10.50
CA PRO A 58 -5.97 -7.15 11.37
C PRO A 58 -5.72 -6.30 12.68
N TYR A 59 -4.58 -6.64 13.28
CA TYR A 59 -4.09 -6.11 14.59
C TYR A 59 -3.39 -4.71 14.56
N ASP A 60 -2.45 -4.53 13.62
CA ASP A 60 -1.59 -3.32 13.55
C ASP A 60 -1.84 -2.47 12.26
N LEU A 61 -2.79 -1.55 12.36
CA LEU A 61 -3.19 -0.66 11.22
C LEU A 61 -2.33 0.63 10.94
N SER A 62 -1.15 0.82 11.53
CA SER A 62 -0.28 1.98 11.25
C SER A 62 0.51 1.98 9.89
N LYS A 63 0.89 0.81 9.37
CA LYS A 63 1.77 0.66 8.19
C LYS A 63 1.33 -0.49 7.23
N GLY A 64 1.92 -0.52 6.02
CA GLY A 64 1.70 -1.63 5.04
C GLY A 64 2.56 -1.62 3.76
N ARG A 65 2.19 -2.43 2.74
CA ARG A 65 2.91 -2.46 1.43
C ARG A 65 2.08 -2.94 0.17
N ILE A 66 1.93 -2.16 -0.93
CA ILE A 66 1.32 -2.62 -2.24
C ILE A 66 1.83 -4.03 -2.74
N VAL A 67 0.95 -5.02 -2.60
CA VAL A 67 1.20 -6.42 -3.04
C VAL A 67 1.00 -6.60 -4.59
N PHE A 68 1.39 -7.77 -5.15
CA PHE A 68 1.34 -8.01 -6.62
C PHE A 68 -0.11 -8.17 -7.23
N ARG A 69 -0.77 -7.04 -7.47
CA ARG A 69 -2.11 -6.96 -8.10
C ARG A 69 -1.96 -6.73 -9.64
N SER A 70 -2.47 -7.68 -10.45
CA SER A 70 -2.49 -7.53 -11.95
C SER A 70 -3.70 -6.67 -12.44
N ARG A 71 -4.93 -7.10 -12.16
CA ARG A 71 -6.18 -6.36 -12.47
C ARG A 71 -6.64 -5.39 -11.34
N ALA A 1 -3.89 -18.09 11.51
CA ALA A 1 -4.94 -18.99 10.96
C ALA A 1 -6.24 -18.22 10.55
N LYS A 2 -6.61 -18.27 9.26
CA LYS A 2 -7.83 -17.61 8.69
C LYS A 2 -7.74 -16.05 8.60
N GLU A 3 -7.85 -15.33 9.74
CA GLU A 3 -7.72 -13.85 9.79
C GLU A 3 -6.23 -13.40 9.92
N ASP A 4 -5.46 -13.58 8.83
CA ASP A 4 -4.01 -13.24 8.77
C ASP A 4 -3.76 -11.82 8.15
N ASN A 5 -2.54 -11.50 7.68
CA ASN A 5 -2.22 -10.17 7.06
C ASN A 5 -3.09 -9.89 5.77
N ILE A 6 -3.96 -8.86 5.81
CA ILE A 6 -4.98 -8.61 4.76
C ILE A 6 -4.46 -7.57 3.73
N GLU A 7 -4.92 -7.72 2.49
CA GLU A 7 -4.77 -6.67 1.46
C GLU A 7 -6.09 -5.88 1.37
N MET A 8 -5.83 -4.60 1.65
CA MET A 8 -6.83 -3.70 2.27
C MET A 8 -6.22 -2.28 2.14
N GLN A 9 -6.54 -1.73 0.99
CA GLN A 9 -5.73 -0.66 0.41
C GLN A 9 -6.39 0.75 0.39
N GLY A 10 -6.05 1.57 -0.62
CA GLY A 10 -6.64 2.93 -0.76
C GLY A 10 -6.16 3.79 -1.96
N THR A 11 -5.99 5.10 -1.74
CA THR A 11 -5.52 6.05 -2.80
C THR A 11 -4.23 6.73 -2.30
N VAL A 12 -3.19 6.83 -3.16
CA VAL A 12 -1.91 7.47 -2.78
C VAL A 12 -2.17 9.00 -2.35
N LEU A 13 -1.96 9.40 -1.09
CA LEU A 13 -1.90 10.87 -0.73
C LEU A 13 -0.49 11.49 -1.02
N GLU A 14 0.62 10.72 -0.89
CA GLU A 14 1.97 11.13 -1.34
C GLU A 14 2.79 9.90 -1.83
N THR A 15 3.55 10.14 -2.89
CA THR A 15 4.59 9.16 -3.40
C THR A 15 5.89 9.65 -2.69
N LEU A 16 6.38 8.85 -1.74
CA LEU A 16 7.32 9.33 -0.70
C LEU A 16 8.85 9.42 -1.18
N PRO A 17 10.00 8.98 -0.55
CA PRO A 17 11.37 9.25 -1.10
C PRO A 17 11.79 8.42 -2.36
N ASN A 18 12.03 7.10 -2.23
CA ASN A 18 12.39 6.21 -3.38
C ASN A 18 11.13 5.97 -4.27
N THR A 19 10.22 5.11 -3.82
CA THR A 19 8.92 4.85 -4.47
C THR A 19 8.02 4.27 -3.34
N MET A 20 7.52 5.18 -2.46
CA MET A 20 6.64 4.82 -1.32
C MET A 20 5.28 5.56 -1.39
N PHE A 21 4.35 5.35 -0.45
CA PHE A 21 2.93 5.81 -0.62
C PHE A 21 2.43 6.23 0.80
N ARG A 22 2.22 7.53 1.07
CA ARG A 22 1.49 7.93 2.31
C ARG A 22 -0.01 7.84 1.92
N VAL A 23 -0.69 6.77 2.34
CA VAL A 23 -2.00 6.37 1.74
C VAL A 23 -3.22 6.58 2.66
N GLU A 24 -4.34 7.02 2.07
CA GLU A 24 -5.64 7.08 2.81
C GLU A 24 -6.38 5.75 2.52
N LEU A 25 -6.49 4.82 3.49
CA LEU A 25 -7.10 3.51 3.27
C LEU A 25 -8.64 3.50 3.22
N GLU A 26 -9.13 2.36 2.79
CA GLU A 26 -10.59 2.03 2.87
C GLU A 26 -11.15 1.85 4.33
N ASN A 27 -10.28 1.80 5.37
CA ASN A 27 -10.73 1.98 6.79
C ASN A 27 -10.68 3.49 7.26
N GLY A 28 -10.15 4.45 6.47
CA GLY A 28 -10.08 5.89 6.83
C GLY A 28 -8.80 6.44 7.49
N HIS A 29 -7.98 5.57 8.08
CA HIS A 29 -6.69 5.94 8.72
C HIS A 29 -5.57 6.15 7.65
N VAL A 30 -4.75 7.21 7.83
CA VAL A 30 -3.62 7.50 6.91
C VAL A 30 -2.38 6.63 7.30
N VAL A 31 -2.06 5.72 6.39
CA VAL A 31 -0.96 4.72 6.55
C VAL A 31 0.34 5.08 5.77
N THR A 32 1.49 4.67 6.32
CA THR A 32 2.79 4.77 5.62
C THR A 32 3.06 3.43 4.89
N ALA A 33 3.23 3.44 3.55
CA ALA A 33 3.53 2.18 2.84
C ALA A 33 4.62 2.24 1.73
N HIS A 34 5.12 1.06 1.41
CA HIS A 34 6.03 0.83 0.26
C HIS A 34 5.23 -0.05 -0.75
N ILE A 35 5.93 -0.70 -1.64
CA ILE A 35 5.39 -1.78 -2.48
C ILE A 35 6.12 -3.13 -2.09
N SER A 36 5.67 -4.25 -2.66
CA SER A 36 6.38 -5.55 -2.51
C SER A 36 7.60 -5.57 -3.49
N GLY A 37 8.80 -5.31 -2.94
CA GLY A 37 10.10 -5.18 -3.69
C GLY A 37 10.42 -5.96 -5.00
N LYS A 38 9.85 -7.17 -5.12
CA LYS A 38 9.92 -8.03 -6.32
C LYS A 38 9.26 -7.43 -7.61
N MET A 39 8.04 -6.88 -7.50
CA MET A 39 7.35 -6.20 -8.62
C MET A 39 7.88 -4.80 -9.04
N ARG A 40 8.65 -4.06 -8.24
CA ARG A 40 9.37 -2.82 -8.67
C ARG A 40 10.01 -2.79 -10.12
N LYS A 41 10.46 -3.95 -10.62
CA LYS A 41 10.97 -4.12 -12.00
C LYS A 41 9.96 -4.52 -13.15
N ASN A 42 8.73 -4.80 -12.75
CA ASN A 42 7.54 -4.99 -13.63
C ASN A 42 6.68 -3.68 -13.53
N TYR A 43 6.12 -3.46 -12.34
CA TYR A 43 5.46 -2.20 -11.92
C TYR A 43 6.57 -1.20 -11.46
N ILE A 44 7.00 -0.28 -12.34
CA ILE A 44 8.07 0.70 -12.00
C ILE A 44 7.55 1.79 -11.01
N ARG A 45 6.69 2.72 -11.46
CA ARG A 45 6.09 3.76 -10.60
C ARG A 45 4.59 4.08 -10.88
N ILE A 46 4.11 4.89 -9.94
CA ILE A 46 2.72 5.42 -9.82
C ILE A 46 2.79 6.90 -9.31
N LEU A 47 1.66 7.62 -9.37
CA LEU A 47 1.63 9.08 -9.04
C LEU A 47 0.88 9.39 -7.72
N THR A 48 0.86 10.68 -7.36
CA THR A 48 0.15 11.17 -6.14
C THR A 48 -1.39 11.24 -6.38
N GLY A 49 -2.02 10.07 -6.19
CA GLY A 49 -3.48 9.84 -6.36
C GLY A 49 -3.91 8.58 -7.15
N ASP A 50 -3.04 7.57 -7.20
CA ASP A 50 -3.29 6.29 -7.89
C ASP A 50 -3.89 5.17 -6.97
N LYS A 51 -4.49 4.17 -7.62
CA LYS A 51 -5.21 3.06 -6.92
C LYS A 51 -4.29 1.87 -6.55
N VAL A 52 -3.65 2.12 -5.42
CA VAL A 52 -2.66 1.22 -4.78
C VAL A 52 -3.26 -0.07 -4.11
N THR A 53 -2.42 -1.10 -3.80
CA THR A 53 -2.87 -2.27 -2.97
C THR A 53 -1.99 -2.53 -1.72
N VAL A 54 -2.23 -1.72 -0.71
CA VAL A 54 -1.47 -1.64 0.52
C VAL A 54 -1.81 -2.85 1.43
N GLU A 55 -0.94 -3.88 1.47
CA GLU A 55 -1.18 -5.04 2.38
C GLU A 55 -0.67 -4.69 3.81
N LEU A 56 -1.39 -5.11 4.84
CA LEU A 56 -1.10 -4.66 6.25
C LEU A 56 -1.53 -5.75 7.26
N THR A 57 -2.50 -5.44 8.13
CA THR A 57 -2.96 -6.35 9.20
C THR A 57 -4.49 -6.24 9.55
N PRO A 58 -5.06 -7.21 10.31
CA PRO A 58 -6.41 -7.07 10.94
C PRO A 58 -6.59 -5.91 11.99
N TYR A 59 -5.63 -5.83 12.91
CA TYR A 59 -5.64 -4.87 14.06
C TYR A 59 -4.83 -3.54 13.91
N ASP A 60 -3.62 -3.63 13.36
CA ASP A 60 -2.66 -2.50 13.29
C ASP A 60 -2.70 -1.73 11.94
N LEU A 61 -3.71 -0.88 11.78
CA LEU A 61 -3.88 -0.04 10.55
C LEU A 61 -3.07 1.31 10.56
N SER A 62 -1.78 1.20 10.88
CA SER A 62 -0.78 2.29 10.87
C SER A 62 0.25 2.24 9.68
N LYS A 63 0.56 1.05 9.16
CA LYS A 63 1.54 0.86 8.06
C LYS A 63 0.96 0.06 6.85
N GLY A 64 1.78 -0.29 5.85
CA GLY A 64 1.32 -1.09 4.68
C GLY A 64 2.29 -1.35 3.51
N ARG A 65 1.84 -2.08 2.47
CA ARG A 65 2.65 -2.27 1.23
C ARG A 65 1.93 -2.78 -0.09
N ILE A 66 1.75 -1.93 -1.11
CA ILE A 66 1.42 -2.32 -2.52
C ILE A 66 1.88 -3.74 -3.05
N VAL A 67 0.98 -4.71 -2.89
CA VAL A 67 1.18 -6.11 -3.39
C VAL A 67 0.62 -6.45 -4.82
N PHE A 68 -0.30 -5.66 -5.41
CA PHE A 68 -0.92 -5.96 -6.73
C PHE A 68 -0.06 -5.61 -7.99
N ARG A 69 0.24 -6.62 -8.82
CA ARG A 69 0.94 -6.43 -10.12
C ARG A 69 -0.02 -5.86 -11.23
N SER A 70 -0.02 -4.54 -11.43
CA SER A 70 -0.80 -3.90 -12.53
C SER A 70 -0.21 -4.05 -13.98
N ARG A 71 1.13 -4.20 -14.12
CA ARG A 71 1.81 -4.40 -15.42
C ARG A 71 1.97 -5.92 -15.75
N ALA A 1 -8.58 -17.93 15.11
CA ALA A 1 -9.74 -17.56 14.25
C ALA A 1 -9.36 -16.57 13.09
N LYS A 2 -8.67 -17.10 12.05
CA LYS A 2 -8.21 -16.33 10.85
C LYS A 2 -7.48 -14.95 11.04
N GLU A 3 -6.39 -14.93 11.83
CA GLU A 3 -5.57 -13.70 12.07
C GLU A 3 -4.44 -13.56 10.98
N ASP A 4 -4.88 -13.26 9.75
CA ASP A 4 -3.99 -13.12 8.57
C ASP A 4 -3.82 -11.63 8.10
N ASN A 5 -2.82 -11.40 7.24
CA ASN A 5 -2.55 -10.03 6.69
C ASN A 5 -3.52 -9.71 5.50
N ILE A 6 -4.39 -8.69 5.65
CA ILE A 6 -5.45 -8.35 4.67
C ILE A 6 -4.93 -7.33 3.60
N GLU A 7 -5.36 -7.51 2.34
CA GLU A 7 -5.14 -6.47 1.28
C GLU A 7 -6.41 -5.63 1.10
N MET A 8 -6.16 -4.33 1.25
CA MET A 8 -7.25 -3.44 1.75
C MET A 8 -7.24 -1.91 1.40
N GLN A 9 -6.17 -1.39 0.80
CA GLN A 9 -5.94 0.09 0.73
C GLN A 9 -6.69 0.99 -0.29
N GLY A 10 -6.16 2.22 -0.44
CA GLY A 10 -6.88 3.33 -1.14
C GLY A 10 -6.22 4.17 -2.24
N THR A 11 -5.99 5.47 -1.95
CA THR A 11 -5.38 6.42 -2.94
C THR A 11 -3.96 6.77 -2.47
N VAL A 12 -2.98 6.89 -3.38
CA VAL A 12 -1.63 7.36 -2.98
C VAL A 12 -1.78 8.91 -2.61
N LEU A 13 -1.84 9.34 -1.35
CA LEU A 13 -1.84 10.81 -1.03
C LEU A 13 -0.43 11.47 -1.15
N GLU A 14 0.62 10.75 -0.72
CA GLU A 14 2.03 11.10 -1.06
C GLU A 14 2.79 9.88 -1.64
N THR A 15 3.69 10.16 -2.57
CA THR A 15 4.72 9.15 -3.06
C THR A 15 5.95 9.50 -2.18
N LEU A 16 6.23 8.64 -1.20
CA LEU A 16 7.20 8.97 -0.12
C LEU A 16 8.71 8.80 -0.62
N PRO A 17 9.76 9.31 0.11
CA PRO A 17 11.14 9.50 -0.39
C PRO A 17 11.79 8.79 -1.62
N ASN A 18 11.85 7.45 -1.68
CA ASN A 18 12.30 6.72 -2.90
C ASN A 18 11.10 6.59 -3.91
N THR A 19 10.20 5.64 -3.64
CA THR A 19 8.93 5.41 -4.39
C THR A 19 8.03 4.63 -3.39
N MET A 20 7.54 5.35 -2.35
CA MET A 20 6.64 4.78 -1.32
C MET A 20 5.25 5.47 -1.38
N PHE A 21 4.34 5.28 -0.42
CA PHE A 21 2.90 5.69 -0.60
C PHE A 21 2.36 6.09 0.81
N ARG A 22 2.12 7.38 1.10
CA ARG A 22 1.36 7.77 2.33
C ARG A 22 -0.13 7.65 1.90
N VAL A 23 -0.75 6.53 2.23
CA VAL A 23 -2.05 6.12 1.62
C VAL A 23 -3.26 6.33 2.55
N GLU A 24 -4.31 6.91 1.99
CA GLU A 24 -5.61 7.05 2.71
C GLU A 24 -6.49 5.84 2.27
N LEU A 25 -6.76 4.90 3.19
CA LEU A 25 -7.49 3.68 2.95
C LEU A 25 -8.89 3.70 2.28
N GLU A 26 -9.44 2.48 2.17
CA GLU A 26 -10.88 2.29 1.81
C GLU A 26 -11.88 2.74 2.94
N ASN A 27 -11.51 2.63 4.23
CA ASN A 27 -12.26 3.22 5.34
C ASN A 27 -11.85 4.71 5.71
N GLY A 28 -10.97 5.35 4.92
CA GLY A 28 -10.45 6.72 5.19
C GLY A 28 -9.28 6.91 6.18
N HIS A 29 -8.54 5.85 6.59
CA HIS A 29 -7.42 5.99 7.58
C HIS A 29 -6.03 6.14 6.88
N VAL A 30 -5.24 7.16 7.27
CA VAL A 30 -3.92 7.45 6.63
C VAL A 30 -2.76 6.55 7.22
N VAL A 31 -2.09 5.84 6.31
CA VAL A 31 -1.00 4.85 6.63
C VAL A 31 0.28 5.01 5.75
N THR A 32 1.44 4.67 6.31
CA THR A 32 2.73 4.67 5.56
C THR A 32 2.94 3.30 4.86
N ALA A 33 3.21 3.27 3.53
CA ALA A 33 3.48 1.99 2.85
C ALA A 33 4.53 2.01 1.71
N HIS A 34 5.35 0.96 1.64
CA HIS A 34 6.24 0.68 0.48
C HIS A 34 5.57 -0.40 -0.38
N ILE A 35 5.90 -0.45 -1.66
CA ILE A 35 5.49 -1.59 -2.50
C ILE A 35 6.17 -2.95 -2.02
N SER A 36 5.76 -4.12 -2.55
CA SER A 36 6.49 -5.39 -2.31
C SER A 36 7.77 -5.37 -3.20
N GLY A 37 8.90 -4.90 -2.61
CA GLY A 37 10.23 -4.69 -3.27
C GLY A 37 10.69 -5.45 -4.53
N LYS A 38 10.34 -6.72 -4.58
CA LYS A 38 10.57 -7.64 -5.71
C LYS A 38 10.02 -7.19 -7.10
N MET A 39 8.78 -6.69 -7.17
CA MET A 39 8.24 -6.12 -8.42
C MET A 39 8.79 -4.72 -8.85
N ARG A 40 9.37 -3.86 -8.00
CA ARG A 40 10.01 -2.58 -8.42
C ARG A 40 10.81 -2.56 -9.77
N LYS A 41 11.57 -3.64 -10.07
CA LYS A 41 12.24 -3.80 -11.40
C LYS A 41 11.38 -4.57 -12.48
N ASN A 42 10.11 -4.14 -12.57
CA ASN A 42 9.02 -4.66 -13.43
C ASN A 42 7.88 -3.59 -13.35
N TYR A 43 7.37 -3.33 -12.12
CA TYR A 43 6.37 -2.32 -11.76
C TYR A 43 6.97 -0.88 -11.52
N ILE A 44 7.46 -0.23 -12.58
CA ILE A 44 7.85 1.23 -12.53
C ILE A 44 6.54 2.03 -12.89
N ARG A 45 5.60 2.04 -11.93
CA ARG A 45 4.19 2.43 -12.20
C ARG A 45 3.59 3.80 -11.85
N ILE A 46 3.34 3.93 -10.59
CA ILE A 46 2.36 4.88 -10.03
C ILE A 46 2.92 6.20 -9.45
N LEU A 47 2.00 7.16 -9.30
CA LEU A 47 2.34 8.56 -8.91
C LEU A 47 1.45 9.03 -7.72
N THR A 48 1.57 10.30 -7.34
CA THR A 48 0.79 10.91 -6.21
C THR A 48 -0.72 11.10 -6.57
N GLY A 49 -1.47 10.01 -6.37
CA GLY A 49 -2.95 9.96 -6.60
C GLY A 49 -3.51 8.77 -7.40
N ASP A 50 -2.75 7.68 -7.46
CA ASP A 50 -3.13 6.44 -8.13
C ASP A 50 -3.80 5.43 -7.14
N LYS A 51 -4.58 4.51 -7.71
CA LYS A 51 -5.42 3.58 -6.90
C LYS A 51 -4.70 2.26 -6.54
N VAL A 52 -4.14 2.37 -5.35
CA VAL A 52 -3.38 1.32 -4.66
C VAL A 52 -4.26 0.52 -3.64
N THR A 53 -4.02 -0.78 -3.55
CA THR A 53 -4.63 -1.69 -2.51
C THR A 53 -3.35 -2.35 -1.91
N VAL A 54 -3.18 -2.09 -0.62
CA VAL A 54 -1.88 -2.17 0.09
C VAL A 54 -2.11 -3.09 1.32
N GLU A 55 -1.30 -4.15 1.47
CA GLU A 55 -1.56 -5.14 2.53
C GLU A 55 -1.08 -4.68 3.95
N LEU A 56 -1.88 -4.93 4.97
CA LEU A 56 -1.55 -4.57 6.38
C LEU A 56 -1.73 -5.81 7.33
N THR A 57 -1.63 -5.59 8.65
CA THR A 57 -1.71 -6.68 9.65
C THR A 57 -3.04 -6.79 10.49
N PRO A 58 -3.25 -7.94 11.17
CA PRO A 58 -4.21 -8.10 12.29
C PRO A 58 -4.36 -7.03 13.42
N TYR A 59 -3.21 -6.67 14.01
CA TYR A 59 -3.14 -5.77 15.19
C TYR A 59 -2.51 -4.37 14.87
N ASP A 60 -1.45 -4.41 14.07
CA ASP A 60 -0.64 -3.20 13.76
C ASP A 60 -1.13 -2.41 12.48
N LEU A 61 -2.30 -1.78 12.61
CA LEU A 61 -2.97 -1.07 11.48
C LEU A 61 -2.40 0.31 10.98
N SER A 62 -1.43 0.96 11.66
CA SER A 62 -0.82 2.23 11.17
C SER A 62 0.11 2.16 9.89
N LYS A 63 0.44 0.97 9.36
CA LYS A 63 1.32 0.78 8.19
C LYS A 63 0.64 -0.03 7.02
N GLY A 64 1.41 -0.28 5.95
CA GLY A 64 0.95 -1.04 4.77
C GLY A 64 2.03 -1.47 3.76
N ARG A 65 1.64 -2.26 2.74
CA ARG A 65 2.55 -2.59 1.60
C ARG A 65 1.82 -2.94 0.24
N ILE A 66 1.84 -2.07 -0.79
CA ILE A 66 1.29 -2.35 -2.16
C ILE A 66 1.57 -3.78 -2.79
N VAL A 67 0.51 -4.57 -2.89
CA VAL A 67 0.49 -5.89 -3.58
C VAL A 67 0.06 -5.71 -5.09
N PHE A 68 -1.11 -5.12 -5.39
CA PHE A 68 -1.57 -4.78 -6.78
C PHE A 68 -2.04 -5.96 -7.71
N ARG A 69 -1.27 -7.06 -7.89
CA ARG A 69 -1.69 -8.23 -8.74
C ARG A 69 -2.72 -9.19 -8.02
N SER A 70 -3.92 -8.64 -7.80
CA SER A 70 -5.08 -9.26 -7.12
C SER A 70 -6.28 -8.25 -7.20
N ARG A 71 -6.13 -7.08 -6.53
CA ARG A 71 -7.07 -5.95 -6.56
C ARG A 71 -6.25 -4.65 -6.88
N ALA A 1 -11.59 -11.74 8.48
CA ALA A 1 -12.35 -11.52 9.75
C ALA A 1 -11.81 -10.34 10.64
N LYS A 2 -11.72 -9.12 10.06
CA LYS A 2 -11.24 -7.87 10.76
C LYS A 2 -9.72 -7.86 11.14
N GLU A 3 -9.31 -8.59 12.18
CA GLU A 3 -7.88 -8.64 12.64
C GLU A 3 -6.98 -9.71 11.91
N ASP A 4 -6.85 -9.57 10.59
CA ASP A 4 -6.04 -10.48 9.72
C ASP A 4 -5.05 -9.66 8.83
N ASN A 5 -4.15 -10.36 8.11
CA ASN A 5 -3.20 -9.70 7.16
C ASN A 5 -3.93 -9.48 5.77
N ILE A 6 -4.80 -8.46 5.67
CA ILE A 6 -5.69 -8.26 4.50
C ILE A 6 -5.09 -7.25 3.50
N GLU A 7 -5.32 -7.47 2.20
CA GLU A 7 -4.99 -6.47 1.13
C GLU A 7 -6.27 -5.73 0.74
N MET A 8 -6.15 -4.43 0.98
CA MET A 8 -7.36 -3.61 1.26
C MET A 8 -7.36 -2.08 0.94
N GLN A 9 -6.22 -1.54 0.52
CA GLN A 9 -5.96 -0.09 0.56
C GLN A 9 -6.56 0.97 -0.42
N GLY A 10 -5.85 2.10 -0.49
CA GLY A 10 -6.37 3.40 -0.92
C GLY A 10 -5.95 4.17 -2.18
N THR A 11 -6.08 5.50 -2.02
CA THR A 11 -5.57 6.49 -3.00
C THR A 11 -4.25 7.02 -2.37
N VAL A 12 -3.20 7.16 -3.17
CA VAL A 12 -1.88 7.63 -2.66
C VAL A 12 -2.04 9.12 -2.13
N LEU A 13 -1.95 9.45 -0.83
CA LEU A 13 -1.82 10.89 -0.41
C LEU A 13 -0.40 11.47 -0.69
N GLU A 14 0.68 10.66 -0.54
CA GLU A 14 2.04 11.05 -1.00
C GLU A 14 2.85 9.81 -1.48
N THR A 15 3.70 10.05 -2.48
CA THR A 15 4.73 9.06 -2.95
C THR A 15 6.00 9.45 -2.14
N LEU A 16 6.48 8.54 -1.29
CA LEU A 16 7.47 8.92 -0.23
C LEU A 16 8.98 9.06 -0.75
N PRO A 17 10.13 8.49 -0.26
CA PRO A 17 11.48 8.77 -0.84
C PRO A 17 11.77 8.27 -2.28
N ASN A 18 11.85 6.94 -2.50
CA ASN A 18 12.06 6.36 -3.85
C ASN A 18 10.71 6.28 -4.64
N THR A 19 9.82 5.36 -4.24
CA THR A 19 8.45 5.20 -4.81
C THR A 19 7.64 4.45 -3.69
N MET A 20 7.29 5.19 -2.62
CA MET A 20 6.50 4.68 -1.48
C MET A 20 5.11 5.36 -1.38
N PHE A 21 4.29 5.23 -0.32
CA PHE A 21 2.85 5.64 -0.37
C PHE A 21 2.31 5.98 1.06
N ARG A 22 1.98 7.23 1.39
CA ARG A 22 1.21 7.52 2.64
C ARG A 22 -0.26 7.55 2.17
N VAL A 23 -0.95 6.42 2.35
CA VAL A 23 -2.23 6.13 1.66
C VAL A 23 -3.49 6.35 2.53
N GLU A 24 -4.54 6.88 1.91
CA GLU A 24 -5.88 6.98 2.57
C GLU A 24 -6.77 5.79 2.08
N LEU A 25 -7.03 4.80 2.96
CA LEU A 25 -7.80 3.57 2.68
C LEU A 25 -9.20 3.70 2.01
N GLU A 26 -9.77 2.52 1.74
CA GLU A 26 -11.21 2.43 1.33
C GLU A 26 -12.26 2.84 2.43
N ASN A 27 -11.89 2.78 3.72
CA ASN A 27 -12.69 3.33 4.84
C ASN A 27 -12.28 4.79 5.30
N GLY A 28 -11.35 5.47 4.59
CA GLY A 28 -10.86 6.82 4.98
C GLY A 28 -9.66 6.96 5.96
N HIS A 29 -9.10 5.86 6.49
CA HIS A 29 -7.95 5.90 7.42
C HIS A 29 -6.57 6.04 6.71
N VAL A 30 -5.67 6.84 7.30
CA VAL A 30 -4.32 7.10 6.73
C VAL A 30 -3.27 6.08 7.27
N VAL A 31 -2.53 5.51 6.32
CA VAL A 31 -1.45 4.50 6.59
C VAL A 31 -0.10 4.81 5.86
N THR A 32 1.02 4.35 6.41
CA THR A 32 2.36 4.48 5.79
C THR A 32 2.75 3.15 5.05
N ALA A 33 3.11 3.21 3.75
CA ALA A 33 3.53 2.00 3.01
C ALA A 33 4.62 2.13 1.92
N HIS A 34 5.17 0.95 1.57
CA HIS A 34 5.99 0.73 0.34
C HIS A 34 5.19 -0.21 -0.61
N ILE A 35 5.70 -0.48 -1.81
CA ILE A 35 5.25 -1.64 -2.60
C ILE A 35 6.05 -2.93 -2.13
N SER A 36 5.68 -4.15 -2.56
CA SER A 36 6.45 -5.39 -2.19
C SER A 36 7.84 -5.64 -2.88
N GLY A 37 8.56 -4.58 -3.31
CA GLY A 37 9.92 -4.63 -3.94
C GLY A 37 10.11 -5.31 -5.32
N LYS A 38 9.57 -6.51 -5.40
CA LYS A 38 9.62 -7.44 -6.55
C LYS A 38 8.88 -6.96 -7.82
N MET A 39 7.60 -6.57 -7.66
CA MET A 39 6.79 -5.99 -8.75
C MET A 39 7.21 -4.59 -9.29
N ARG A 40 8.00 -3.76 -8.58
CA ARG A 40 8.58 -2.49 -9.11
C ARG A 40 9.07 -2.51 -10.61
N LYS A 41 9.67 -3.62 -11.05
CA LYS A 41 10.07 -3.82 -12.48
C LYS A 41 9.03 -4.55 -13.42
N ASN A 42 7.76 -4.34 -13.12
CA ASN A 42 6.56 -4.85 -13.84
C ASN A 42 5.41 -3.79 -13.67
N TYR A 43 5.09 -3.43 -12.42
CA TYR A 43 4.18 -2.32 -12.03
C TYR A 43 4.85 -0.89 -12.19
N ILE A 44 5.22 -0.51 -13.42
CA ILE A 44 5.79 0.84 -13.75
C ILE A 44 4.60 1.85 -13.97
N ARG A 45 3.98 2.16 -12.84
CA ARG A 45 2.73 2.89 -12.71
C ARG A 45 2.70 4.30 -12.10
N ILE A 46 3.42 4.52 -11.00
CA ILE A 46 2.81 5.33 -9.94
C ILE A 46 3.42 6.66 -9.45
N LEU A 47 2.49 7.39 -8.82
CA LEU A 47 2.68 8.82 -8.39
C LEU A 47 1.69 9.24 -7.26
N THR A 48 1.80 10.50 -6.79
CA THR A 48 0.88 11.11 -5.79
C THR A 48 -0.55 11.33 -6.38
N GLY A 49 -1.51 10.62 -5.79
CA GLY A 49 -2.93 10.58 -6.24
C GLY A 49 -3.40 9.44 -7.18
N ASP A 50 -2.57 8.41 -7.29
CA ASP A 50 -2.87 7.17 -8.04
C ASP A 50 -3.52 6.07 -7.14
N LYS A 51 -3.96 4.97 -7.76
CA LYS A 51 -4.63 3.88 -7.02
C LYS A 51 -3.72 2.68 -6.64
N VAL A 52 -3.95 2.28 -5.39
CA VAL A 52 -3.12 1.28 -4.67
C VAL A 52 -4.02 0.36 -3.75
N THR A 53 -3.58 -0.86 -3.46
CA THR A 53 -4.31 -1.80 -2.54
C THR A 53 -3.12 -2.53 -1.82
N VAL A 54 -2.95 -2.05 -0.60
CA VAL A 54 -1.75 -2.22 0.28
C VAL A 54 -2.11 -3.24 1.39
N GLU A 55 -1.28 -4.25 1.67
CA GLU A 55 -1.64 -5.24 2.72
C GLU A 55 -1.28 -4.73 4.14
N LEU A 56 -2.23 -4.75 5.06
CA LEU A 56 -2.00 -4.30 6.46
C LEU A 56 -1.82 -5.52 7.43
N THR A 57 -1.90 -5.28 8.75
CA THR A 57 -1.66 -6.33 9.76
C THR A 57 -2.74 -6.46 10.91
N PRO A 58 -2.77 -7.62 11.62
CA PRO A 58 -3.47 -7.79 12.93
C PRO A 58 -3.18 -6.76 14.07
N TYR A 59 -1.89 -6.44 14.24
CA TYR A 59 -1.39 -5.54 15.32
C TYR A 59 -1.19 -4.04 14.91
N ASP A 60 -0.36 -3.82 13.88
CA ASP A 60 0.07 -2.46 13.46
C ASP A 60 -0.79 -1.86 12.31
N LEU A 61 -2.02 -1.44 12.67
CA LEU A 61 -3.02 -0.89 11.70
C LEU A 61 -2.67 0.46 10.97
N SER A 62 -1.74 1.28 11.48
CA SER A 62 -1.24 2.48 10.74
C SER A 62 -0.24 2.19 9.55
N LYS A 63 0.06 0.92 9.18
CA LYS A 63 1.02 0.55 8.12
C LYS A 63 0.57 -0.60 7.16
N GLY A 64 1.37 -0.78 6.09
CA GLY A 64 1.17 -1.89 5.11
C GLY A 64 2.10 -1.87 3.87
N ARG A 65 1.83 -2.71 2.85
CA ARG A 65 2.61 -2.65 1.57
C ARG A 65 1.81 -3.16 0.29
N ILE A 66 1.69 -2.36 -0.79
CA ILE A 66 1.14 -2.77 -2.14
C ILE A 66 1.59 -4.16 -2.71
N VAL A 67 0.67 -5.11 -2.61
CA VAL A 67 0.78 -6.48 -3.17
C VAL A 67 -0.02 -6.70 -4.52
N PHE A 68 -1.36 -6.58 -4.45
CA PHE A 68 -2.36 -6.88 -5.54
C PHE A 68 -1.95 -7.62 -6.86
N ARG A 69 -1.77 -6.93 -8.01
CA ARG A 69 -1.43 -7.59 -9.30
C ARG A 69 -0.54 -6.66 -10.19
N SER A 70 0.60 -7.19 -10.66
CA SER A 70 1.51 -6.49 -11.62
C SER A 70 1.33 -7.12 -13.03
N ARG A 71 0.29 -6.66 -13.72
CA ARG A 71 -0.10 -7.14 -15.07
C ARG A 71 0.56 -6.30 -16.20
#